data_8BVJ
#
_entry.id   8BVJ
#
_cell.length_a   1.00
_cell.length_b   1.00
_cell.length_c   1.00
_cell.angle_alpha   90.00
_cell.angle_beta   90.00
_cell.angle_gamma   90.00
#
_symmetry.space_group_name_H-M   'P 1'
#
loop_
_entity.id
_entity.type
_entity.pdbx_description
1 polymer 'RNA-binding protein Hfq'
2 polymer 'Catabolite repression control protein'
3 polymer 'estA mRNA'
#
loop_
_entity_poly.entity_id
_entity_poly.type
_entity_poly.pdbx_seq_one_letter_code
_entity_poly.pdbx_strand_id
1 'polypeptide(L)'
;MSKGHSLQDPYLNTLRKERVPVSIYLVNGIKLQGQIESFDQFVILLKNTVSQMVYKHAISTVVPSRPVRLPSGDQPAEPG
NA
;
R,T,J,L,N,P,X,Y,S,U,V,W,K,M,D,E,F,I
2 'polypeptide(L)'
;GPAMRIISVNVNGIQAAAERGLLSWLQAQNADVICLQDTRASAFDLDDPSFQLDGYFLYACDAELPEQGGVALYSRLQPK
AVISGLGFETADRYGRYLQADFDKVSIATLLLPSGQSGDESLNQKFKFMDDFTHYLSKQRRKRREYIYCGSLYVAHQKMD
VKNWRECQQMPGFLAPERAWLDEVFGNLGYADALREVSREGDQFSWWPDSEQAEMLNLGWRFDYQVLTPGLRRFVRNAKL
PRQPRFSQHAPLIVDYDWQLSI
;
Q,G,C,A
3 'polyribonucleotide'
;GCUGAGGAGGCUUUACGACGGGCCCCGAGGCGCAUGCCGACGACACGGCGGCCCGACAAUAAAAACAAAUCAUGGAGUAA
GAGAAUGAUCAGAAUGGCGCUCAAGCCACUGGUAGCG
;
B
#
# COMPACT_ATOMS: atom_id res chain seq x y z
N GLY A 4 28.87 53.84 -21.24
CA GLY A 4 27.89 53.12 -20.47
C GLY A 4 26.63 53.93 -20.23
N HIS A 5 25.51 53.23 -20.01
CA HIS A 5 24.22 53.88 -19.76
C HIS A 5 23.82 54.79 -20.91
N SER A 6 24.16 54.40 -22.15
CA SER A 6 23.83 55.23 -23.30
C SER A 6 22.32 55.35 -23.48
N LEU A 7 21.56 54.36 -23.03
CA LEU A 7 20.11 54.36 -23.15
C LEU A 7 19.39 54.59 -21.83
N GLN A 8 19.98 54.15 -20.71
CA GLN A 8 19.34 54.34 -19.41
C GLN A 8 19.26 55.82 -19.05
N ASP A 9 20.38 56.54 -19.21
CA ASP A 9 20.42 57.93 -18.78
C ASP A 9 19.45 58.81 -19.58
N PRO A 10 19.42 58.75 -20.91
CA PRO A 10 18.40 59.55 -21.63
C PRO A 10 16.98 59.21 -21.22
N TYR A 11 16.67 57.92 -21.07
CA TYR A 11 15.31 57.53 -20.70
C TYR A 11 14.94 58.09 -19.33
N LEU A 12 15.81 57.95 -18.34
CA LEU A 12 15.52 58.45 -17.01
C LEU A 12 15.43 59.97 -16.99
N ASN A 13 16.30 60.65 -17.75
CA ASN A 13 16.25 62.10 -17.79
C ASN A 13 14.96 62.59 -18.44
N THR A 14 14.49 61.89 -19.50
CA THR A 14 13.24 62.27 -20.12
C THR A 14 12.06 62.03 -19.18
N LEU A 15 12.07 60.89 -18.47
CA LEU A 15 11.02 60.63 -17.51
C LEU A 15 11.00 61.68 -16.40
N ARG A 16 12.17 62.14 -15.98
CA ARG A 16 12.24 63.17 -14.96
C ARG A 16 11.71 64.51 -15.50
N LYS A 17 12.17 64.90 -16.69
CA LYS A 17 11.73 66.18 -17.25
C LYS A 17 10.22 66.19 -17.47
N GLU A 18 9.68 65.17 -18.12
CA GLU A 18 8.24 65.10 -18.36
C GLU A 18 7.46 64.64 -17.14
N ARG A 19 8.15 64.33 -16.04
CA ARG A 19 7.50 63.93 -14.78
C ARG A 19 6.39 62.91 -15.04
N VAL A 20 6.67 61.92 -15.88
CA VAL A 20 5.69 60.86 -16.15
C VAL A 20 5.61 59.95 -14.94
N PRO A 21 4.42 59.76 -14.32
CA PRO A 21 4.33 58.82 -13.20
C PRO A 21 4.64 57.40 -13.62
N VAL A 22 5.73 56.84 -13.10
CA VAL A 22 6.19 55.52 -13.45
C VAL A 22 5.96 54.57 -12.28
N SER A 23 5.59 53.33 -12.59
CA SER A 23 5.38 52.28 -11.60
C SER A 23 6.51 51.27 -11.71
N ILE A 24 7.27 51.13 -10.63
CA ILE A 24 8.43 50.24 -10.59
C ILE A 24 8.04 48.96 -9.86
N TYR A 25 8.27 47.82 -10.50
CA TYR A 25 7.99 46.52 -9.92
C TYR A 25 9.31 45.86 -9.52
N LEU A 26 9.44 45.55 -8.23
CA LEU A 26 10.67 44.96 -7.73
C LEU A 26 10.69 43.46 -8.03
N VAL A 27 11.89 42.87 -7.89
CA VAL A 27 12.04 41.44 -8.14
C VAL A 27 11.28 40.62 -7.09
N ASN A 28 11.13 41.16 -5.88
CA ASN A 28 10.43 40.44 -4.82
C ASN A 28 8.93 40.39 -5.04
N GLY A 29 8.37 41.29 -5.85
CA GLY A 29 6.96 41.32 -6.16
C GLY A 29 6.21 42.50 -5.59
N ILE A 30 6.74 43.13 -4.54
CA ILE A 30 6.04 44.27 -3.94
C ILE A 30 5.85 45.37 -4.97
N LYS A 31 4.81 46.18 -4.75
CA LYS A 31 4.40 47.22 -5.69
C LYS A 31 4.82 48.59 -5.18
N LEU A 32 5.44 49.37 -6.06
CA LEU A 32 5.83 50.73 -5.77
C LEU A 32 5.17 51.69 -6.76
N GLN A 33 4.92 52.92 -6.30
CA GLN A 33 4.27 53.93 -7.13
C GLN A 33 4.82 55.30 -6.76
N GLY A 34 4.99 56.14 -7.76
CA GLY A 34 5.49 57.50 -7.57
C GLY A 34 6.44 57.88 -8.68
N GLN A 35 6.36 59.15 -9.08
CA GLN A 35 7.23 59.66 -10.13
C GLN A 35 8.66 59.80 -9.60
N ILE A 36 9.61 59.83 -10.53
CA ILE A 36 11.03 59.88 -10.21
C ILE A 36 11.45 61.36 -10.21
N GLU A 37 11.92 61.84 -9.05
CA GLU A 37 12.34 63.22 -8.94
C GLU A 37 13.74 63.42 -9.50
N SER A 38 14.69 62.58 -9.06
CA SER A 38 16.06 62.61 -9.53
C SER A 38 16.59 61.19 -9.54
N PHE A 39 17.86 61.03 -9.93
CA PHE A 39 18.45 59.70 -10.01
C PHE A 39 19.95 59.85 -10.17
N ASP A 40 20.66 58.74 -10.02
CA ASP A 40 22.10 58.70 -10.21
C ASP A 40 22.45 57.35 -10.84
N GLN A 41 23.72 56.96 -10.73
CA GLN A 41 24.15 55.70 -11.35
C GLN A 41 23.74 54.48 -10.54
N PHE A 42 23.07 54.67 -9.40
CA PHE A 42 22.69 53.55 -8.55
C PHE A 42 21.29 53.73 -7.99
N VAL A 43 21.12 54.64 -7.03
CA VAL A 43 19.83 54.85 -6.38
C VAL A 43 18.96 55.73 -7.26
N ILE A 44 17.76 56.07 -6.77
CA ILE A 44 16.84 56.91 -7.51
C ILE A 44 15.86 57.54 -6.53
N LEU A 45 15.63 58.85 -6.68
CA LEU A 45 14.72 59.58 -5.82
C LEU A 45 13.30 59.51 -6.39
N LEU A 46 12.33 59.32 -5.50
CA LEU A 46 10.94 59.17 -5.88
C LEU A 46 10.16 60.44 -5.55
N LYS A 47 8.95 60.53 -6.12
CA LYS A 47 8.07 61.67 -5.92
C LYS A 47 6.96 61.41 -4.91
N ASN A 48 6.68 60.16 -4.58
CA ASN A 48 5.58 59.83 -3.69
C ASN A 48 5.75 60.56 -2.34
N THR A 49 4.73 60.41 -1.50
CA THR A 49 4.72 61.11 -0.21
C THR A 49 5.96 60.79 0.62
N VAL A 50 6.43 59.54 0.58
CA VAL A 50 7.60 59.17 1.36
C VAL A 50 8.90 59.53 0.65
N SER A 51 8.93 59.46 -0.68
CA SER A 51 10.12 59.77 -1.46
C SER A 51 11.31 58.94 -0.98
N GLN A 52 11.24 57.65 -1.27
CA GLN A 52 12.28 56.72 -0.86
C GLN A 52 13.38 56.63 -1.91
N MET A 53 14.44 55.90 -1.57
CA MET A 53 15.58 55.69 -2.46
C MET A 53 15.59 54.23 -2.89
N VAL A 54 15.10 53.97 -4.11
CA VAL A 54 15.09 52.62 -4.63
C VAL A 54 16.45 52.27 -5.22
N TYR A 55 16.80 50.99 -5.14
CA TYR A 55 18.07 50.49 -5.62
C TYR A 55 17.89 49.83 -6.98
N LYS A 56 18.76 50.20 -7.94
CA LYS A 56 18.58 49.70 -9.30
C LYS A 56 18.81 48.19 -9.37
N HIS A 57 19.69 47.66 -8.52
CA HIS A 57 19.93 46.22 -8.53
C HIS A 57 18.71 45.43 -8.10
N ALA A 58 17.76 46.06 -7.41
CA ALA A 58 16.53 45.40 -7.00
C ALA A 58 15.35 45.70 -7.93
N ILE A 59 15.51 46.63 -8.86
CA ILE A 59 14.44 46.96 -9.80
C ILE A 59 14.46 45.96 -10.94
N SER A 60 13.26 45.61 -11.43
CA SER A 60 13.10 44.69 -12.54
C SER A 60 12.53 45.35 -13.80
N THR A 61 11.47 46.14 -13.65
CA THR A 61 10.83 46.79 -14.79
C THR A 61 10.37 48.18 -14.37
N VAL A 62 10.37 49.09 -15.34
CA VAL A 62 9.88 50.45 -15.15
C VAL A 62 8.88 50.74 -16.28
N VAL A 63 7.60 50.71 -15.94
CA VAL A 63 6.53 50.91 -16.92
C VAL A 63 5.93 52.29 -16.66
N PRO A 64 6.04 53.23 -17.60
CA PRO A 64 5.43 54.55 -17.39
C PRO A 64 3.93 54.53 -17.68
N SER A 65 3.24 55.54 -17.14
CA SER A 65 1.81 55.66 -17.39
C SER A 65 1.50 56.12 -18.81
N ARG A 66 2.48 56.73 -19.49
CA ARG A 66 2.30 57.21 -20.85
C ARG A 66 3.60 56.93 -21.61
N PRO A 67 3.54 56.35 -22.79
CA PRO A 67 4.77 56.10 -23.55
C PRO A 67 5.51 57.40 -23.85
N VAL A 68 6.82 57.38 -23.63
CA VAL A 68 7.66 58.56 -23.81
C VAL A 68 8.75 58.23 -24.83
N ARG A 69 9.17 59.25 -25.57
CA ARG A 69 10.20 59.09 -26.58
C ARG A 69 11.58 59.06 -25.93
N GLY B 4 29.95 59.33 -10.34
CA GLY B 4 29.06 58.32 -9.80
C GLY B 4 28.93 58.38 -8.29
N HIS B 5 28.02 57.57 -7.74
CA HIS B 5 27.77 57.50 -6.31
C HIS B 5 27.71 58.89 -5.67
N SER B 6 27.24 59.89 -6.42
CA SER B 6 27.15 61.24 -5.90
C SER B 6 25.87 61.47 -5.10
N LEU B 7 24.87 60.60 -5.24
CA LEU B 7 23.61 60.75 -4.54
C LEU B 7 23.47 59.85 -3.33
N GLN B 8 24.20 58.72 -3.30
CA GLN B 8 24.15 57.83 -2.16
C GLN B 8 24.78 58.48 -0.92
N ASP B 9 25.96 59.07 -1.11
CA ASP B 9 26.66 59.67 0.03
C ASP B 9 25.82 60.75 0.72
N PRO B 10 25.33 61.78 0.04
CA PRO B 10 24.53 62.80 0.74
C PRO B 10 23.25 62.24 1.32
N TYR B 11 22.59 61.32 0.61
CA TYR B 11 21.36 60.73 1.14
C TYR B 11 21.62 60.03 2.46
N LEU B 12 22.61 59.12 2.48
CA LEU B 12 22.91 58.39 3.71
C LEU B 12 23.41 59.32 4.81
N ASN B 13 24.18 60.36 4.46
CA ASN B 13 24.65 61.30 5.47
C ASN B 13 23.47 62.03 6.12
N THR B 14 22.53 62.51 5.30
CA THR B 14 21.35 63.18 5.85
C THR B 14 20.50 62.22 6.67
N LEU B 15 20.43 60.96 6.24
CA LEU B 15 19.62 59.99 6.97
C LEU B 15 20.24 59.69 8.34
N ARG B 16 21.57 59.59 8.41
CA ARG B 16 22.22 59.26 9.67
C ARG B 16 22.37 60.47 10.59
N LYS B 17 22.46 61.68 10.05
CA LYS B 17 22.64 62.85 10.88
C LYS B 17 21.35 63.23 11.61
N GLU B 18 20.21 63.10 10.94
CA GLU B 18 18.92 63.45 11.52
C GLU B 18 18.32 62.30 12.34
N ARG B 19 18.80 61.08 12.15
CA ARG B 19 18.32 59.92 12.90
C ARG B 19 16.82 59.70 12.66
N VAL B 20 16.51 59.40 11.41
CA VAL B 20 15.14 59.17 10.96
C VAL B 20 14.92 57.66 10.91
N PRO B 21 13.85 57.13 11.50
CA PRO B 21 13.62 55.69 11.43
C PRO B 21 13.21 55.26 10.03
N VAL B 22 13.88 54.22 9.53
CA VAL B 22 13.65 53.70 8.18
C VAL B 22 13.12 52.29 8.29
N SER B 23 12.00 52.02 7.62
CA SER B 23 11.42 50.68 7.56
C SER B 23 11.92 49.98 6.29
N ILE B 24 13.17 49.55 6.35
CA ILE B 24 13.84 48.95 5.20
C ILE B 24 13.16 47.62 4.88
N TYR B 25 12.52 47.55 3.72
CA TYR B 25 11.87 46.31 3.29
C TYR B 25 12.92 45.38 2.70
N LEU B 26 13.27 44.32 3.44
CA LEU B 26 14.24 43.36 2.96
C LEU B 26 13.81 42.77 1.62
N VAL B 27 14.79 42.21 0.90
CA VAL B 27 14.50 41.60 -0.39
C VAL B 27 13.56 40.41 -0.21
N ASN B 28 13.61 39.75 0.95
CA ASN B 28 12.72 38.62 1.21
C ASN B 28 11.31 39.05 1.59
N GLY B 29 11.07 40.34 1.81
CA GLY B 29 9.75 40.84 2.15
C GLY B 29 9.59 41.32 3.58
N ILE B 30 10.61 41.15 4.42
CA ILE B 30 10.53 41.58 5.81
C ILE B 30 10.87 43.06 5.89
N LYS B 31 10.22 43.77 6.81
CA LYS B 31 10.45 45.19 7.03
C LYS B 31 11.33 45.37 8.26
N LEU B 32 12.39 46.15 8.10
CA LEU B 32 13.38 46.38 9.16
C LEU B 32 13.31 47.84 9.59
N GLN B 33 12.73 48.07 10.77
CA GLN B 33 12.61 49.41 11.31
C GLN B 33 13.87 49.79 12.09
N GLY B 34 14.01 51.08 12.35
CA GLY B 34 15.13 51.60 13.09
C GLY B 34 15.95 52.58 12.30
N GLN B 35 16.74 53.42 12.98
CA GLN B 35 17.58 54.40 12.32
C GLN B 35 18.86 53.74 11.80
N ILE B 36 19.65 54.52 11.08
CA ILE B 36 20.89 54.02 10.48
C ILE B 36 22.07 54.59 11.27
N GLU B 37 22.95 53.71 11.73
CA GLU B 37 24.08 54.15 12.54
C GLU B 37 25.21 54.70 11.68
N SER B 38 25.64 53.93 10.68
CA SER B 38 26.74 54.34 9.81
C SER B 38 26.55 53.65 8.45
N PHE B 39 27.49 53.90 7.55
CA PHE B 39 27.43 53.31 6.22
C PHE B 39 28.81 53.41 5.58
N ASP B 40 29.06 52.51 4.64
CA ASP B 40 30.32 52.51 3.89
C ASP B 40 30.09 51.73 2.60
N GLN B 41 31.17 51.31 1.95
CA GLN B 41 31.07 50.58 0.69
C GLN B 41 30.43 49.22 0.94
N PHE B 42 29.18 49.06 0.47
CA PHE B 42 28.46 47.79 0.58
C PHE B 42 28.34 47.34 2.03
N VAL B 43 27.82 48.23 2.88
CA VAL B 43 27.61 47.92 4.30
C VAL B 43 26.89 49.08 4.95
N ILE B 44 25.87 48.76 5.76
CA ILE B 44 25.08 49.76 6.48
C ILE B 44 24.82 49.23 7.88
N LEU B 45 25.05 50.07 8.89
CA LEU B 45 24.80 49.69 10.27
C LEU B 45 23.47 50.26 10.73
N LEU B 46 22.77 49.52 11.59
CA LEU B 46 21.42 49.85 12.02
C LEU B 46 21.43 50.29 13.47
N LYS B 47 20.57 51.25 13.80
CA LYS B 47 20.35 51.67 15.18
C LYS B 47 19.00 51.11 15.63
N ASN B 48 19.03 50.10 16.49
CA ASN B 48 17.81 49.48 16.97
C ASN B 48 18.08 48.71 18.26
N THR B 49 17.42 47.57 18.46
CA THR B 49 17.67 46.77 19.65
C THR B 49 19.15 46.40 19.75
N VAL B 50 19.80 46.16 18.61
CA VAL B 50 21.21 45.84 18.56
C VAL B 50 21.79 46.35 17.24
N SER B 51 23.07 46.67 17.26
CA SER B 51 23.77 47.18 16.08
C SER B 51 23.87 46.07 15.05
N GLN B 52 22.77 45.88 14.32
CA GLN B 52 22.68 44.85 13.30
C GLN B 52 23.28 45.38 11.99
N MET B 53 24.04 44.54 11.31
CA MET B 53 24.66 44.93 10.05
C MET B 53 23.80 44.49 8.89
N VAL B 54 23.61 45.39 7.92
CA VAL B 54 22.77 45.15 6.75
C VAL B 54 23.63 45.32 5.51
N TYR B 55 23.63 44.29 4.66
CA TYR B 55 24.39 44.34 3.42
C TYR B 55 23.63 45.15 2.37
N LYS B 56 24.34 46.03 1.66
CA LYS B 56 23.70 46.86 0.66
C LYS B 56 23.12 46.02 -0.46
N HIS B 57 23.84 44.97 -0.87
CA HIS B 57 23.38 44.12 -1.97
C HIS B 57 22.06 43.42 -1.66
N ALA B 58 21.66 43.34 -0.39
CA ALA B 58 20.41 42.72 0.00
C ALA B 58 19.30 43.72 0.22
N ILE B 59 19.60 45.02 0.20
CA ILE B 59 18.59 46.05 0.40
C ILE B 59 17.90 46.35 -0.92
N SER B 60 16.58 46.50 -0.88
CA SER B 60 15.78 46.83 -2.05
C SER B 60 15.33 48.28 -2.05
N THR B 61 14.76 48.75 -0.93
CA THR B 61 14.30 50.13 -0.81
C THR B 61 14.51 50.60 0.62
N VAL B 62 15.00 51.83 0.77
CA VAL B 62 15.16 52.47 2.06
C VAL B 62 14.18 53.63 2.11
N VAL B 63 13.12 53.48 2.90
CA VAL B 63 12.03 54.44 2.97
C VAL B 63 12.23 55.30 4.22
N PRO B 64 12.43 56.62 4.09
CA PRO B 64 12.51 57.45 5.29
C PRO B 64 11.16 57.66 5.96
N SER B 65 10.06 57.44 5.25
CA SER B 65 8.72 57.67 5.79
C SER B 65 8.52 59.15 6.10
N ARG B 66 9.25 59.67 7.08
CA ARG B 66 9.16 61.08 7.40
C ARG B 66 9.77 61.91 6.27
N PRO B 67 9.26 63.10 5.99
CA PRO B 67 9.82 63.93 4.92
C PRO B 67 11.30 64.19 5.14
N VAL B 68 12.08 64.02 4.07
CA VAL B 68 13.52 64.28 4.09
C VAL B 68 13.90 65.02 2.82
N ARG B 69 14.89 65.89 2.94
CA ARG B 69 15.36 66.70 1.82
C ARG B 69 16.88 66.65 1.77
N LEU B 70 17.43 66.99 0.61
CA LEU B 70 18.87 66.98 0.41
C LEU B 70 19.25 67.70 -0.87
N HIS C 5 34.79 48.73 4.07
CA HIS C 5 36.20 48.63 4.44
C HIS C 5 36.43 49.27 5.81
N SER C 6 36.05 50.53 5.95
CA SER C 6 36.27 51.23 7.21
C SER C 6 35.37 50.68 8.31
N LEU C 7 34.23 50.12 7.96
CA LEU C 7 33.26 49.61 8.93
C LEU C 7 33.19 48.09 8.98
N GLN C 8 33.41 47.41 7.86
CA GLN C 8 33.30 45.95 7.85
C GLN C 8 34.43 45.30 8.63
N ASP C 9 35.66 45.79 8.46
CA ASP C 9 36.81 45.14 9.09
C ASP C 9 36.77 45.26 10.60
N PRO C 10 36.55 46.45 11.19
CA PRO C 10 36.48 46.52 12.66
C PRO C 10 35.33 45.70 13.23
N TYR C 11 34.17 45.75 12.59
CA TYR C 11 33.01 44.99 13.05
C TYR C 11 33.33 43.49 13.06
N LEU C 12 33.88 42.98 11.95
CA LEU C 12 34.19 41.56 11.88
C LEU C 12 35.28 41.19 12.88
N ASN C 13 36.30 42.04 13.04
CA ASN C 13 37.36 41.73 13.99
C ASN C 13 36.84 41.69 15.42
N THR C 14 35.94 42.60 15.78
CA THR C 14 35.35 42.59 17.11
C THR C 14 34.50 41.34 17.30
N LEU C 15 33.64 41.02 16.34
CA LEU C 15 32.81 39.84 16.45
C LEU C 15 33.66 38.57 16.59
N ARG C 16 34.82 38.55 15.92
CA ARG C 16 35.69 37.38 16.00
C ARG C 16 36.39 37.30 17.35
N LYS C 17 37.05 38.38 17.75
CA LYS C 17 37.82 38.34 18.99
C LYS C 17 36.92 38.12 20.20
N GLU C 18 35.74 38.74 20.22
CA GLU C 18 34.84 38.62 21.35
C GLU C 18 34.03 37.33 21.34
N ARG C 19 34.03 36.59 20.23
CA ARG C 19 33.31 35.32 20.14
C ARG C 19 31.83 35.52 20.45
N VAL C 20 31.24 36.57 19.90
CA VAL C 20 29.82 36.84 20.12
C VAL C 20 28.99 35.88 19.28
N PRO C 21 28.08 35.09 19.87
CA PRO C 21 27.21 34.24 19.04
C PRO C 21 26.26 35.05 18.17
N VAL C 22 26.48 35.03 16.87
CA VAL C 22 25.69 35.82 15.94
C VAL C 22 24.61 34.92 15.32
N SER C 23 23.57 35.56 14.80
CA SER C 23 22.46 34.88 14.12
C SER C 23 22.42 35.38 12.69
N ILE C 24 23.20 34.74 11.82
CA ILE C 24 23.29 35.14 10.43
C ILE C 24 21.99 34.82 9.71
N TYR C 25 21.37 35.83 9.11
CA TYR C 25 20.18 35.62 8.30
C TYR C 25 20.56 35.41 6.84
N LEU C 26 19.78 34.59 6.15
CA LEU C 26 19.99 34.28 4.75
C LEU C 26 19.05 35.11 3.89
N VAL C 27 19.42 35.27 2.62
CA VAL C 27 18.60 36.04 1.70
C VAL C 27 17.21 35.43 1.54
N ASN C 28 17.06 34.13 1.82
CA ASN C 28 15.76 33.48 1.73
C ASN C 28 14.94 33.64 3.01
N GLY C 29 15.54 34.14 4.10
CA GLY C 29 14.83 34.36 5.34
C GLY C 29 15.08 33.34 6.42
N ILE C 30 15.95 32.35 6.17
CA ILE C 30 16.22 31.34 7.18
C ILE C 30 17.18 31.91 8.21
N LYS C 31 16.91 31.62 9.49
CA LYS C 31 17.71 32.13 10.60
C LYS C 31 18.66 31.03 11.06
N LEU C 32 19.95 31.22 10.80
CA LEU C 32 20.97 30.27 11.20
C LEU C 32 21.63 30.71 12.50
N GLN C 33 22.38 29.79 13.11
CA GLN C 33 23.06 30.04 14.38
C GLN C 33 24.43 29.37 14.36
N GLY C 34 25.32 29.87 15.21
CA GLY C 34 26.65 29.32 15.33
C GLY C 34 27.71 30.37 15.58
N GLN C 35 28.92 29.94 15.90
CA GLN C 35 30.00 30.87 16.19
C GLN C 35 30.88 31.08 14.96
N ILE C 36 31.47 32.27 14.87
CA ILE C 36 32.35 32.59 13.75
C ILE C 36 33.78 32.21 14.13
N GLU C 37 34.45 31.48 13.23
CA GLU C 37 35.83 31.07 13.50
C GLU C 37 36.83 31.97 12.79
N SER C 38 36.49 32.42 11.58
CA SER C 38 37.35 33.32 10.83
C SER C 38 36.56 33.85 9.63
N PHE C 39 36.83 35.10 9.27
CA PHE C 39 36.17 35.76 8.16
C PHE C 39 37.18 36.07 7.06
N ASP C 40 36.65 36.37 5.88
CA ASP C 40 37.46 36.69 4.71
C ASP C 40 36.86 37.92 4.02
N GLN C 41 37.57 38.44 3.03
CA GLN C 41 37.10 39.60 2.30
C GLN C 41 35.94 39.28 1.37
N PHE C 42 35.51 38.03 1.29
CA PHE C 42 34.38 37.64 0.45
C PHE C 42 33.53 36.53 1.04
N VAL C 43 34.06 35.74 1.98
CA VAL C 43 33.30 34.66 2.61
C VAL C 43 33.64 34.62 4.08
N ILE C 44 32.74 34.05 4.87
CA ILE C 44 32.92 33.89 6.31
C ILE C 44 32.69 32.43 6.67
N LEU C 45 33.52 31.90 7.56
CA LEU C 45 33.41 30.53 8.02
C LEU C 45 32.79 30.54 9.42
N LEU C 46 31.52 30.13 9.50
CA LEU C 46 30.78 30.08 10.76
C LEU C 46 30.70 28.61 11.20
N LYS C 47 31.11 28.35 12.44
CA LYS C 47 31.16 26.99 12.97
C LYS C 47 29.99 26.77 13.92
N ASN C 48 29.20 25.74 13.65
CA ASN C 48 28.13 25.30 14.55
C ASN C 48 28.25 23.78 14.65
N THR C 49 28.89 23.31 15.72
CA THR C 49 29.26 21.90 15.85
C THR C 49 30.42 21.59 14.90
N VAL C 50 30.22 21.84 13.62
CA VAL C 50 31.27 21.70 12.61
C VAL C 50 31.33 22.98 11.80
N SER C 51 32.50 23.23 11.21
CA SER C 51 32.68 24.43 10.40
C SER C 51 31.71 24.42 9.22
N GLN C 52 31.17 25.60 8.90
CA GLN C 52 30.20 25.74 7.81
C GLN C 52 30.48 27.07 7.11
N MET C 53 31.09 27.00 5.93
CA MET C 53 31.41 28.21 5.19
C MET C 53 30.13 28.85 4.64
N VAL C 54 29.94 30.12 4.97
CA VAL C 54 28.77 30.88 4.55
C VAL C 54 29.21 31.98 3.59
N TYR C 55 28.57 32.07 2.44
CA TYR C 55 28.92 33.07 1.44
C TYR C 55 28.26 34.40 1.77
N LYS C 56 29.03 35.49 1.62
CA LYS C 56 28.49 36.82 1.87
C LYS C 56 27.40 37.16 0.86
N HIS C 57 27.44 36.57 -0.33
CA HIS C 57 26.41 36.81 -1.33
C HIS C 57 25.04 36.28 -0.92
N ALA C 58 24.99 35.40 0.08
CA ALA C 58 23.73 34.81 0.54
C ALA C 58 23.33 35.31 1.92
N ILE C 59 24.03 36.29 2.48
CA ILE C 59 23.72 36.83 3.80
C ILE C 59 22.90 38.10 3.62
N SER C 60 21.79 38.19 4.35
CA SER C 60 20.92 39.37 4.30
C SER C 60 21.30 40.33 5.43
N THR C 61 21.26 39.85 6.67
CA THR C 61 21.58 40.66 7.83
C THR C 61 22.24 39.79 8.90
N VAL C 62 23.26 40.34 9.55
CA VAL C 62 23.96 39.67 10.63
C VAL C 62 23.62 40.41 11.92
N VAL C 63 22.89 39.75 12.80
CA VAL C 63 22.42 40.34 14.06
C VAL C 63 23.16 39.64 15.20
N PRO C 64 24.09 40.30 15.88
CA PRO C 64 24.71 39.70 17.07
C PRO C 64 23.74 39.67 18.23
N SER C 65 23.63 38.50 18.88
CA SER C 65 22.72 38.36 20.01
C SER C 65 23.07 39.29 21.16
N ARG C 66 24.33 39.73 21.24
CA ARG C 66 24.77 40.62 22.31
C ARG C 66 25.19 41.96 21.75
N PRO C 67 24.88 43.07 22.43
CA PRO C 67 25.34 44.38 21.94
C PRO C 67 26.85 44.44 21.86
N VAL C 68 27.34 45.10 20.80
CA VAL C 68 28.76 45.26 20.56
C VAL C 68 29.06 46.73 20.32
N ARG C 69 30.23 47.16 20.75
CA ARG C 69 30.69 48.54 20.58
C ARG C 69 31.87 48.56 19.61
N LEU C 70 31.80 49.45 18.63
CA LEU C 70 32.87 49.55 17.66
C LEU C 70 34.12 50.12 18.32
N PRO C 71 35.32 49.81 17.79
CA PRO C 71 36.57 50.31 18.38
C PRO C 71 36.82 51.77 18.05
N HIS D 5 41.59 36.21 -2.56
CA HIS D 5 41.24 35.92 -1.18
C HIS D 5 42.37 35.19 -0.48
N SER D 6 42.15 34.81 0.78
CA SER D 6 43.16 34.16 1.61
C SER D 6 42.64 32.95 2.36
N LEU D 7 41.33 32.82 2.54
CA LEU D 7 40.73 31.78 3.37
C LEU D 7 40.03 30.70 2.59
N GLN D 8 39.40 31.04 1.45
CA GLN D 8 38.56 30.07 0.75
C GLN D 8 39.40 28.97 0.10
N ASP D 9 40.49 29.34 -0.55
CA ASP D 9 41.27 28.40 -1.34
C ASP D 9 41.78 27.23 -0.50
N PRO D 10 42.52 27.48 0.59
CA PRO D 10 43.09 26.34 1.33
C PRO D 10 42.05 25.45 1.98
N TYR D 11 41.00 26.05 2.56
CA TYR D 11 39.96 25.26 3.18
C TYR D 11 39.21 24.42 2.15
N LEU D 12 38.90 25.01 1.00
CA LEU D 12 38.19 24.27 -0.04
C LEU D 12 39.08 23.18 -0.64
N ASN D 13 40.41 23.39 -0.63
CA ASN D 13 41.30 22.33 -1.11
C ASN D 13 41.39 21.19 -0.09
N THR D 14 41.43 21.52 1.20
CA THR D 14 41.45 20.48 2.22
C THR D 14 40.13 19.71 2.27
N LEU D 15 39.02 20.38 1.96
CA LEU D 15 37.73 19.69 1.91
C LEU D 15 37.67 18.60 0.86
N ARG D 16 38.62 18.56 -0.07
CA ARG D 16 38.73 17.50 -1.06
C ARG D 16 39.91 16.58 -0.82
N LYS D 17 41.04 17.13 -0.37
CA LYS D 17 42.19 16.29 -0.07
C LYS D 17 41.87 15.26 1.00
N GLU D 18 40.88 15.53 1.86
CA GLU D 18 40.46 14.62 2.91
C GLU D 18 39.21 13.84 2.55
N ARG D 19 38.67 14.04 1.36
CA ARG D 19 37.45 13.35 0.90
C ARG D 19 36.30 13.60 1.87
N VAL D 20 35.93 14.87 1.98
CA VAL D 20 34.86 15.30 2.87
C VAL D 20 33.61 15.52 2.02
N PRO D 21 32.57 14.68 2.15
CA PRO D 21 31.33 14.95 1.41
C PRO D 21 30.74 16.31 1.76
N VAL D 22 30.69 17.21 0.78
CA VAL D 22 30.24 18.58 0.99
C VAL D 22 28.78 18.69 0.59
N SER D 23 27.99 19.34 1.44
CA SER D 23 26.58 19.58 1.17
C SER D 23 26.37 21.08 0.97
N ILE D 24 25.87 21.46 -0.20
CA ILE D 24 25.63 22.86 -0.54
C ILE D 24 24.13 23.11 -0.58
N TYR D 25 23.72 24.28 -0.10
CA TYR D 25 22.32 24.66 -0.08
C TYR D 25 22.08 25.78 -1.08
N LEU D 26 21.12 25.57 -1.98
CA LEU D 26 20.76 26.59 -2.94
C LEU D 26 19.94 27.69 -2.27
N VAL D 27 19.98 28.89 -2.87
CA VAL D 27 19.23 30.01 -2.32
C VAL D 27 17.76 29.66 -2.16
N ASN D 28 17.22 28.83 -3.07
CA ASN D 28 15.84 28.39 -2.96
C ASN D 28 15.61 27.45 -1.77
N GLY D 29 16.68 27.01 -1.12
CA GLY D 29 16.57 26.06 -0.03
C GLY D 29 16.76 24.62 -0.42
N ILE D 30 17.25 24.34 -1.63
CA ILE D 30 17.47 22.98 -2.10
C ILE D 30 18.85 22.52 -1.64
N LYS D 31 18.95 21.27 -1.22
CA LYS D 31 20.19 20.72 -0.67
C LYS D 31 20.74 19.66 -1.62
N LEU D 32 22.05 19.73 -1.87
CA LEU D 32 22.76 18.72 -2.65
C LEU D 32 24.04 18.37 -1.93
N GLN D 33 24.31 17.07 -1.79
CA GLN D 33 25.49 16.57 -1.10
C GLN D 33 26.31 15.72 -2.06
N GLY D 34 27.58 16.09 -2.23
CA GLY D 34 28.47 15.36 -3.09
C GLY D 34 29.90 15.80 -2.89
N GLN D 35 30.82 15.01 -3.44
CA GLN D 35 32.24 15.33 -3.34
C GLN D 35 32.63 16.32 -4.43
N ILE D 36 33.33 17.39 -4.04
CA ILE D 36 33.73 18.40 -5.00
C ILE D 36 34.82 17.84 -5.90
N GLU D 37 34.65 18.01 -7.22
CA GLU D 37 35.67 17.56 -8.16
C GLU D 37 36.72 18.64 -8.39
N SER D 38 36.29 19.82 -8.82
CA SER D 38 37.18 20.95 -9.02
C SER D 38 36.39 22.23 -8.85
N PHE D 39 37.09 23.29 -8.46
CA PHE D 39 36.46 24.58 -8.19
C PHE D 39 37.21 25.68 -8.92
N ASP D 40 36.49 26.78 -9.18
CA ASP D 40 37.07 27.94 -9.84
C ASP D 40 36.44 29.18 -9.25
N GLN D 41 36.77 30.34 -9.84
CA GLN D 41 36.25 31.60 -9.33
C GLN D 41 34.73 31.67 -9.45
N PHE D 42 34.13 30.90 -10.35
CA PHE D 42 32.70 30.95 -10.59
C PHE D 42 32.03 29.59 -10.71
N VAL D 43 32.78 28.49 -10.75
CA VAL D 43 32.20 27.17 -10.95
C VAL D 43 32.84 26.20 -9.96
N ILE D 44 32.04 25.24 -9.49
CA ILE D 44 32.51 24.18 -8.60
C ILE D 44 31.72 22.93 -8.93
N LEU D 45 32.42 21.86 -9.34
CA LEU D 45 31.76 20.62 -9.71
C LEU D 45 31.53 19.75 -8.48
N LEU D 46 30.30 19.29 -8.30
CA LEU D 46 29.91 18.45 -7.18
C LEU D 46 29.60 17.06 -7.70
N LYS D 47 30.39 16.07 -7.28
CA LYS D 47 30.18 14.69 -7.72
C LYS D 47 28.83 14.17 -7.22
N ASN D 48 27.98 13.79 -8.17
CA ASN D 48 26.67 13.23 -7.86
C ASN D 48 26.41 12.10 -8.85
N THR D 49 25.13 11.83 -9.13
CA THR D 49 24.80 10.87 -10.17
C THR D 49 25.47 11.23 -11.49
N VAL D 50 25.66 12.53 -11.75
CA VAL D 50 26.37 13.03 -12.91
C VAL D 50 27.14 14.27 -12.49
N SER D 51 28.12 14.66 -13.31
CA SER D 51 28.94 15.83 -13.02
C SER D 51 28.06 17.08 -13.09
N GLN D 52 27.50 17.44 -11.94
CA GLN D 52 26.61 18.59 -11.82
C GLN D 52 27.43 19.81 -11.42
N MET D 53 27.84 20.60 -12.42
CA MET D 53 28.56 21.83 -12.14
C MET D 53 27.64 22.83 -11.46
N VAL D 54 28.15 23.51 -10.43
CA VAL D 54 27.39 24.46 -9.65
C VAL D 54 28.08 25.82 -9.73
N TYR D 55 27.28 26.87 -9.85
CA TYR D 55 27.81 28.23 -9.93
C TYR D 55 28.08 28.75 -8.52
N LYS D 56 29.28 29.28 -8.31
CA LYS D 56 29.69 29.79 -7.01
C LYS D 56 28.70 30.82 -6.47
N HIS D 57 28.25 31.73 -7.34
CA HIS D 57 27.35 32.79 -6.92
C HIS D 57 25.98 32.28 -6.49
N ALA D 58 25.67 31.01 -6.73
CA ALA D 58 24.37 30.44 -6.39
C ALA D 58 24.40 29.64 -5.09
N ILE D 59 25.58 29.37 -4.55
CA ILE D 59 25.70 28.59 -3.33
C ILE D 59 25.47 29.49 -2.13
N SER D 60 24.71 29.00 -1.15
CA SER D 60 24.38 29.76 0.05
C SER D 60 25.23 29.34 1.25
N THR D 61 25.26 28.05 1.57
CA THR D 61 26.01 27.55 2.71
C THR D 61 26.70 26.24 2.32
N VAL D 62 27.87 26.01 2.91
CA VAL D 62 28.66 24.81 2.68
C VAL D 62 28.80 24.10 4.01
N VAL D 63 28.01 23.05 4.21
CA VAL D 63 28.04 22.28 5.46
C VAL D 63 28.66 20.92 5.18
N PRO D 64 29.96 20.75 5.44
CA PRO D 64 30.58 19.44 5.21
C PRO D 64 30.11 18.41 6.21
N SER D 65 30.14 17.14 5.79
CA SER D 65 29.71 16.05 6.66
C SER D 65 30.60 15.89 7.87
N ARG D 66 31.80 16.49 7.87
CA ARG D 66 32.72 16.37 8.99
C ARG D 66 33.81 17.43 8.89
N LYS E 3 42.57 32.26 -16.73
CA LYS E 3 42.50 32.52 -15.31
C LYS E 3 41.08 32.28 -14.80
N GLY E 4 40.15 33.13 -15.24
CA GLY E 4 38.77 33.01 -14.81
C GLY E 4 37.95 31.97 -15.55
N HIS E 5 38.42 31.56 -16.74
CA HIS E 5 37.71 30.57 -17.55
C HIS E 5 38.58 29.35 -17.83
N SER E 6 39.51 29.03 -16.93
CA SER E 6 40.40 27.90 -17.13
C SER E 6 39.70 26.56 -16.99
N LEU E 7 38.55 26.53 -16.32
CA LEU E 7 37.86 25.27 -16.04
C LEU E 7 36.51 25.16 -16.73
N GLN E 8 35.63 26.15 -16.60
CA GLN E 8 34.28 26.02 -17.14
C GLN E 8 34.29 26.03 -18.66
N ASP E 9 35.24 26.75 -19.28
CA ASP E 9 35.25 26.87 -20.73
C ASP E 9 35.49 25.53 -21.41
N PRO E 10 36.60 24.82 -21.13
CA PRO E 10 36.81 23.53 -21.82
C PRO E 10 35.77 22.49 -21.45
N TYR E 11 35.31 22.49 -20.19
CA TYR E 11 34.28 21.54 -19.78
C TYR E 11 33.00 21.75 -20.59
N LEU E 12 32.54 23.00 -20.68
CA LEU E 12 31.33 23.28 -21.44
C LEU E 12 31.54 23.03 -22.93
N ASN E 13 32.75 23.28 -23.43
CA ASN E 13 33.02 23.01 -24.84
C ASN E 13 32.94 21.51 -25.12
N THR E 14 33.47 20.68 -24.22
CA THR E 14 33.36 19.23 -24.39
C THR E 14 31.91 18.79 -24.31
N LEU E 15 31.17 19.31 -23.32
CA LEU E 15 29.75 18.97 -23.21
C LEU E 15 29.00 19.34 -24.49
N ARG E 16 29.35 20.48 -25.09
CA ARG E 16 28.71 20.90 -26.33
C ARG E 16 29.07 19.97 -27.48
N LYS E 17 30.36 19.67 -27.63
CA LYS E 17 30.80 18.81 -28.74
C LYS E 17 30.16 17.43 -28.63
N GLU E 18 30.03 16.90 -27.42
CA GLU E 18 29.45 15.59 -27.21
C GLU E 18 27.92 15.59 -27.29
N ARG E 19 27.31 16.74 -27.55
CA ARG E 19 25.85 16.86 -27.69
C ARG E 19 25.11 16.01 -26.68
N VAL E 20 25.65 15.91 -25.48
CA VAL E 20 25.00 15.12 -24.43
C VAL E 20 23.73 15.83 -23.98
N PRO E 21 22.57 15.16 -23.92
CA PRO E 21 21.35 15.83 -23.43
C PRO E 21 21.53 16.40 -22.03
N VAL E 22 21.28 17.69 -21.90
CA VAL E 22 21.47 18.39 -20.64
C VAL E 22 20.12 18.79 -20.07
N SER E 23 20.02 18.82 -18.74
CA SER E 23 18.84 19.25 -18.02
C SER E 23 19.27 20.40 -17.11
N ILE E 24 19.25 21.62 -17.65
CA ILE E 24 19.74 22.78 -16.93
C ILE E 24 18.70 23.23 -15.92
N TYR E 25 19.15 23.62 -14.73
CA TYR E 25 18.28 24.09 -13.67
C TYR E 25 18.53 25.57 -13.42
N LEU E 26 17.45 26.35 -13.39
CA LEU E 26 17.56 27.78 -13.11
C LEU E 26 17.56 28.02 -11.60
N VAL E 27 18.08 29.19 -11.21
CA VAL E 27 18.11 29.55 -9.80
C VAL E 27 16.71 29.56 -9.21
N ASN E 28 15.70 29.84 -10.03
CA ASN E 28 14.32 29.82 -9.57
C ASN E 28 13.82 28.41 -9.31
N GLY E 29 14.49 27.38 -9.84
CA GLY E 29 14.08 26.01 -9.64
C GLY E 29 13.42 25.36 -10.83
N ILE E 30 13.19 26.10 -11.92
CA ILE E 30 12.58 25.51 -13.11
C ILE E 30 13.60 24.60 -13.80
N LYS E 31 13.09 23.57 -14.47
CA LYS E 31 13.93 22.56 -15.13
C LYS E 31 13.78 22.70 -16.64
N LEU E 32 14.83 23.17 -17.29
CA LEU E 32 14.90 23.22 -18.74
C LEU E 32 15.77 22.08 -19.25
N GLN E 33 15.54 21.71 -20.52
CA GLN E 33 16.25 20.61 -21.15
C GLN E 33 16.70 21.04 -22.55
N GLY E 34 17.57 20.23 -23.14
CA GLY E 34 18.15 20.49 -24.44
C GLY E 34 19.65 20.35 -24.42
N GLN E 35 20.27 20.72 -25.53
CA GLN E 35 21.71 20.66 -25.70
C GLN E 35 22.24 22.05 -26.03
N ILE E 36 23.32 22.44 -25.35
CA ILE E 36 23.92 23.75 -25.61
C ILE E 36 24.61 23.70 -26.97
N GLU E 37 24.30 24.68 -27.82
CA GLU E 37 24.89 24.74 -29.16
C GLU E 37 26.02 25.76 -29.24
N SER E 38 25.95 26.82 -28.44
CA SER E 38 27.00 27.85 -28.45
C SER E 38 26.93 28.63 -27.15
N PHE E 39 28.02 29.35 -26.87
CA PHE E 39 28.13 30.18 -25.67
C PHE E 39 29.44 30.94 -25.76
N ASP E 40 29.54 32.01 -24.97
CA ASP E 40 30.72 32.85 -24.97
C ASP E 40 31.20 33.15 -23.55
N GLN E 41 30.76 34.27 -22.98
CA GLN E 41 31.19 34.67 -21.65
C GLN E 41 30.07 35.19 -20.76
N PHE E 42 28.96 35.67 -21.31
CA PHE E 42 27.85 36.16 -20.51
C PHE E 42 26.51 35.60 -20.94
N VAL E 43 26.45 34.84 -22.04
CA VAL E 43 25.19 34.29 -22.55
C VAL E 43 25.46 32.87 -23.03
N ILE E 44 24.52 31.98 -22.74
CA ILE E 44 24.57 30.58 -23.18
C ILE E 44 23.38 30.32 -24.09
N LEU E 45 23.66 29.80 -25.28
CA LEU E 45 22.64 29.52 -26.28
C LEU E 45 22.30 28.03 -26.26
N LEU E 46 21.05 27.72 -25.96
CA LEU E 46 20.57 26.35 -25.89
C LEU E 46 19.70 26.04 -27.10
N LYS E 47 19.90 24.88 -27.70
CA LYS E 47 19.13 24.44 -28.86
C LYS E 47 18.13 23.38 -28.44
N ASN E 48 16.94 23.43 -29.02
CA ASN E 48 15.88 22.47 -28.72
C ASN E 48 14.74 22.73 -29.70
N THR E 49 13.52 22.35 -29.31
CA THR E 49 12.37 22.61 -30.15
C THR E 49 12.21 24.10 -30.44
N VAL E 50 12.53 24.94 -29.45
CA VAL E 50 12.47 26.38 -29.58
C VAL E 50 13.81 26.96 -29.13
N SER E 51 14.42 27.76 -29.98
CA SER E 51 15.70 28.39 -29.62
C SER E 51 15.55 29.18 -28.33
N GLN E 52 16.46 28.93 -27.39
CA GLN E 52 16.39 29.55 -26.07
C GLN E 52 17.74 30.17 -25.73
N MET E 53 17.69 31.39 -25.19
CA MET E 53 18.87 32.10 -24.73
C MET E 53 18.77 32.30 -23.22
N VAL E 54 19.70 31.71 -22.49
CA VAL E 54 19.70 31.76 -21.02
C VAL E 54 20.90 32.55 -20.56
N TYR E 55 20.69 33.44 -19.59
CA TYR E 55 21.78 34.23 -19.03
C TYR E 55 22.52 33.43 -17.97
N LYS E 56 23.84 33.62 -17.90
CA LYS E 56 24.66 32.83 -17.00
C LYS E 56 24.39 33.20 -15.53
N HIS E 57 24.15 34.48 -15.27
CA HIS E 57 23.98 34.94 -13.89
C HIS E 57 22.72 34.41 -13.24
N ALA E 58 21.84 33.75 -13.99
CA ALA E 58 20.61 33.19 -13.44
C ALA E 58 20.62 31.67 -13.37
N ILE E 59 21.65 31.01 -13.88
CA ILE E 59 21.73 29.56 -13.87
C ILE E 59 22.30 29.11 -12.53
N SER E 60 21.74 28.03 -12.00
CA SER E 60 22.23 27.42 -10.76
C SER E 60 23.11 26.20 -11.01
N THR E 61 22.63 25.26 -11.80
CA THR E 61 23.39 24.05 -12.10
C THR E 61 23.13 23.65 -13.55
N VAL E 62 24.11 22.96 -14.14
CA VAL E 62 24.01 22.43 -15.49
C VAL E 62 24.18 20.93 -15.36
N VAL E 63 23.08 20.18 -15.45
CA VAL E 63 23.07 18.75 -15.19
C VAL E 63 23.05 17.99 -16.52
N PRO E 64 24.19 17.50 -17.02
CA PRO E 64 24.16 16.66 -18.22
C PRO E 64 23.60 15.28 -17.91
N SER E 65 23.28 14.56 -18.98
CA SER E 65 22.74 13.20 -18.86
C SER E 65 23.81 12.13 -18.78
N ARG E 66 25.08 12.49 -18.96
CA ARG E 66 26.18 11.54 -18.90
C ARG E 66 27.38 12.23 -18.27
N PRO E 67 28.12 11.54 -17.38
CA PRO E 67 29.30 12.15 -16.79
C PRO E 67 30.44 12.33 -17.78
N VAL E 68 30.71 13.58 -18.16
CA VAL E 68 31.76 13.87 -19.14
C VAL E 68 33.10 13.90 -18.43
N ARG E 69 34.16 13.60 -19.19
CA ARG E 69 35.52 13.58 -18.65
C ARG E 69 36.25 14.87 -19.00
N GLY F 4 30.87 45.53 -25.76
CA GLY F 4 30.53 44.60 -26.81
C GLY F 4 30.58 43.16 -26.36
N HIS F 5 30.16 42.24 -27.23
CA HIS F 5 30.15 40.83 -26.91
C HIS F 5 30.31 40.03 -28.20
N SER F 6 30.61 38.74 -28.04
CA SER F 6 30.83 37.88 -29.20
C SER F 6 29.52 37.50 -29.87
N LEU F 7 28.51 37.13 -29.08
CA LEU F 7 27.24 36.68 -29.63
C LEU F 7 26.06 37.40 -29.00
N GLN F 8 26.23 37.91 -27.78
CA GLN F 8 25.12 38.58 -27.09
C GLN F 8 24.63 39.78 -27.88
N ASP F 9 25.52 40.73 -28.16
CA ASP F 9 25.11 41.92 -28.91
C ASP F 9 24.68 41.59 -30.33
N PRO F 10 25.39 40.73 -31.07
CA PRO F 10 24.85 40.28 -32.37
C PRO F 10 23.49 39.61 -32.25
N TYR F 11 23.28 38.81 -31.19
CA TYR F 11 21.99 38.16 -31.00
C TYR F 11 20.88 39.20 -30.82
N LEU F 12 21.13 40.20 -29.97
CA LEU F 12 20.13 41.24 -29.77
C LEU F 12 19.89 42.05 -31.04
N ASN F 13 20.95 42.32 -31.80
CA ASN F 13 20.78 43.06 -33.05
C ASN F 13 19.95 42.25 -34.04
N THR F 14 20.16 40.94 -34.11
CA THR F 14 19.37 40.10 -35.00
C THR F 14 17.91 40.05 -34.54
N LEU F 15 17.69 39.98 -33.22
CA LEU F 15 16.34 40.00 -32.71
C LEU F 15 15.65 41.32 -33.02
N ARG F 16 16.43 42.41 -33.08
CA ARG F 16 15.85 43.72 -33.36
C ARG F 16 15.54 43.89 -34.85
N LYS F 17 16.44 43.40 -35.72
CA LYS F 17 16.30 43.68 -37.14
C LYS F 17 14.97 43.17 -37.69
N GLU F 18 14.56 41.98 -37.27
CA GLU F 18 13.32 41.38 -37.74
C GLU F 18 12.17 41.57 -36.76
N ARG F 19 12.40 42.30 -35.67
CA ARG F 19 11.38 42.56 -34.64
C ARG F 19 10.59 41.29 -34.32
N VAL F 20 11.33 40.20 -34.09
CA VAL F 20 10.69 38.93 -33.77
C VAL F 20 10.00 39.04 -32.41
N PRO F 21 8.71 38.71 -32.29
CA PRO F 21 8.06 38.75 -30.97
C PRO F 21 8.79 37.88 -29.96
N VAL F 22 9.34 38.50 -28.91
CA VAL F 22 10.14 37.82 -27.91
C VAL F 22 9.43 37.92 -26.57
N SER F 23 9.41 36.81 -25.83
CA SER F 23 8.82 36.76 -24.50
C SER F 23 9.94 36.70 -23.47
N ILE F 24 10.13 37.78 -22.71
CA ILE F 24 11.20 37.87 -21.72
C ILE F 24 10.70 37.30 -20.41
N TYR F 25 11.48 36.40 -19.83
CA TYR F 25 11.15 35.76 -18.55
C TYR F 25 12.00 36.37 -17.45
N LEU F 26 11.36 36.70 -16.33
CA LEU F 26 12.06 37.26 -15.18
C LEU F 26 12.60 36.15 -14.29
N VAL F 27 13.67 36.47 -13.56
CA VAL F 27 14.27 35.50 -12.65
C VAL F 27 13.23 34.98 -11.67
N ASN F 28 12.35 35.87 -11.21
CA ASN F 28 11.27 35.45 -10.31
C ASN F 28 10.41 34.38 -10.97
N GLY F 29 9.91 34.65 -12.17
CA GLY F 29 9.10 33.68 -12.89
C GLY F 29 8.09 34.32 -13.84
N ILE F 30 7.81 35.60 -13.64
CA ILE F 30 6.83 36.28 -14.50
C ILE F 30 7.38 36.42 -15.91
N LYS F 31 6.46 36.54 -16.86
CA LYS F 31 6.80 36.68 -18.27
C LYS F 31 6.54 38.12 -18.74
N LEU F 32 7.21 38.49 -19.83
CA LEU F 32 7.08 39.83 -20.41
C LEU F 32 6.92 39.68 -21.91
N GLN F 33 5.75 40.03 -22.42
CA GLN F 33 5.47 40.00 -23.84
C GLN F 33 5.79 41.35 -24.48
N GLY F 34 6.04 41.31 -25.79
CA GLY F 34 6.36 42.51 -26.53
C GLY F 34 7.71 42.39 -27.21
N GLN F 35 7.83 43.05 -28.37
CA GLN F 35 9.07 42.98 -29.14
C GLN F 35 10.13 43.90 -28.53
N ILE F 36 11.39 43.55 -28.79
CA ILE F 36 12.52 44.32 -28.27
C ILE F 36 12.69 45.57 -29.14
N GLU F 37 12.37 46.73 -28.56
CA GLU F 37 12.49 47.98 -29.32
C GLU F 37 13.94 48.35 -29.52
N SER F 38 14.70 48.44 -28.45
CA SER F 38 16.12 48.78 -28.51
C SER F 38 16.82 48.13 -27.33
N PHE F 39 18.13 48.25 -27.29
CA PHE F 39 18.91 47.62 -26.23
C PHE F 39 20.21 48.37 -26.02
N ASP F 40 20.70 48.31 -24.78
CA ASP F 40 21.98 48.90 -24.41
C ASP F 40 22.43 48.23 -23.12
N GLN F 41 23.74 48.26 -22.88
CA GLN F 41 24.30 47.62 -21.68
C GLN F 41 23.50 48.00 -20.45
N PHE F 42 22.96 46.97 -19.78
CA PHE F 42 22.21 47.02 -18.53
C PHE F 42 20.74 47.41 -18.73
N VAL F 43 20.27 47.61 -19.97
CA VAL F 43 18.88 47.99 -20.20
C VAL F 43 18.43 47.47 -21.56
N ILE F 44 17.16 47.12 -21.65
CA ILE F 44 16.54 46.69 -22.90
C ILE F 44 15.16 47.32 -22.99
N LEU F 45 14.88 47.95 -24.12
CA LEU F 45 13.59 48.59 -24.34
C LEU F 45 12.64 47.64 -25.06
N LEU F 46 11.40 47.57 -24.59
CA LEU F 46 10.39 46.68 -25.12
C LEU F 46 9.29 47.49 -25.79
N LYS F 47 8.84 47.04 -26.95
CA LYS F 47 7.79 47.71 -27.72
C LYS F 47 6.48 46.98 -27.51
N ASN F 48 5.48 47.69 -26.99
CA ASN F 48 4.15 47.12 -26.79
C ASN F 48 3.14 48.23 -26.53
N THR F 49 2.16 47.97 -25.67
CA THR F 49 1.17 48.99 -25.36
C THR F 49 1.82 50.25 -24.80
N VAL F 50 2.93 50.09 -24.08
CA VAL F 50 3.68 51.21 -23.52
C VAL F 50 5.17 50.92 -23.67
N SER F 51 5.96 52.00 -23.76
CA SER F 51 7.40 51.90 -23.93
C SER F 51 8.07 51.58 -22.59
N GLN F 52 7.77 50.38 -22.10
CA GLN F 52 8.36 49.92 -20.84
C GLN F 52 9.80 49.46 -21.06
N MET F 53 10.66 49.71 -20.08
CA MET F 53 12.06 49.35 -20.15
C MET F 53 12.35 48.28 -19.09
N VAL F 54 12.95 47.19 -19.52
CA VAL F 54 13.33 46.11 -18.62
C VAL F 54 14.83 46.21 -18.35
N TYR F 55 15.26 45.62 -17.24
CA TYR F 55 16.65 45.67 -16.81
C TYR F 55 17.36 44.38 -17.21
N LYS F 56 18.56 44.53 -17.76
CA LYS F 56 19.31 43.36 -18.21
C LYS F 56 19.66 42.42 -17.07
N HIS F 57 20.10 42.96 -15.94
CA HIS F 57 20.50 42.11 -14.82
C HIS F 57 19.34 41.28 -14.28
N ALA F 58 18.10 41.67 -14.56
CA ALA F 58 16.93 40.95 -14.07
C ALA F 58 16.46 39.87 -15.02
N ILE F 59 16.73 40.01 -16.33
CA ILE F 59 16.27 39.03 -17.29
C ILE F 59 16.96 37.70 -17.02
N SER F 60 16.18 36.61 -17.10
CA SER F 60 16.69 35.27 -16.90
C SER F 60 16.86 34.50 -18.20
N THR F 61 15.83 34.46 -19.03
CA THR F 61 15.87 33.74 -20.30
C THR F 61 15.15 34.56 -21.37
N VAL F 62 15.72 34.59 -22.57
CA VAL F 62 15.16 35.30 -23.71
C VAL F 62 14.83 34.26 -24.77
N VAL F 63 13.55 33.99 -24.97
CA VAL F 63 13.09 32.99 -25.92
C VAL F 63 12.37 33.71 -27.06
N PRO F 64 12.88 33.66 -28.29
CA PRO F 64 12.12 34.21 -29.41
C PRO F 64 10.96 33.29 -29.79
N SER F 65 9.85 33.91 -30.20
CA SER F 65 8.67 33.15 -30.58
C SER F 65 8.93 32.25 -31.78
N ARG F 66 9.93 32.57 -32.60
CA ARG F 66 10.27 31.78 -33.77
C ARG F 66 11.76 31.43 -33.76
N PRO F 67 12.13 30.21 -34.12
CA PRO F 67 13.57 29.87 -34.18
C PRO F 67 14.31 30.82 -35.10
N VAL F 68 15.32 31.48 -34.54
CA VAL F 68 16.11 32.47 -35.28
C VAL F 68 17.59 32.21 -35.02
N ARG F 69 18.40 32.41 -36.04
CA ARG F 69 19.84 32.24 -35.96
C ARG F 69 20.54 33.59 -36.14
N LEU F 70 21.68 33.73 -35.48
CA LEU F 70 22.46 34.96 -35.55
C LEU F 70 22.71 35.39 -37.00
N SER G 6 -18.52 -6.96 26.60
CA SER G 6 -17.74 -7.46 25.47
C SER G 6 -17.17 -8.84 25.78
N LEU G 7 -16.91 -9.62 24.72
CA LEU G 7 -16.34 -10.95 24.90
C LEU G 7 -14.87 -10.88 25.30
N GLN G 8 -14.26 -9.70 25.29
CA GLN G 8 -12.87 -9.57 25.71
C GLN G 8 -12.71 -9.95 27.17
N ASP G 9 -13.62 -9.49 28.04
CA ASP G 9 -13.47 -9.72 29.47
C ASP G 9 -13.68 -11.18 29.84
N PRO G 10 -14.68 -11.89 29.32
CA PRO G 10 -14.75 -13.34 29.55
C PRO G 10 -13.47 -14.06 29.16
N TYR G 11 -12.96 -13.81 27.96
CA TYR G 11 -11.73 -14.43 27.50
C TYR G 11 -10.58 -14.16 28.45
N LEU G 12 -10.39 -12.89 28.82
CA LEU G 12 -9.24 -12.52 29.64
C LEU G 12 -9.36 -13.12 31.03
N ASN G 13 -10.54 -13.05 31.66
CA ASN G 13 -10.67 -13.59 33.00
C ASN G 13 -10.62 -15.12 33.00
N THR G 14 -11.01 -15.76 31.90
CA THR G 14 -10.85 -17.20 31.80
C THR G 14 -9.36 -17.57 31.74
N LEU G 15 -8.60 -16.86 30.90
CA LEU G 15 -7.16 -17.09 30.87
C LEU G 15 -6.53 -16.82 32.23
N ARG G 16 -7.05 -15.83 32.96
CA ARG G 16 -6.50 -15.52 34.29
C ARG G 16 -6.82 -16.63 35.28
N LYS G 17 -8.04 -17.14 35.28
CA LYS G 17 -8.42 -18.20 36.20
C LYS G 17 -7.65 -19.49 35.91
N GLU G 18 -7.57 -19.87 34.64
CA GLU G 18 -6.85 -21.07 34.26
C GLU G 18 -5.33 -20.84 34.17
N ARG G 19 -4.88 -19.59 34.18
CA ARG G 19 -3.46 -19.26 34.16
C ARG G 19 -2.77 -19.95 32.99
N VAL G 20 -3.40 -19.90 31.83
CA VAL G 20 -2.83 -20.54 30.63
C VAL G 20 -1.70 -19.67 30.09
N PRO G 21 -0.52 -20.22 29.78
CA PRO G 21 0.51 -19.40 29.14
C PRO G 21 0.08 -18.90 27.77
N VAL G 22 -0.13 -17.59 27.64
CA VAL G 22 -0.63 -16.99 26.42
C VAL G 22 0.50 -16.22 25.75
N SER G 23 0.43 -16.15 24.41
CA SER G 23 1.39 -15.39 23.61
C SER G 23 0.66 -14.21 22.99
N ILE G 24 1.02 -13.00 23.40
CA ILE G 24 0.37 -11.77 22.94
C ILE G 24 1.23 -11.13 21.87
N TYR G 25 0.61 -10.81 20.74
CA TYR G 25 1.25 -10.10 19.65
C TYR G 25 0.85 -8.63 19.70
N LEU G 26 1.82 -7.74 19.68
CA LEU G 26 1.56 -6.31 19.72
C LEU G 26 1.37 -5.76 18.31
N VAL G 27 0.94 -4.50 18.23
CA VAL G 27 0.70 -3.87 16.95
C VAL G 27 1.94 -3.91 16.08
N ASN G 28 3.12 -3.77 16.69
CA ASN G 28 4.36 -3.86 15.92
C ASN G 28 4.58 -5.28 15.41
N GLY G 29 4.24 -6.27 16.22
CA GLY G 29 4.40 -7.68 15.86
C GLY G 29 5.29 -8.46 16.80
N ILE G 30 6.02 -7.80 17.70
CA ILE G 30 6.87 -8.53 18.64
C ILE G 30 6.00 -9.47 19.46
N LYS G 31 6.47 -10.70 19.65
CA LYS G 31 5.70 -11.75 20.30
C LYS G 31 6.01 -11.74 21.79
N LEU G 32 5.02 -11.40 22.61
CA LEU G 32 5.15 -11.49 24.05
C LEU G 32 4.67 -12.85 24.55
N GLN G 33 5.09 -13.19 25.76
CA GLN G 33 4.72 -14.44 26.39
C GLN G 33 4.61 -14.26 27.88
N GLY G 34 3.66 -14.96 28.49
CA GLY G 34 3.43 -14.88 29.92
C GLY G 34 1.96 -14.93 30.24
N GLN G 35 1.68 -15.27 31.49
CA GLN G 35 0.29 -15.35 31.95
C GLN G 35 -0.26 -13.95 32.19
N ILE G 36 -1.57 -13.89 32.36
CA ILE G 36 -2.29 -12.63 32.59
C ILE G 36 -2.68 -12.60 34.07
N GLU G 37 -2.14 -11.63 34.81
CA GLU G 37 -2.47 -11.49 36.22
C GLU G 37 -3.80 -10.77 36.41
N SER G 38 -3.90 -9.54 35.91
CA SER G 38 -5.12 -8.75 36.03
C SER G 38 -5.30 -7.94 34.76
N PHE G 39 -6.50 -7.38 34.60
CA PHE G 39 -6.83 -6.61 33.41
C PHE G 39 -8.05 -5.76 33.68
N ASP G 40 -8.18 -4.67 32.92
CA ASP G 40 -9.34 -3.80 33.00
C ASP G 40 -9.70 -3.41 31.57
N GLN G 41 -10.31 -2.22 31.41
CA GLN G 41 -10.70 -1.76 30.08
C GLN G 41 -9.57 -1.00 29.41
N PHE G 42 -8.60 -0.50 30.18
CA PHE G 42 -7.55 0.34 29.63
C PHE G 42 -6.20 -0.35 29.51
N VAL G 43 -5.86 -1.25 30.44
CA VAL G 43 -4.53 -1.85 30.50
C VAL G 43 -4.66 -3.34 30.82
N ILE G 44 -3.56 -4.05 30.61
CA ILE G 44 -3.42 -5.44 31.01
C ILE G 44 -2.14 -5.57 31.82
N LEU G 45 -2.20 -6.40 32.87
CA LEU G 45 -1.07 -6.60 33.78
C LEU G 45 -0.60 -8.04 33.62
N LEU G 46 0.33 -8.27 32.69
CA LEU G 46 0.85 -9.60 32.47
C LEU G 46 1.56 -10.11 33.72
N LYS G 47 1.56 -11.43 33.89
CA LYS G 47 2.25 -12.09 35.01
C LYS G 47 3.65 -12.55 34.61
N ASN G 48 4.27 -11.88 33.65
CA ASN G 48 5.59 -12.26 33.20
C ASN G 48 6.62 -12.06 34.31
N THR G 49 7.85 -12.49 34.05
CA THR G 49 8.93 -12.32 35.01
C THR G 49 9.06 -10.86 35.42
N VAL G 50 8.77 -9.95 34.50
CA VAL G 50 8.82 -8.51 34.79
C VAL G 50 7.44 -7.88 34.87
N SER G 51 6.40 -8.58 34.46
CA SER G 51 5.02 -8.06 34.54
C SER G 51 4.90 -6.76 33.76
N GLN G 52 5.36 -6.77 32.52
CA GLN G 52 5.29 -5.58 31.67
C GLN G 52 3.83 -5.20 31.43
N MET G 53 3.48 -3.96 31.77
CA MET G 53 2.13 -3.46 31.59
C MET G 53 1.99 -2.84 30.21
N VAL G 54 0.84 -3.06 29.58
CA VAL G 54 0.55 -2.59 28.23
C VAL G 54 -0.85 -2.00 28.21
N TYR G 55 -1.04 -0.94 27.42
CA TYR G 55 -2.33 -0.33 27.27
C TYR G 55 -3.14 -1.02 26.17
N LYS G 56 -4.45 -0.88 26.23
CA LYS G 56 -5.35 -1.59 25.34
C LYS G 56 -5.44 -0.96 23.95
N HIS G 57 -4.87 0.23 23.74
CA HIS G 57 -4.97 0.91 22.46
C HIS G 57 -3.87 0.49 21.48
N ALA G 58 -3.12 -0.57 21.78
CA ALA G 58 -2.05 -1.05 20.92
C ALA G 58 -1.92 -2.57 21.08
N ILE G 59 -3.04 -3.27 20.91
CA ILE G 59 -3.08 -4.73 20.99
C ILE G 59 -3.51 -5.28 19.64
N SER G 60 -3.01 -6.46 19.32
CA SER G 60 -3.32 -7.12 18.04
C SER G 60 -4.15 -8.37 18.27
N THR G 61 -3.59 -9.39 18.93
CA THR G 61 -4.29 -10.65 19.13
C THR G 61 -3.69 -11.36 20.34
N VAL G 62 -4.55 -11.90 21.20
CA VAL G 62 -4.13 -12.68 22.35
C VAL G 62 -4.53 -14.13 22.10
N VAL G 63 -3.57 -15.04 22.19
CA VAL G 63 -3.80 -16.44 21.88
C VAL G 63 -3.18 -17.31 22.98
N PRO G 64 -3.87 -18.36 23.45
CA PRO G 64 -3.25 -19.26 24.43
C PRO G 64 -2.39 -20.31 23.74
N SER G 65 -1.22 -20.59 24.32
CA SER G 65 -0.33 -21.57 23.75
C SER G 65 -0.93 -22.97 23.76
N ARG G 66 -1.89 -23.24 24.66
CA ARG G 66 -2.52 -24.54 24.78
C ARG G 66 -4.02 -24.37 24.59
N PRO G 67 -4.72 -25.37 24.02
CA PRO G 67 -6.18 -25.27 23.83
C PRO G 67 -6.93 -25.38 25.15
N GLY H 4 -14.11 1.32 35.95
CA GLY H 4 -13.20 1.56 34.84
C GLY H 4 -11.97 2.35 35.24
N HIS H 5 -10.92 2.25 34.43
CA HIS H 5 -9.66 2.95 34.67
C HIS H 5 -9.23 2.89 36.13
N SER H 6 -9.56 1.78 36.80
CA SER H 6 -9.24 1.65 38.22
C SER H 6 -7.92 0.89 38.44
N LEU H 7 -7.34 0.32 37.39
CA LEU H 7 -6.16 -0.52 37.52
C LEU H 7 -4.87 0.19 37.11
N GLN H 8 -4.89 0.95 36.01
CA GLN H 8 -3.66 1.63 35.58
C GLN H 8 -3.29 2.75 36.54
N ASP H 9 -4.30 3.40 37.15
CA ASP H 9 -4.01 4.51 38.06
C ASP H 9 -3.14 4.05 39.23
N PRO H 10 -3.54 3.06 40.03
CA PRO H 10 -2.67 2.64 41.15
C PRO H 10 -1.34 2.07 40.69
N TYR H 11 -1.33 1.33 39.58
CA TYR H 11 -0.08 0.78 39.07
C TYR H 11 0.93 1.89 38.78
N LEU H 12 0.52 2.87 37.99
CA LEU H 12 1.43 3.97 37.65
C LEU H 12 1.76 4.81 38.87
N ASN H 13 0.81 4.99 39.80
CA ASN H 13 1.08 5.76 41.00
C ASN H 13 2.14 5.08 41.86
N THR H 14 2.08 3.74 41.96
CA THR H 14 3.09 3.02 42.70
C THR H 14 4.44 3.06 41.99
N LEU H 15 4.44 2.93 40.66
CA LEU H 15 5.68 3.03 39.91
C LEU H 15 6.32 4.40 40.12
N ARG H 16 5.50 5.46 40.21
CA ARG H 16 6.03 6.80 40.38
C ARG H 16 6.53 7.01 41.81
N LYS H 17 5.76 6.54 42.79
CA LYS H 17 6.12 6.76 44.20
C LYS H 17 7.51 6.22 44.49
N GLU H 18 7.75 4.97 44.14
CA GLU H 18 9.03 4.32 44.40
C GLU H 18 10.11 4.71 43.40
N ARG H 19 9.77 5.48 42.37
CA ARG H 19 10.72 5.91 41.35
C ARG H 19 11.46 4.72 40.77
N VAL H 20 10.70 3.81 40.17
CA VAL H 20 11.23 2.59 39.59
C VAL H 20 11.64 2.89 38.14
N PRO H 21 12.83 2.50 37.70
CA PRO H 21 13.22 2.77 36.31
C PRO H 21 12.44 1.92 35.32
N VAL H 22 11.55 2.57 34.56
CA VAL H 22 10.72 1.88 33.58
C VAL H 22 11.33 2.06 32.20
N SER H 23 11.11 1.07 31.33
CA SER H 23 11.61 1.10 29.96
C SER H 23 10.40 1.07 29.03
N ILE H 24 9.90 2.25 28.68
CA ILE H 24 8.72 2.37 27.84
C ILE H 24 9.13 2.08 26.40
N TYR H 25 8.69 0.94 25.87
CA TYR H 25 8.95 0.56 24.49
C TYR H 25 7.82 1.11 23.62
N LEU H 26 8.14 2.10 22.78
CA LEU H 26 7.14 2.68 21.91
C LEU H 26 6.70 1.68 20.85
N VAL H 27 5.65 2.05 20.11
CA VAL H 27 5.16 1.19 19.04
C VAL H 27 6.18 1.07 17.91
N ASN H 28 7.16 1.96 17.84
CA ASN H 28 8.18 1.92 16.81
C ASN H 28 9.40 1.10 17.23
N GLY H 29 9.40 0.52 18.42
CA GLY H 29 10.53 -0.28 18.85
C GLY H 29 11.68 0.53 19.40
N ILE H 30 11.40 1.62 20.12
CA ILE H 30 12.42 2.49 20.68
C ILE H 30 12.38 2.39 22.20
N LYS H 31 13.55 2.34 22.82
CA LYS H 31 13.63 2.28 24.27
C LYS H 31 13.50 3.68 24.86
N LEU H 32 12.93 3.75 26.07
CA LEU H 32 12.77 5.00 26.80
C LEU H 32 12.97 4.70 28.29
N GLN H 33 14.24 4.63 28.70
CA GLN H 33 14.56 4.35 30.10
C GLN H 33 14.45 5.62 30.91
N GLY H 34 13.71 5.56 32.02
CA GLY H 34 13.54 6.71 32.88
C GLY H 34 12.56 6.41 33.99
N GLN H 35 12.36 7.40 34.85
CA GLN H 35 11.43 7.30 35.97
C GLN H 35 10.21 8.16 35.68
N ILE H 36 9.03 7.64 36.01
CA ILE H 36 7.80 8.40 35.83
C ILE H 36 7.76 9.51 36.86
N GLU H 37 7.77 10.76 36.41
CA GLU H 37 7.67 11.90 37.32
C GLU H 37 6.23 12.17 37.69
N SER H 38 5.31 11.93 36.77
CA SER H 38 3.88 12.12 37.01
C SER H 38 3.14 11.49 35.83
N PHE H 39 1.81 11.54 35.89
CA PHE H 39 0.99 10.96 34.84
C PHE H 39 -0.42 11.53 34.94
N ASP H 40 -1.08 11.61 33.80
CA ASP H 40 -2.46 12.12 33.72
C ASP H 40 -3.09 11.55 32.46
N GLN H 41 -4.22 12.12 32.06
CA GLN H 41 -4.92 11.64 30.87
C GLN H 41 -4.15 12.02 29.61
N PHE H 42 -3.98 11.05 28.72
CA PHE H 42 -3.30 11.26 27.44
C PHE H 42 -1.87 11.75 27.61
N VAL H 43 -1.26 11.54 28.77
CA VAL H 43 0.09 12.05 29.02
C VAL H 43 0.71 11.33 30.21
N ILE H 44 2.01 11.06 30.10
CA ILE H 44 2.84 10.66 31.24
C ILE H 44 4.10 11.51 31.20
N LEU H 45 4.71 11.76 32.37
CA LEU H 45 5.86 12.65 32.45
C LEU H 45 7.06 11.81 32.92
N LEU H 46 8.02 11.64 32.01
CA LEU H 46 9.24 10.92 32.35
C LEU H 46 10.17 11.79 33.20
N LYS H 47 11.13 11.15 33.86
CA LYS H 47 12.16 11.85 34.62
C LYS H 47 13.50 11.82 33.91
N ASN H 48 13.49 11.86 32.58
CA ASN H 48 14.75 11.89 31.83
C ASN H 48 15.49 13.19 32.11
N THR H 49 16.74 13.24 31.64
CA THR H 49 17.54 14.45 31.81
C THR H 49 16.80 15.68 31.31
N VAL H 50 15.94 15.50 30.31
CA VAL H 50 15.11 16.60 29.80
C VAL H 50 13.66 16.47 30.23
N SER H 51 13.24 15.33 30.78
CA SER H 51 11.86 15.12 31.22
C SER H 51 10.90 15.28 30.06
N GLN H 52 11.19 14.57 28.97
CA GLN H 52 10.34 14.63 27.78
C GLN H 52 8.94 14.14 28.10
N MET H 53 7.94 14.89 27.62
CA MET H 53 6.54 14.53 27.84
C MET H 53 6.09 13.59 26.73
N VAL H 54 5.57 12.42 27.12
CA VAL H 54 5.12 11.40 26.17
C VAL H 54 3.61 11.36 26.16
N TYR H 55 3.05 10.82 25.08
CA TYR H 55 1.61 10.68 24.93
C TYR H 55 1.22 9.22 25.07
N LYS H 56 0.03 8.98 25.66
CA LYS H 56 -0.41 7.61 25.89
C LYS H 56 -0.65 6.88 24.59
N HIS H 57 -1.34 7.51 23.64
CA HIS H 57 -1.69 6.85 22.39
C HIS H 57 -0.46 6.25 21.71
N ALA H 58 0.70 6.87 21.89
CA ALA H 58 1.92 6.35 21.28
C ALA H 58 2.55 5.25 22.14
N ILE H 59 2.46 5.38 23.47
CA ILE H 59 3.05 4.39 24.35
C ILE H 59 2.42 3.03 24.06
N SER H 60 3.20 1.97 24.27
CA SER H 60 2.74 0.61 24.03
C SER H 60 2.90 -0.24 25.29
N THR H 61 4.13 -0.38 25.79
CA THR H 61 4.41 -1.21 26.95
C THR H 61 5.10 -0.38 28.03
N VAL H 62 4.94 -0.81 29.28
CA VAL H 62 5.58 -0.17 30.42
C VAL H 62 6.15 -1.25 31.33
N VAL H 63 7.42 -1.61 31.11
CA VAL H 63 8.07 -2.68 31.84
C VAL H 63 9.03 -2.07 32.85
N PRO H 64 8.92 -2.37 34.15
CA PRO H 64 9.92 -1.90 35.11
C PRO H 64 11.13 -2.81 35.18
N SER H 65 12.32 -2.23 35.24
CA SER H 65 13.54 -3.04 35.32
C SER H 65 13.51 -3.98 36.51
N ARG H 66 13.03 -3.48 37.65
CA ARG H 66 12.93 -4.28 38.87
C ARG H 66 11.47 -4.60 39.15
N PRO H 67 11.09 -5.86 39.37
CA PRO H 67 9.68 -6.17 39.62
C PRO H 67 9.21 -5.56 40.92
N VAL H 68 8.17 -4.73 40.83
CA VAL H 68 7.60 -4.05 41.97
C VAL H 68 6.29 -4.73 42.35
N ARG H 69 5.91 -4.59 43.63
CA ARG H 69 4.68 -5.18 44.14
C ARG H 69 3.53 -4.20 43.97
N LEU H 70 2.34 -4.74 43.73
CA LEU H 70 1.14 -3.93 43.56
C LEU H 70 0.74 -3.28 44.88
N HIS I 5 -5.68 16.30 31.32
CA HIS I 5 -6.35 17.56 31.60
C HIS I 5 -5.55 18.42 32.57
N SER I 6 -5.03 17.78 33.63
CA SER I 6 -4.36 18.53 34.68
C SER I 6 -2.88 18.76 34.36
N LEU I 7 -2.29 17.93 33.51
CA LEU I 7 -0.86 18.00 33.23
C LEU I 7 -0.54 18.50 31.83
N GLN I 8 -1.23 18.01 30.80
CA GLN I 8 -0.90 18.37 29.43
C GLN I 8 -1.07 19.87 29.19
N ASP I 9 -2.23 20.41 29.57
CA ASP I 9 -2.52 21.81 29.26
C ASP I 9 -1.57 22.77 29.95
N PRO I 10 -1.31 22.65 31.26
CA PRO I 10 -0.31 23.55 31.88
C PRO I 10 1.07 23.42 31.29
N TYR I 11 1.52 22.18 31.02
CA TYR I 11 2.84 21.98 30.44
C TYR I 11 2.96 22.68 29.09
N LEU I 12 1.98 22.48 28.21
CA LEU I 12 2.03 23.12 26.91
C LEU I 12 1.88 24.63 27.00
N ASN I 13 1.06 25.13 27.93
CA ASN I 13 0.93 26.58 28.09
C ASN I 13 2.24 27.19 28.56
N THR I 14 2.95 26.50 29.45
CA THR I 14 4.25 26.99 29.89
C THR I 14 5.25 26.96 28.75
N LEU I 15 5.29 25.87 27.98
CA LEU I 15 6.19 25.80 26.84
C LEU I 15 5.90 26.94 25.85
N ARG I 16 4.63 27.29 25.68
CA ARG I 16 4.28 28.36 24.76
C ARG I 16 4.69 29.72 25.32
N LYS I 17 4.33 29.99 26.58
CA LYS I 17 4.66 31.29 27.18
C LYS I 17 6.16 31.53 27.19
N GLU I 18 6.94 30.53 27.63
CA GLU I 18 8.38 30.67 27.66
C GLU I 18 9.03 30.56 26.28
N ARG I 19 8.28 30.07 25.28
CA ARG I 19 8.81 29.95 23.92
C ARG I 19 10.05 29.07 23.89
N VAL I 20 10.01 27.96 24.62
CA VAL I 20 11.15 27.06 24.67
C VAL I 20 11.27 26.33 23.34
N PRO I 21 12.46 26.30 22.70
CA PRO I 21 12.61 25.49 21.48
C PRO I 21 12.45 24.00 21.76
N VAL I 22 11.35 23.42 21.30
CA VAL I 22 11.05 22.01 21.56
C VAL I 22 11.36 21.20 20.32
N SER I 23 11.66 19.92 20.53
CA SER I 23 11.92 18.97 19.46
C SER I 23 10.89 17.85 19.56
N ILE I 24 9.99 17.78 18.58
CA ILE I 24 8.91 16.80 18.56
C ILE I 24 9.30 15.66 17.62
N TYR I 25 8.96 14.44 18.02
CA TYR I 25 9.21 13.25 17.22
C TYR I 25 7.88 12.59 16.88
N LEU I 26 7.67 12.29 15.60
CA LEU I 26 6.43 11.68 15.17
C LEU I 26 6.34 10.23 15.63
N VAL I 27 5.14 9.66 15.50
CA VAL I 27 4.96 8.26 15.86
C VAL I 27 5.89 7.37 15.03
N ASN I 28 6.11 7.73 13.76
CA ASN I 28 7.03 6.98 12.92
C ASN I 28 8.48 7.16 13.35
N GLY I 29 8.77 8.24 14.09
CA GLY I 29 10.11 8.52 14.56
C GLY I 29 10.77 9.71 13.88
N ILE I 30 10.12 10.32 12.89
CA ILE I 30 10.71 11.47 12.22
C ILE I 30 10.89 12.60 13.23
N LYS I 31 12.08 13.20 13.24
CA LYS I 31 12.42 14.26 14.19
C LYS I 31 12.01 15.61 13.61
N LEU I 32 11.22 16.35 14.36
CA LEU I 32 10.81 17.70 13.99
C LEU I 32 11.35 18.71 15.00
N GLN I 33 11.34 19.98 14.58
CA GLN I 33 11.84 21.07 15.41
C GLN I 33 10.97 22.29 15.20
N GLY I 34 10.98 23.18 16.19
CA GLY I 34 10.21 24.41 16.12
C GLY I 34 9.62 24.81 17.45
N GLN I 35 9.10 26.03 17.53
CA GLN I 35 8.50 26.52 18.76
C GLN I 35 7.00 26.28 18.76
N ILE I 36 6.45 26.09 19.95
CA ILE I 36 5.00 25.88 20.10
C ILE I 36 4.32 27.24 20.06
N GLU I 37 3.59 27.50 18.98
CA GLU I 37 2.91 28.79 18.83
C GLU I 37 1.56 28.79 19.54
N SER I 38 0.73 27.77 19.28
CA SER I 38 -0.58 27.67 19.91
C SER I 38 -0.91 26.20 20.09
N PHE I 39 -1.61 25.89 21.18
CA PHE I 39 -2.02 24.53 21.50
C PHE I 39 -3.49 24.32 21.12
N ASP I 40 -3.88 23.05 21.06
CA ASP I 40 -5.24 22.68 20.74
C ASP I 40 -5.52 21.30 21.31
N GLN I 41 -6.81 21.01 21.50
CA GLN I 41 -7.20 19.71 22.05
C GLN I 41 -6.91 18.57 21.09
N PHE I 42 -6.65 18.85 19.82
CA PHE I 42 -6.42 17.82 18.82
C PHE I 42 -5.20 18.06 17.96
N VAL I 43 -4.61 19.25 18.01
CA VAL I 43 -3.51 19.59 17.10
C VAL I 43 -2.57 20.60 17.75
N ILE I 44 -1.49 20.94 17.05
CA ILE I 44 -0.53 21.93 17.51
C ILE I 44 0.10 22.58 16.29
N LEU I 45 0.53 23.82 16.45
CA LEU I 45 1.19 24.58 15.39
C LEU I 45 2.67 24.73 15.74
N LEU I 46 3.53 24.16 14.90
CA LEU I 46 4.98 24.17 15.13
C LEU I 46 5.60 25.08 14.07
N LYS I 47 6.00 26.28 14.48
CA LYS I 47 6.59 27.25 13.56
C LYS I 47 8.09 27.01 13.50
N ASN I 48 8.57 26.50 12.37
CA ASN I 48 10.00 26.28 12.12
C ASN I 48 10.25 26.64 10.66
N THR I 49 10.68 27.88 10.43
CA THR I 49 10.85 28.40 9.08
C THR I 49 9.49 28.52 8.39
N VAL I 50 8.82 27.38 8.21
CA VAL I 50 7.47 27.33 7.66
C VAL I 50 6.57 26.67 8.70
N SER I 51 5.49 27.35 9.06
CA SER I 51 4.57 26.82 10.06
C SER I 51 3.92 25.54 9.56
N GLN I 52 4.13 24.45 10.31
CA GLN I 52 3.57 23.15 9.97
C GLN I 52 2.60 22.72 11.06
N MET I 53 1.41 22.29 10.64
CA MET I 53 0.37 21.85 11.55
C MET I 53 0.51 20.34 11.77
N VAL I 54 0.91 19.96 12.98
CA VAL I 54 1.11 18.55 13.33
C VAL I 54 -0.08 18.08 14.16
N TYR I 55 -0.54 16.86 13.90
CA TYR I 55 -1.67 16.31 14.61
C TYR I 55 -1.21 15.59 15.88
N LYS I 56 -2.01 15.70 16.93
CA LYS I 56 -1.62 15.14 18.23
C LYS I 56 -1.54 13.62 18.17
N HIS I 57 -2.39 12.98 17.37
CA HIS I 57 -2.43 11.53 17.31
C HIS I 57 -1.17 10.97 16.65
N ALA I 58 -0.35 11.84 16.06
CA ALA I 58 0.88 11.44 15.42
C ALA I 58 2.13 11.86 16.19
N ILE I 59 1.97 12.40 17.41
CA ILE I 59 3.08 12.86 18.22
C ILE I 59 3.49 11.73 19.14
N SER I 60 4.76 11.30 19.05
CA SER I 60 5.26 10.28 19.96
C SER I 60 5.59 10.89 21.31
N THR I 61 6.43 11.94 21.32
CA THR I 61 6.79 12.62 22.54
C THR I 61 7.14 14.07 22.22
N VAL I 62 7.31 14.87 23.27
CA VAL I 62 7.68 16.28 23.15
C VAL I 62 8.96 16.47 23.97
N VAL I 63 10.08 16.65 23.28
CA VAL I 63 11.38 16.79 23.91
C VAL I 63 11.71 18.29 23.96
N PRO I 64 11.71 18.93 25.13
CA PRO I 64 12.14 20.33 25.19
C PRO I 64 13.65 20.47 25.22
N SER I 65 14.20 21.30 24.32
CA SER I 65 15.64 21.48 24.27
C SER I 65 16.20 22.07 25.55
N ARG I 66 15.36 22.69 26.39
CA ARG I 66 15.78 23.28 27.64
C ARG I 66 14.94 22.72 28.79
N PRO I 67 15.55 22.43 29.93
CA PRO I 67 14.75 21.97 31.08
C PRO I 67 13.67 22.99 31.44
N VAL I 68 12.50 22.48 31.78
CA VAL I 68 11.35 23.31 32.13
C VAL I 68 10.84 22.89 33.50
N ARG I 69 10.33 23.88 34.24
CA ARG I 69 9.77 23.66 35.57
C ARG I 69 8.27 23.95 35.54
N LEU I 70 7.48 23.01 36.05
CA LEU I 70 6.04 23.21 36.09
C LEU I 70 5.68 24.24 37.17
N PRO I 71 4.50 24.89 37.04
CA PRO I 71 4.09 25.89 38.01
C PRO I 71 3.57 25.29 39.32
N GLN J 8 -7.88 24.44 15.00
CA GLN J 8 -8.08 23.25 14.20
C GLN J 8 -8.91 23.57 12.97
N ASP J 9 -10.13 24.05 13.19
CA ASP J 9 -11.05 24.37 12.09
C ASP J 9 -10.66 25.67 11.41
N PRO J 10 -10.36 26.74 12.17
CA PRO J 10 -10.03 28.01 11.49
C PRO J 10 -8.78 27.93 10.64
N TYR J 11 -7.74 27.24 11.13
CA TYR J 11 -6.49 27.15 10.37
C TYR J 11 -6.71 26.45 9.04
N LEU J 12 -7.37 25.29 9.06
CA LEU J 12 -7.61 24.56 7.81
C LEU J 12 -8.59 25.32 6.92
N ASN J 13 -9.55 26.02 7.50
CA ASN J 13 -10.47 26.82 6.69
C ASN J 13 -9.71 27.92 5.96
N THR J 14 -8.78 28.58 6.65
CA THR J 14 -7.96 29.59 5.98
C THR J 14 -7.07 28.97 4.92
N LEU J 15 -6.47 27.81 5.21
CA LEU J 15 -5.65 27.13 4.21
C LEU J 15 -6.48 26.84 2.95
N ARG J 16 -7.74 26.45 3.14
CA ARG J 16 -8.58 26.11 1.99
C ARG J 16 -9.00 27.34 1.22
N LYS J 17 -9.53 28.35 1.92
CA LYS J 17 -10.06 29.53 1.23
C LYS J 17 -8.97 30.30 0.50
N GLU J 18 -7.81 30.46 1.12
CA GLU J 18 -6.72 31.22 0.53
C GLU J 18 -6.02 30.48 -0.61
N ARG J 19 -6.36 29.21 -0.84
CA ARG J 19 -5.79 28.43 -1.94
C ARG J 19 -4.27 28.37 -1.85
N VAL J 20 -3.77 28.10 -0.65
CA VAL J 20 -2.32 27.98 -0.46
C VAL J 20 -1.87 26.59 -0.89
N PRO J 21 -0.75 26.46 -1.63
CA PRO J 21 -0.26 25.12 -1.96
C PRO J 21 0.16 24.34 -0.73
N VAL J 22 -0.53 23.25 -0.44
CA VAL J 22 -0.30 22.46 0.76
C VAL J 22 0.38 21.15 0.39
N SER J 23 1.28 20.70 1.25
CA SER J 23 1.93 19.40 1.13
C SER J 23 1.82 18.67 2.45
N ILE J 24 1.19 17.50 2.42
CA ILE J 24 0.84 16.75 3.64
C ILE J 24 1.69 15.49 3.69
N TYR J 25 2.36 15.29 4.82
CA TYR J 25 3.07 14.05 5.09
C TYR J 25 2.18 13.14 5.92
N LEU J 26 1.84 11.98 5.37
CA LEU J 26 0.93 11.05 6.02
C LEU J 26 1.66 10.34 7.17
N VAL J 27 0.91 9.58 7.97
CA VAL J 27 1.52 8.80 9.05
C VAL J 27 2.49 7.76 8.52
N ASN J 28 2.26 7.27 7.30
CA ASN J 28 3.21 6.36 6.66
C ASN J 28 4.42 7.10 6.10
N GLY J 29 4.42 8.42 6.14
CA GLY J 29 5.51 9.21 5.62
C GLY J 29 5.35 9.71 4.21
N ILE J 30 4.31 9.25 3.49
CA ILE J 30 4.10 9.63 2.11
C ILE J 30 3.92 11.14 2.01
N LYS J 31 4.73 11.78 1.16
CA LYS J 31 4.68 13.22 0.96
C LYS J 31 3.61 13.53 -0.09
N LEU J 32 2.42 13.86 0.37
CA LEU J 32 1.33 14.21 -0.54
C LEU J 32 1.41 15.68 -0.92
N GLN J 33 0.98 15.98 -2.14
CA GLN J 33 0.96 17.34 -2.66
C GLN J 33 -0.39 17.61 -3.30
N GLY J 34 -0.86 18.83 -3.16
CA GLY J 34 -2.14 19.22 -3.71
C GLY J 34 -2.72 20.40 -2.94
N GLN J 35 -3.90 20.81 -3.39
CA GLN J 35 -4.61 21.95 -2.80
C GLN J 35 -5.83 21.46 -2.03
N ILE J 36 -6.17 22.19 -0.97
CA ILE J 36 -7.30 21.80 -0.12
C ILE J 36 -8.60 22.17 -0.83
N GLU J 37 -9.40 21.17 -1.16
CA GLU J 37 -10.70 21.38 -1.79
C GLU J 37 -11.79 21.54 -0.74
N SER J 38 -11.93 20.57 0.14
CA SER J 38 -12.92 20.62 1.22
C SER J 38 -12.49 19.67 2.31
N PHE J 39 -12.86 20.00 3.55
CA PHE J 39 -12.47 19.22 4.71
C PHE J 39 -13.65 19.10 5.65
N ASP J 40 -13.56 18.13 6.56
CA ASP J 40 -14.60 17.89 7.55
C ASP J 40 -13.95 17.24 8.76
N GLN J 41 -14.79 16.70 9.66
CA GLN J 41 -14.28 16.11 10.89
C GLN J 41 -13.29 14.99 10.61
N PHE J 42 -13.62 14.12 9.65
CA PHE J 42 -12.82 12.93 9.38
C PHE J 42 -12.57 12.74 7.88
N VAL J 43 -12.24 13.82 7.17
CA VAL J 43 -11.97 13.72 5.73
C VAL J 43 -11.43 15.06 5.27
N ILE J 44 -10.48 15.01 4.33
CA ILE J 44 -9.90 16.21 3.73
C ILE J 44 -9.71 15.92 2.24
N LEU J 45 -10.55 16.51 1.40
CA LEU J 45 -10.46 16.33 -0.04
C LEU J 45 -9.28 17.13 -0.58
N LEU J 46 -8.29 16.43 -1.14
CA LEU J 46 -7.10 17.06 -1.71
C LEU J 46 -7.24 17.10 -3.22
N LYS J 47 -7.29 18.30 -3.78
CA LYS J 47 -7.49 18.48 -5.22
C LYS J 47 -6.12 18.56 -5.89
N ASN J 48 -5.74 17.47 -6.57
CA ASN J 48 -4.52 17.45 -7.38
C ASN J 48 -4.77 16.48 -8.53
N THR J 49 -5.16 17.03 -9.68
CA THR J 49 -5.56 16.23 -10.83
C THR J 49 -6.83 15.45 -10.52
N VAL J 50 -6.76 14.55 -9.53
CA VAL J 50 -7.90 13.78 -9.09
C VAL J 50 -8.25 14.18 -7.67
N SER J 51 -9.46 13.82 -7.24
CA SER J 51 -9.93 14.12 -5.89
C SER J 51 -9.39 13.07 -4.92
N GLN J 52 -8.10 13.21 -4.61
CA GLN J 52 -7.41 12.27 -3.73
C GLN J 52 -7.84 12.56 -2.29
N MET J 53 -8.89 11.87 -1.86
CA MET J 53 -9.38 12.02 -0.50
C MET J 53 -8.34 11.50 0.49
N VAL J 54 -8.23 12.20 1.63
CA VAL J 54 -7.28 11.84 2.68
C VAL J 54 -8.02 11.89 4.01
N TYR J 55 -7.78 10.88 4.85
CA TYR J 55 -8.43 10.81 6.15
C TYR J 55 -7.66 11.64 7.18
N LYS J 56 -8.39 12.10 8.20
CA LYS J 56 -7.77 12.93 9.23
C LYS J 56 -6.85 12.10 10.13
N HIS J 57 -7.25 10.87 10.45
CA HIS J 57 -6.48 10.05 11.37
C HIS J 57 -5.12 9.68 10.81
N ALA J 58 -4.94 9.72 9.49
CA ALA J 58 -3.69 9.31 8.85
C ALA J 58 -2.77 10.47 8.56
N ILE J 59 -3.19 11.71 8.82
CA ILE J 59 -2.37 12.88 8.53
C ILE J 59 -1.47 13.16 9.73
N SER J 60 -0.20 13.39 9.46
CA SER J 60 0.79 13.70 10.49
C SER J 60 1.17 15.17 10.51
N THR J 61 1.48 15.75 9.35
CA THR J 61 1.89 17.15 9.28
C THR J 61 1.27 17.78 8.03
N VAL J 62 0.96 19.07 8.14
CA VAL J 62 0.42 19.85 7.02
C VAL J 62 1.41 20.98 6.77
N VAL J 63 2.10 20.91 5.62
CA VAL J 63 3.18 21.85 5.32
C VAL J 63 2.72 22.82 4.24
N PRO J 64 2.21 24.00 4.60
CA PRO J 64 1.90 25.00 3.57
C PRO J 64 3.16 25.61 2.99
N SER J 65 3.06 26.05 1.73
CA SER J 65 4.23 26.60 1.05
C SER J 65 4.62 27.96 1.60
N ARG J 66 3.69 28.71 2.18
CA ARG J 66 3.98 30.04 2.72
C ARG J 66 3.11 30.24 3.97
N PRO J 67 3.58 31.01 4.94
CA PRO J 67 2.78 31.21 6.17
C PRO J 67 1.50 31.96 5.88
N VAL J 68 0.57 31.88 6.83
CA VAL J 68 -0.73 32.54 6.69
C VAL J 68 -1.00 33.40 7.92
N LYS K 3 -23.45 14.74 9.69
CA LYS K 3 -22.70 15.22 10.84
C LYS K 3 -21.22 14.89 10.70
N GLY K 4 -20.86 13.64 10.98
CA GLY K 4 -19.46 13.25 10.90
C GLY K 4 -18.97 13.14 9.47
N HIS K 5 -19.78 12.55 8.60
CA HIS K 5 -19.43 12.33 7.20
C HIS K 5 -20.25 13.21 6.27
N SER K 6 -20.40 14.49 6.61
CA SER K 6 -21.11 15.40 5.74
C SER K 6 -20.43 15.52 4.38
N LEU K 7 -19.11 15.36 4.35
CA LEU K 7 -18.34 15.38 3.10
C LEU K 7 -17.90 14.00 2.65
N GLN K 8 -17.57 13.12 3.60
CA GLN K 8 -17.18 11.76 3.25
C GLN K 8 -18.35 10.98 2.66
N ASP K 9 -19.53 11.09 3.27
CA ASP K 9 -20.68 10.32 2.79
C ASP K 9 -21.03 10.66 1.35
N PRO K 10 -21.20 11.93 0.96
CA PRO K 10 -21.54 12.22 -0.44
C PRO K 10 -20.47 11.77 -1.41
N TYR K 11 -19.19 11.97 -1.08
CA TYR K 11 -18.11 11.54 -1.96
C TYR K 11 -18.15 10.04 -2.19
N LEU K 12 -18.26 9.26 -1.10
CA LEU K 12 -18.29 7.81 -1.24
C LEU K 12 -19.54 7.35 -1.98
N ASN K 13 -20.68 8.02 -1.73
CA ASN K 13 -21.90 7.63 -2.41
C ASN K 13 -21.80 7.91 -3.91
N THR K 14 -21.20 9.02 -4.28
CA THR K 14 -20.99 9.32 -5.70
C THR K 14 -20.06 8.30 -6.33
N LEU K 15 -18.96 7.97 -5.64
CA LEU K 15 -18.05 6.96 -6.18
C LEU K 15 -18.77 5.62 -6.37
N ARG K 16 -19.65 5.26 -5.43
CA ARG K 16 -20.37 4.01 -5.54
C ARG K 16 -21.34 4.04 -6.72
N LYS K 17 -22.18 5.07 -6.78
CA LYS K 17 -23.17 5.16 -7.86
C LYS K 17 -22.51 5.16 -9.22
N GLU K 18 -21.41 5.92 -9.36
CA GLU K 18 -20.70 5.97 -10.63
C GLU K 18 -19.81 4.75 -10.86
N ARG K 19 -19.54 3.96 -9.82
CA ARG K 19 -18.74 2.75 -9.95
C ARG K 19 -17.38 3.05 -10.57
N VAL K 20 -16.73 4.10 -10.08
CA VAL K 20 -15.40 4.45 -10.58
C VAL K 20 -14.36 3.52 -9.99
N PRO K 21 -13.50 2.88 -10.79
CA PRO K 21 -12.43 2.05 -10.21
C PRO K 21 -11.45 2.88 -9.38
N VAL K 22 -11.43 2.64 -8.07
CA VAL K 22 -10.57 3.39 -7.15
C VAL K 22 -9.41 2.50 -6.73
N SER K 23 -8.35 3.13 -6.24
CA SER K 23 -7.17 2.45 -5.72
C SER K 23 -6.92 2.95 -4.31
N ILE K 24 -7.20 2.10 -3.32
CA ILE K 24 -7.09 2.47 -1.91
C ILE K 24 -5.68 2.14 -1.43
N TYR K 25 -4.99 3.14 -0.91
CA TYR K 25 -3.66 2.96 -0.33
C TYR K 25 -3.81 2.83 1.18
N LEU K 26 -3.37 1.70 1.73
CA LEU K 26 -3.49 1.46 3.15
C LEU K 26 -2.39 2.20 3.91
N VAL K 27 -2.58 2.31 5.23
CA VAL K 27 -1.56 2.92 6.07
C VAL K 27 -0.27 2.12 6.00
N ASN K 28 -0.37 0.81 5.81
CA ASN K 28 0.82 -0.03 5.66
C ASN K 28 1.54 0.20 4.33
N GLY K 29 0.92 0.91 3.39
CA GLY K 29 1.51 1.16 2.10
C GLY K 29 1.11 0.20 1.01
N ILE K 30 0.18 -0.72 1.28
CA ILE K 30 -0.25 -1.70 0.29
C ILE K 30 -1.35 -1.08 -0.56
N LYS K 31 -1.10 -0.97 -1.86
CA LYS K 31 -2.11 -0.45 -2.78
C LYS K 31 -3.22 -1.47 -2.97
N LEU K 32 -4.47 -0.98 -3.03
CA LEU K 32 -5.65 -1.83 -3.17
C LEU K 32 -6.52 -1.28 -4.29
N GLN K 33 -6.33 -1.82 -5.49
CA GLN K 33 -7.19 -1.48 -6.62
C GLN K 33 -8.50 -2.24 -6.53
N GLY K 34 -9.52 -1.71 -7.17
CA GLY K 34 -10.83 -2.32 -7.18
C GLY K 34 -11.92 -1.28 -7.33
N GLN K 35 -13.14 -1.70 -7.04
CA GLN K 35 -14.32 -0.86 -7.14
C GLN K 35 -15.06 -0.83 -5.81
N ILE K 36 -15.61 0.33 -5.46
CA ILE K 36 -16.34 0.48 -4.20
C ILE K 36 -17.72 -0.15 -4.38
N GLU K 37 -17.99 -1.23 -3.65
CA GLU K 37 -19.30 -1.87 -3.70
C GLU K 37 -20.28 -1.19 -2.76
N SER K 38 -19.86 -0.97 -1.51
CA SER K 38 -20.71 -0.32 -0.52
C SER K 38 -19.83 0.25 0.57
N PHE K 39 -20.45 1.07 1.43
CA PHE K 39 -19.73 1.71 2.51
C PHE K 39 -20.69 1.97 3.67
N ASP K 40 -20.13 2.45 4.77
CA ASP K 40 -20.92 2.75 5.96
C ASP K 40 -20.12 3.75 6.80
N GLN K 41 -20.18 3.58 8.12
CA GLN K 41 -19.47 4.49 9.02
C GLN K 41 -17.97 4.19 9.05
N PHE K 42 -17.60 2.91 9.16
CA PHE K 42 -16.20 2.54 9.31
C PHE K 42 -15.84 1.30 8.48
N VAL K 43 -16.56 1.07 7.38
CA VAL K 43 -16.29 -0.09 6.53
C VAL K 43 -16.58 0.28 5.09
N ILE K 44 -15.83 -0.31 4.17
CA ILE K 44 -16.00 -0.10 2.73
C ILE K 44 -15.78 -1.45 2.05
N LEU K 45 -16.76 -1.89 1.26
CA LEU K 45 -16.67 -3.16 0.55
C LEU K 45 -16.06 -2.93 -0.83
N LEU K 46 -14.95 -3.59 -1.10
CA LEU K 46 -14.25 -3.49 -2.38
C LEU K 46 -14.49 -4.77 -3.17
N LYS K 47 -15.18 -4.65 -4.29
CA LYS K 47 -15.45 -5.80 -5.14
C LYS K 47 -14.33 -5.95 -6.16
N ASN K 48 -13.76 -7.15 -6.23
CA ASN K 48 -12.68 -7.45 -7.17
C ASN K 48 -12.66 -8.96 -7.36
N THR K 49 -11.47 -9.51 -7.60
CA THR K 49 -11.33 -10.96 -7.71
C THR K 49 -11.78 -11.62 -6.41
N VAL K 50 -11.64 -10.91 -5.30
CA VAL K 50 -12.07 -11.37 -3.98
C VAL K 50 -12.87 -10.24 -3.34
N SER K 51 -14.09 -10.56 -2.91
CA SER K 51 -14.91 -9.58 -2.20
C SER K 51 -14.21 -9.18 -0.91
N GLN K 52 -13.59 -8.00 -0.92
CA GLN K 52 -12.75 -7.55 0.17
C GLN K 52 -13.47 -6.49 1.00
N MET K 53 -13.20 -6.51 2.31
CA MET K 53 -13.75 -5.55 3.26
C MET K 53 -12.59 -4.87 3.96
N VAL K 54 -12.38 -3.60 3.65
CA VAL K 54 -11.27 -2.82 4.20
C VAL K 54 -11.83 -1.86 5.24
N TYR K 55 -11.26 -1.91 6.44
CA TYR K 55 -11.70 -1.02 7.51
C TYR K 55 -11.24 0.41 7.24
N LYS K 56 -12.11 1.38 7.52
CA LYS K 56 -11.80 2.77 7.22
C LYS K 56 -10.60 3.24 8.04
N HIS K 57 -10.52 2.83 9.32
CA HIS K 57 -9.47 3.33 10.19
C HIS K 57 -8.07 2.98 9.68
N ALA K 58 -7.96 2.03 8.75
CA ALA K 58 -6.68 1.63 8.19
C ALA K 58 -6.51 2.05 6.74
N ILE K 59 -7.34 2.96 6.26
CA ILE K 59 -7.29 3.44 4.88
C ILE K 59 -6.62 4.81 4.90
N SER K 60 -5.48 4.92 4.21
CA SER K 60 -4.76 6.18 4.17
C SER K 60 -5.36 7.12 3.11
N THR K 61 -5.38 6.68 1.85
CA THR K 61 -5.85 7.51 0.75
C THR K 61 -6.56 6.64 -0.27
N VAL K 62 -7.44 7.26 -1.05
CA VAL K 62 -8.12 6.62 -2.17
C VAL K 62 -7.89 7.50 -3.39
N VAL K 63 -7.57 6.86 -4.51
CA VAL K 63 -7.24 7.58 -5.75
C VAL K 63 -8.12 7.07 -6.88
N PRO K 64 -9.23 7.73 -7.19
CA PRO K 64 -10.04 7.30 -8.34
C PRO K 64 -9.28 7.50 -9.65
N SER K 65 -9.41 6.52 -10.54
CA SER K 65 -8.68 6.55 -11.81
C SER K 65 -9.19 7.62 -12.76
N ARG K 66 -10.40 8.13 -12.54
CA ARG K 66 -10.98 9.14 -13.41
C ARG K 66 -11.60 10.25 -12.54
N PRO K 67 -11.58 11.49 -12.99
CA PRO K 67 -12.14 12.57 -12.17
C PRO K 67 -13.64 12.41 -11.99
N VAL K 68 -14.13 12.83 -10.83
CA VAL K 68 -15.55 12.74 -10.51
C VAL K 68 -16.05 14.08 -10.01
N LYS L 3 -21.80 2.43 13.48
CA LYS L 3 -22.92 1.69 14.02
C LYS L 3 -24.25 2.31 13.59
N GLY L 4 -24.21 3.56 13.14
CA GLY L 4 -25.43 4.21 12.69
C GLY L 4 -26.09 3.45 11.56
N HIS L 5 -25.31 3.11 10.53
CA HIS L 5 -25.80 2.29 9.42
C HIS L 5 -25.54 0.81 9.64
N SER L 6 -24.40 0.46 10.23
CA SER L 6 -24.09 -0.93 10.60
C SER L 6 -24.13 -1.84 9.37
N LEU L 7 -23.23 -1.56 8.41
CA LEU L 7 -23.05 -2.49 7.30
C LEU L 7 -22.10 -3.61 7.69
N GLN L 8 -21.21 -3.36 8.65
CA GLN L 8 -20.33 -4.41 9.14
C GLN L 8 -21.11 -5.51 9.86
N ASP L 9 -22.22 -5.15 10.49
CA ASP L 9 -22.98 -6.15 11.25
C ASP L 9 -23.56 -7.24 10.35
N PRO L 10 -24.29 -6.93 9.28
CA PRO L 10 -24.73 -8.01 8.38
C PRO L 10 -23.60 -8.84 7.82
N TYR L 11 -22.49 -8.19 7.44
CA TYR L 11 -21.36 -8.91 6.87
C TYR L 11 -20.81 -9.92 7.87
N LEU L 12 -20.51 -9.47 9.08
CA LEU L 12 -19.99 -10.39 10.09
C LEU L 12 -21.02 -11.45 10.45
N ASN L 13 -22.31 -11.11 10.45
CA ASN L 13 -23.33 -12.09 10.78
C ASN L 13 -23.40 -13.19 9.73
N THR L 14 -23.27 -12.83 8.45
CA THR L 14 -23.31 -13.85 7.41
C THR L 14 -22.01 -14.65 7.36
N LEU L 15 -20.90 -14.01 7.73
CA LEU L 15 -19.65 -14.76 7.84
C LEU L 15 -19.68 -15.75 8.99
N ARG L 16 -20.36 -15.41 10.08
CA ARG L 16 -20.40 -16.29 11.25
C ARG L 16 -21.45 -17.39 11.08
N LYS L 17 -22.65 -17.04 10.64
CA LYS L 17 -23.72 -18.02 10.54
C LYS L 17 -23.31 -19.19 9.64
N GLU L 18 -22.71 -18.89 8.49
CA GLU L 18 -22.25 -19.93 7.57
C GLU L 18 -20.89 -20.50 7.96
N ARG L 19 -20.20 -19.88 8.91
CA ARG L 19 -18.90 -20.35 9.39
C ARG L 19 -17.95 -20.56 8.21
N VAL L 20 -17.76 -19.49 7.44
CA VAL L 20 -16.94 -19.53 6.23
C VAL L 20 -15.48 -19.34 6.62
N PRO L 21 -14.53 -19.97 5.91
CA PRO L 21 -13.11 -19.72 6.21
C PRO L 21 -12.69 -18.30 5.85
N VAL L 22 -12.31 -17.51 6.85
CA VAL L 22 -11.92 -16.13 6.63
C VAL L 22 -10.40 -16.03 6.67
N SER L 23 -9.88 -14.90 6.20
CA SER L 23 -8.44 -14.62 6.17
C SER L 23 -8.26 -13.17 6.61
N ILE L 24 -8.44 -12.93 7.92
CA ILE L 24 -8.37 -11.59 8.47
C ILE L 24 -6.93 -11.10 8.46
N TYR L 25 -6.64 -10.11 7.62
CA TYR L 25 -5.31 -9.51 7.58
C TYR L 25 -5.19 -8.43 8.65
N LEU L 26 -3.98 -8.29 9.19
CA LEU L 26 -3.69 -7.29 10.20
C LEU L 26 -2.83 -6.17 9.61
N VAL L 27 -2.73 -5.07 10.36
CA VAL L 27 -1.95 -3.93 9.89
C VAL L 27 -0.46 -4.27 9.92
N ASN L 28 -0.02 -5.06 10.90
CA ASN L 28 1.39 -5.40 10.99
C ASN L 28 1.86 -6.20 9.78
N GLY L 29 0.97 -7.02 9.20
CA GLY L 29 1.27 -7.79 8.01
C GLY L 29 0.96 -9.26 8.10
N ILE L 30 0.81 -9.81 9.32
CA ILE L 30 0.54 -11.23 9.45
C ILE L 30 -0.91 -11.53 9.08
N LYS L 31 -1.17 -12.78 8.72
CA LYS L 31 -2.50 -13.24 8.33
C LYS L 31 -2.98 -14.28 9.34
N LEU L 32 -4.27 -14.24 9.66
CA LEU L 32 -4.88 -15.14 10.62
C LEU L 32 -5.98 -15.92 9.92
N GLN L 33 -5.78 -17.23 9.78
CA GLN L 33 -6.79 -18.09 9.18
C GLN L 33 -7.74 -18.62 10.25
N GLY L 34 -8.93 -18.99 9.82
CA GLY L 34 -9.94 -19.53 10.71
C GLY L 34 -11.32 -19.08 10.28
N GLN L 35 -12.25 -19.16 11.23
CA GLN L 35 -13.64 -18.80 11.00
C GLN L 35 -14.13 -17.95 12.17
N ILE L 36 -14.94 -16.94 11.85
CA ILE L 36 -15.44 -16.04 12.88
C ILE L 36 -16.44 -16.78 13.76
N GLU L 37 -16.13 -16.90 15.05
CA GLU L 37 -17.04 -17.53 15.99
C GLU L 37 -18.04 -16.53 16.55
N SER L 38 -17.58 -15.32 16.86
CA SER L 38 -18.44 -14.28 17.40
C SER L 38 -17.68 -12.97 17.36
N PHE L 39 -18.40 -11.88 17.57
CA PHE L 39 -17.81 -10.55 17.50
C PHE L 39 -18.63 -9.59 18.35
N ASP L 40 -18.03 -8.44 18.65
CA ASP L 40 -18.70 -7.39 19.40
C ASP L 40 -18.35 -6.04 18.79
N GLN L 41 -17.81 -5.11 19.61
CA GLN L 41 -17.43 -3.80 19.09
C GLN L 41 -15.93 -3.69 18.82
N PHE L 42 -15.09 -4.38 19.60
CA PHE L 42 -13.65 -4.23 19.49
C PHE L 42 -12.91 -5.55 19.34
N VAL L 43 -13.61 -6.68 19.23
CA VAL L 43 -12.96 -7.98 19.18
C VAL L 43 -13.73 -8.90 18.25
N ILE L 44 -13.01 -9.88 17.69
CA ILE L 44 -13.58 -10.91 16.85
C ILE L 44 -12.95 -12.24 17.24
N LEU L 45 -13.76 -13.28 17.34
CA LEU L 45 -13.27 -14.59 17.77
C LEU L 45 -13.02 -15.47 16.55
N LEU L 46 -11.76 -15.87 16.36
CA LEU L 46 -11.35 -16.78 15.30
C LEU L 46 -11.08 -18.13 15.94
N LYS L 47 -11.79 -19.17 15.48
CA LYS L 47 -11.62 -20.51 16.02
C LYS L 47 -10.72 -21.30 15.09
N ASN L 48 -9.42 -21.33 15.41
CA ASN L 48 -8.43 -22.15 14.70
C ASN L 48 -7.75 -23.00 15.77
N THR L 49 -8.34 -24.16 16.05
CA THR L 49 -7.90 -25.00 17.16
C THR L 49 -8.14 -24.28 18.48
N VAL L 50 -7.44 -23.16 18.68
CA VAL L 50 -7.64 -22.32 19.84
C VAL L 50 -8.25 -21.00 19.39
N SER L 51 -8.84 -20.28 20.33
CA SER L 51 -9.45 -19.00 20.03
C SER L 51 -8.40 -17.90 19.96
N GLN L 52 -8.67 -16.89 19.13
CA GLN L 52 -7.78 -15.75 18.94
C GLN L 52 -8.57 -14.48 19.20
N MET L 53 -8.07 -13.66 20.13
CA MET L 53 -8.71 -12.39 20.48
C MET L 53 -8.17 -11.26 19.62
N VAL L 54 -8.35 -11.40 18.31
CA VAL L 54 -7.88 -10.38 17.38
C VAL L 54 -8.70 -9.11 17.60
N TYR L 55 -8.01 -7.97 17.71
CA TYR L 55 -8.69 -6.71 17.96
C TYR L 55 -9.23 -6.12 16.67
N LYS L 56 -10.25 -5.29 16.80
CA LYS L 56 -10.87 -4.67 15.63
C LYS L 56 -9.94 -3.65 14.98
N HIS L 57 -9.40 -2.73 15.78
CA HIS L 57 -8.59 -1.64 15.25
C HIS L 57 -7.29 -2.13 14.62
N ALA L 58 -6.93 -3.40 14.77
CA ALA L 58 -5.73 -3.94 14.18
C ALA L 58 -5.99 -4.71 12.89
N ILE L 59 -7.26 -4.86 12.49
CA ILE L 59 -7.62 -5.61 11.29
C ILE L 59 -7.51 -4.68 10.09
N SER L 60 -6.68 -5.05 9.13
CA SER L 60 -6.52 -4.28 7.91
C SER L 60 -7.61 -4.61 6.89
N THR L 61 -7.70 -5.87 6.49
CA THR L 61 -8.69 -6.29 5.51
C THR L 61 -9.18 -7.70 5.85
N VAL L 62 -10.44 -7.96 5.56
CA VAL L 62 -11.04 -9.27 5.78
C VAL L 62 -11.39 -9.87 4.42
N VAL L 63 -10.63 -10.88 4.01
CA VAL L 63 -10.80 -11.50 2.69
C VAL L 63 -11.38 -12.91 2.92
N PRO L 64 -12.68 -13.12 2.75
CA PRO L 64 -13.21 -14.48 2.87
C PRO L 64 -12.87 -15.34 1.66
N SER L 65 -12.23 -16.48 1.89
CA SER L 65 -11.87 -17.38 0.80
C SER L 65 -13.07 -18.09 0.20
N ARG L 66 -14.27 -17.85 0.71
CA ARG L 66 -15.49 -18.48 0.22
C ARG L 66 -16.47 -17.39 -0.23
N PRO L 67 -16.88 -17.36 -1.49
CA PRO L 67 -17.82 -16.31 -1.93
C PRO L 67 -19.12 -16.37 -1.12
N VAL L 68 -19.45 -15.24 -0.50
CA VAL L 68 -20.63 -15.14 0.35
C VAL L 68 -21.66 -14.29 -0.40
N ARG L 69 -22.78 -14.90 -0.75
CA ARG L 69 -23.86 -14.19 -1.41
C ARG L 69 -24.61 -13.32 -0.40
N LEU L 70 -25.03 -12.14 -0.85
CA LEU L 70 -25.73 -11.20 0.01
C LEU L 70 -26.31 -10.05 -0.78
N GLY M 4 -19.16 -61.12 -8.69
CA GLY M 4 -19.05 -59.73 -8.27
C GLY M 4 -18.75 -58.80 -9.43
N HIS M 5 -19.16 -57.54 -9.27
CA HIS M 5 -18.93 -56.51 -10.29
C HIS M 5 -19.66 -56.86 -11.59
N SER M 6 -20.80 -57.52 -11.49
CA SER M 6 -21.56 -57.89 -12.69
C SER M 6 -22.05 -56.68 -13.47
N LEU M 7 -22.22 -55.54 -12.81
CA LEU M 7 -22.71 -54.33 -13.45
C LEU M 7 -21.62 -53.31 -13.75
N GLN M 8 -20.50 -53.35 -13.01
CA GLN M 8 -19.44 -52.37 -13.23
C GLN M 8 -18.77 -52.57 -14.59
N ASP M 9 -18.21 -53.75 -14.82
CA ASP M 9 -17.41 -54.00 -16.02
C ASP M 9 -18.15 -53.66 -17.31
N PRO M 10 -19.42 -54.06 -17.51
CA PRO M 10 -20.11 -53.66 -18.74
C PRO M 10 -20.13 -52.15 -18.95
N TYR M 11 -20.56 -51.40 -17.94
CA TYR M 11 -20.63 -49.95 -18.05
C TYR M 11 -19.26 -49.35 -18.35
N LEU M 12 -18.24 -49.79 -17.61
CA LEU M 12 -16.91 -49.21 -17.76
C LEU M 12 -16.33 -49.52 -19.13
N ASN M 13 -16.45 -50.76 -19.60
CA ASN M 13 -15.89 -51.10 -20.90
C ASN M 13 -16.68 -50.45 -22.02
N THR M 14 -17.99 -50.23 -21.84
CA THR M 14 -18.75 -49.49 -22.84
C THR M 14 -18.26 -48.04 -22.92
N LEU M 15 -18.08 -47.39 -21.77
CA LEU M 15 -17.53 -46.04 -21.77
C LEU M 15 -16.16 -46.02 -22.44
N ARG M 16 -15.32 -47.00 -22.16
CA ARG M 16 -13.99 -47.04 -22.76
C ARG M 16 -14.09 -47.20 -24.28
N LYS M 17 -14.96 -48.10 -24.74
CA LYS M 17 -15.11 -48.33 -26.18
C LYS M 17 -15.57 -47.06 -26.88
N GLU M 18 -16.64 -46.44 -26.36
CA GLU M 18 -17.15 -45.22 -26.98
C GLU M 18 -16.23 -44.03 -26.78
N ARG M 19 -15.24 -44.13 -25.91
CA ARG M 19 -14.27 -43.05 -25.67
C ARG M 19 -14.99 -41.74 -25.35
N VAL M 20 -16.02 -41.82 -24.51
CA VAL M 20 -16.77 -40.63 -24.13
C VAL M 20 -15.95 -39.80 -23.14
N PRO M 21 -15.82 -38.49 -23.32
CA PRO M 21 -15.15 -37.68 -22.29
C PRO M 21 -15.97 -37.64 -21.01
N VAL M 22 -15.55 -38.42 -20.01
CA VAL M 22 -16.27 -38.53 -18.76
C VAL M 22 -15.62 -37.61 -17.73
N SER M 23 -16.43 -37.13 -16.79
CA SER M 23 -15.97 -36.31 -15.68
C SER M 23 -16.10 -37.09 -14.39
N ILE M 24 -14.98 -37.33 -13.73
CA ILE M 24 -14.93 -38.12 -12.50
C ILE M 24 -14.92 -37.18 -11.30
N TYR M 25 -15.82 -37.40 -10.35
CA TYR M 25 -15.89 -36.61 -9.14
C TYR M 25 -15.28 -37.40 -8.00
N LEU M 26 -14.29 -36.80 -7.32
CA LEU M 26 -13.65 -37.45 -6.20
C LEU M 26 -14.44 -37.19 -4.91
N VAL M 27 -14.02 -37.87 -3.84
CA VAL M 27 -14.76 -37.80 -2.59
C VAL M 27 -14.72 -36.39 -2.00
N ASN M 28 -13.61 -35.68 -2.15
CA ASN M 28 -13.47 -34.36 -1.56
C ASN M 28 -14.24 -33.28 -2.32
N GLY M 29 -14.57 -33.51 -3.59
CA GLY M 29 -15.38 -32.60 -4.38
C GLY M 29 -14.76 -32.18 -5.69
N ILE M 30 -13.43 -32.26 -5.82
CA ILE M 30 -12.77 -31.84 -7.05
C ILE M 30 -13.15 -32.79 -8.18
N LYS M 31 -13.24 -32.24 -9.39
CA LYS M 31 -13.69 -32.99 -10.56
C LYS M 31 -12.52 -33.15 -11.53
N LEU M 32 -12.32 -34.36 -12.03
CA LEU M 32 -11.33 -34.64 -13.05
C LEU M 32 -12.01 -34.73 -14.42
N GLN M 33 -11.18 -34.80 -15.47
CA GLN M 33 -11.69 -34.89 -16.83
C GLN M 33 -10.69 -35.66 -17.69
N GLY M 34 -11.21 -36.42 -18.63
CA GLY M 34 -10.37 -37.20 -19.52
C GLY M 34 -11.07 -38.49 -19.91
N GLN M 35 -10.68 -38.99 -21.08
CA GLN M 35 -11.26 -40.23 -21.58
C GLN M 35 -10.68 -41.43 -20.85
N ILE M 36 -11.52 -42.41 -20.56
CA ILE M 36 -11.08 -43.61 -19.87
C ILE M 36 -10.19 -44.43 -20.80
N GLU M 37 -8.91 -44.52 -20.44
CA GLU M 37 -7.95 -45.29 -21.24
C GLU M 37 -7.99 -46.77 -20.88
N SER M 38 -7.85 -47.09 -19.60
CA SER M 38 -7.89 -48.48 -19.14
C SER M 38 -8.25 -48.49 -17.66
N PHE M 39 -8.70 -49.64 -17.19
CA PHE M 39 -9.12 -49.79 -15.80
C PHE M 39 -9.00 -51.24 -15.40
N ASP M 40 -9.15 -51.49 -14.11
CA ASP M 40 -9.12 -52.83 -13.56
C ASP M 40 -10.05 -52.87 -12.34
N GLN M 41 -9.62 -53.53 -11.27
CA GLN M 41 -10.45 -53.64 -10.08
C GLN M 41 -10.28 -52.46 -9.14
N PHE M 42 -9.18 -51.70 -9.25
CA PHE M 42 -8.86 -50.66 -8.29
C PHE M 42 -8.36 -49.36 -8.89
N VAL M 43 -7.98 -49.32 -10.16
CA VAL M 43 -7.42 -48.12 -10.76
C VAL M 43 -8.06 -47.88 -12.13
N ILE M 44 -8.05 -46.62 -12.55
CA ILE M 44 -8.54 -46.19 -13.85
C ILE M 44 -7.52 -45.22 -14.44
N LEU M 45 -7.35 -45.29 -15.76
CA LEU M 45 -6.42 -44.42 -16.48
C LEU M 45 -7.19 -43.44 -17.34
N LEU M 46 -6.77 -42.18 -17.29
CA LEU M 46 -7.38 -41.10 -18.07
C LEU M 46 -6.46 -40.79 -19.25
N LYS M 47 -7.02 -40.83 -20.46
CA LYS M 47 -6.24 -40.58 -21.67
C LYS M 47 -5.85 -39.11 -21.83
N ASN M 48 -6.22 -38.25 -20.88
CA ASN M 48 -5.88 -36.84 -20.99
C ASN M 48 -4.38 -36.66 -21.14
N THR M 49 -3.98 -35.43 -21.48
CA THR M 49 -2.58 -35.12 -21.74
C THR M 49 -1.68 -35.59 -20.61
N VAL M 50 -2.19 -35.54 -19.37
CA VAL M 50 -1.38 -35.90 -18.21
C VAL M 50 -1.24 -37.40 -18.04
N SER M 51 -2.07 -38.20 -18.70
CA SER M 51 -2.06 -39.65 -18.52
C SER M 51 -2.23 -40.00 -17.04
N GLN M 52 -3.21 -39.36 -16.41
CA GLN M 52 -3.41 -39.48 -14.98
C GLN M 52 -4.12 -40.78 -14.64
N MET M 53 -3.69 -41.39 -13.53
CA MET M 53 -4.30 -42.60 -13.01
C MET M 53 -5.02 -42.26 -11.71
N VAL M 54 -6.21 -42.83 -11.53
CA VAL M 54 -7.06 -42.56 -10.37
C VAL M 54 -7.44 -43.89 -9.73
N TYR M 55 -7.42 -43.94 -8.41
CA TYR M 55 -7.78 -45.15 -7.70
C TYR M 55 -9.29 -45.26 -7.54
N LYS M 56 -9.79 -46.49 -7.50
CA LYS M 56 -11.24 -46.71 -7.41
C LYS M 56 -11.77 -46.24 -6.06
N HIS M 57 -11.14 -46.66 -4.97
CA HIS M 57 -11.61 -46.35 -3.64
C HIS M 57 -11.71 -44.85 -3.37
N ALA M 58 -11.09 -44.01 -4.20
CA ALA M 58 -11.18 -42.57 -4.05
C ALA M 58 -12.21 -41.94 -4.97
N ILE M 59 -12.69 -42.67 -5.98
CA ILE M 59 -13.67 -42.14 -6.91
C ILE M 59 -15.05 -42.25 -6.29
N SER M 60 -15.88 -41.22 -6.51
CA SER M 60 -17.24 -41.18 -5.98
C SER M 60 -18.29 -41.44 -7.05
N THR M 61 -18.22 -40.72 -8.17
CA THR M 61 -19.20 -40.86 -9.23
C THR M 61 -18.51 -40.72 -10.58
N VAL M 62 -19.04 -41.45 -11.57
CA VAL M 62 -18.56 -41.39 -12.95
C VAL M 62 -19.71 -40.90 -13.80
N VAL M 63 -19.68 -39.61 -14.14
CA VAL M 63 -20.76 -38.96 -14.88
C VAL M 63 -20.27 -38.73 -16.32
N PRO M 64 -20.78 -39.46 -17.30
CA PRO M 64 -20.40 -39.21 -18.69
C PRO M 64 -21.08 -37.95 -19.23
N SER M 65 -20.42 -37.33 -20.22
CA SER M 65 -20.94 -36.10 -20.80
C SER M 65 -22.12 -36.34 -21.73
N ARG M 66 -22.40 -37.58 -22.11
CA ARG M 66 -23.48 -37.90 -23.01
C ARG M 66 -24.12 -39.23 -22.60
N PRO M 67 -25.42 -39.39 -22.82
CA PRO M 67 -26.04 -40.68 -22.47
C PRO M 67 -25.48 -41.82 -23.30
N VAL M 68 -25.35 -42.98 -22.68
CA VAL M 68 -24.77 -44.15 -23.30
C VAL M 68 -25.77 -45.30 -23.23
N ARG M 69 -25.69 -46.19 -24.22
CA ARG M 69 -26.58 -47.34 -24.29
C ARG M 69 -26.05 -48.48 -23.44
N LEU M 70 -26.96 -49.21 -22.80
CA LEU M 70 -26.57 -50.37 -22.01
C LEU M 70 -26.43 -51.59 -22.92
N PRO M 71 -25.29 -52.30 -22.88
CA PRO M 71 -25.14 -53.48 -23.74
C PRO M 71 -25.99 -54.66 -23.30
N GLY N 4 -7.58 -59.48 -10.99
CA GLY N 4 -7.53 -58.26 -10.20
C GLY N 4 -6.13 -57.70 -10.07
N HIS N 5 -6.03 -56.39 -9.82
CA HIS N 5 -4.77 -55.69 -9.66
C HIS N 5 -3.74 -56.11 -10.72
N SER N 6 -4.22 -56.46 -11.92
CA SER N 6 -3.32 -56.87 -12.98
C SER N 6 -2.73 -55.69 -13.73
N LEU N 7 -3.38 -54.52 -13.69
CA LEU N 7 -2.89 -53.34 -14.39
C LEU N 7 -2.10 -52.40 -13.50
N GLN N 8 -2.47 -52.29 -12.22
CA GLN N 8 -1.73 -51.42 -11.30
C GLN N 8 -0.28 -51.86 -11.20
N ASP N 9 -0.05 -53.17 -11.11
CA ASP N 9 1.31 -53.69 -10.90
C ASP N 9 2.26 -53.27 -12.02
N PRO N 10 1.97 -53.54 -13.30
CA PRO N 10 2.92 -53.12 -14.34
C PRO N 10 3.09 -51.61 -14.43
N TYR N 11 2.01 -50.85 -14.24
CA TYR N 11 2.11 -49.40 -14.29
C TYR N 11 3.08 -48.89 -13.22
N LEU N 12 2.87 -49.29 -11.97
CA LEU N 12 3.75 -48.84 -10.90
C LEU N 12 5.16 -49.36 -11.09
N ASN N 13 5.31 -50.59 -11.60
CA ASN N 13 6.63 -51.14 -11.80
C ASN N 13 7.40 -50.33 -12.85
N THR N 14 6.74 -49.96 -13.95
CA THR N 14 7.38 -49.13 -14.95
C THR N 14 7.72 -47.76 -14.40
N LEU N 15 6.79 -47.14 -13.66
CA LEU N 15 7.05 -45.83 -13.09
C LEU N 15 8.27 -45.89 -12.16
N ARG N 16 8.41 -46.97 -11.40
CA ARG N 16 9.55 -47.09 -10.49
C ARG N 16 10.84 -47.36 -11.26
N LYS N 17 10.79 -48.26 -12.24
CA LYS N 17 11.99 -48.60 -13.01
C LYS N 17 12.54 -47.38 -13.74
N GLU N 18 11.69 -46.67 -14.46
CA GLU N 18 12.10 -45.47 -15.19
C GLU N 18 12.31 -44.27 -14.26
N ARG N 19 11.94 -44.39 -12.99
CA ARG N 19 12.16 -43.33 -12.00
C ARG N 19 11.59 -41.99 -12.46
N VAL N 20 10.51 -42.04 -13.24
CA VAL N 20 9.85 -40.82 -13.69
C VAL N 20 9.31 -40.08 -12.47
N PRO N 21 9.67 -38.83 -12.23
CA PRO N 21 9.18 -38.13 -11.04
C PRO N 21 7.66 -38.01 -11.07
N VAL N 22 7.02 -38.53 -10.04
CA VAL N 22 5.56 -38.54 -9.93
C VAL N 22 5.14 -37.56 -8.85
N SER N 23 3.89 -37.12 -8.94
CA SER N 23 3.30 -36.19 -7.96
C SER N 23 2.02 -36.83 -7.45
N ILE N 24 2.06 -37.37 -6.24
CA ILE N 24 0.90 -38.02 -5.66
C ILE N 24 -0.02 -36.98 -5.02
N TYR N 25 -1.31 -37.27 -5.01
CA TYR N 25 -2.33 -36.40 -4.44
C TYR N 25 -3.14 -37.20 -3.44
N LEU N 26 -3.11 -36.80 -2.18
CA LEU N 26 -3.85 -37.50 -1.15
C LEU N 26 -5.34 -37.18 -1.25
N VAL N 27 -6.15 -38.02 -0.61
CA VAL N 27 -7.60 -37.81 -0.62
C VAL N 27 -7.94 -36.49 0.06
N ASN N 28 -7.16 -36.08 1.06
CA ASN N 28 -7.40 -34.82 1.74
C ASN N 28 -7.11 -33.61 0.86
N GLY N 29 -6.56 -33.81 -0.33
CA GLY N 29 -6.22 -32.72 -1.21
C GLY N 29 -4.76 -32.31 -1.16
N ILE N 30 -3.93 -33.04 -0.42
CA ILE N 30 -2.52 -32.70 -0.30
C ILE N 30 -1.75 -33.30 -1.48
N LYS N 31 -0.72 -32.58 -1.92
CA LYS N 31 0.10 -32.98 -3.05
C LYS N 31 1.47 -33.46 -2.55
N LEU N 32 2.07 -34.35 -3.32
CA LEU N 32 3.39 -34.89 -3.02
C LEU N 32 4.26 -34.80 -4.27
N GLN N 33 5.55 -35.10 -4.10
CA GLN N 33 6.49 -35.07 -5.20
C GLN N 33 7.60 -36.07 -4.93
N GLY N 34 8.29 -36.45 -6.00
CA GLY N 34 9.38 -37.40 -5.92
C GLY N 34 9.09 -38.66 -6.72
N GLN N 35 10.16 -39.39 -7.03
CA GLN N 35 10.06 -40.63 -7.78
C GLN N 35 9.49 -41.73 -6.89
N ILE N 36 9.19 -42.87 -7.49
CA ILE N 36 8.65 -44.03 -6.76
C ILE N 36 9.81 -44.90 -6.32
N GLU N 37 9.89 -45.18 -5.02
CA GLU N 37 10.94 -46.04 -4.49
C GLU N 37 10.55 -47.51 -4.59
N SER N 38 9.35 -47.85 -4.11
CA SER N 38 8.85 -49.21 -4.14
C SER N 38 7.35 -49.17 -3.89
N PHE N 39 6.70 -50.32 -4.01
CA PHE N 39 5.26 -50.40 -3.84
C PHE N 39 4.89 -51.84 -3.51
N ASP N 40 3.69 -51.98 -2.95
CA ASP N 40 3.15 -53.31 -2.61
C ASP N 40 1.67 -53.13 -2.29
N GLN N 41 1.12 -54.03 -1.49
CA GLN N 41 -0.31 -54.01 -1.16
C GLN N 41 -0.55 -53.04 -0.01
N PHE N 42 -1.46 -52.09 -0.22
CA PHE N 42 -1.91 -51.16 0.80
C PHE N 42 -0.81 -50.21 1.26
N VAL N 43 0.34 -50.21 0.59
CA VAL N 43 1.48 -49.39 1.00
C VAL N 43 2.31 -49.07 -0.23
N ILE N 44 2.95 -47.90 -0.20
CA ILE N 44 3.86 -47.46 -1.25
C ILE N 44 4.96 -46.61 -0.63
N LEU N 45 6.13 -46.63 -1.25
CA LEU N 45 7.29 -45.87 -0.79
C LEU N 45 7.66 -44.84 -1.83
N LEU N 46 7.83 -43.59 -1.39
CA LEU N 46 8.09 -42.46 -2.28
C LEU N 46 9.58 -42.12 -2.24
N LYS N 47 10.18 -41.97 -3.42
CA LYS N 47 11.59 -41.60 -3.53
C LYS N 47 11.71 -40.09 -3.68
N ASN N 48 12.02 -39.44 -2.56
CA ASN N 48 12.20 -37.99 -2.55
C ASN N 48 13.24 -37.61 -1.51
N THR N 49 13.31 -36.32 -1.14
CA THR N 49 14.22 -35.91 -0.08
C THR N 49 14.01 -36.72 1.18
N VAL N 50 12.75 -37.00 1.50
CA VAL N 50 12.38 -37.87 2.62
C VAL N 50 11.60 -39.05 2.07
N SER N 51 11.91 -40.24 2.58
CA SER N 51 11.27 -41.47 2.11
C SER N 51 10.13 -41.85 3.07
N GLN N 52 9.12 -40.98 3.10
CA GLN N 52 7.96 -41.24 3.93
C GLN N 52 7.12 -42.37 3.34
N MET N 53 6.51 -43.16 4.21
CA MET N 53 5.71 -44.30 3.80
C MET N 53 4.25 -43.85 3.69
N VAL N 54 3.67 -44.01 2.50
CA VAL N 54 2.29 -43.62 2.24
C VAL N 54 1.47 -44.89 2.01
N TYR N 55 0.26 -44.91 2.57
CA TYR N 55 -0.62 -46.06 2.41
C TYR N 55 -1.49 -45.88 1.16
N LYS N 56 -1.82 -47.01 0.52
CA LYS N 56 -2.55 -46.96 -0.73
C LYS N 56 -3.98 -46.47 -0.54
N HIS N 57 -4.64 -46.88 0.56
CA HIS N 57 -6.03 -46.51 0.79
C HIS N 57 -6.22 -45.01 0.97
N ALA N 58 -5.16 -44.23 1.10
CA ALA N 58 -5.25 -42.78 1.23
C ALA N 58 -4.86 -42.04 -0.04
N ILE N 59 -4.36 -42.74 -1.05
CA ILE N 59 -3.94 -42.10 -2.29
C ILE N 59 -5.14 -41.92 -3.19
N SER N 60 -5.19 -40.78 -3.89
CA SER N 60 -6.28 -40.47 -4.81
C SER N 60 -5.87 -40.62 -6.27
N THR N 61 -4.74 -40.03 -6.66
CA THR N 61 -4.29 -40.09 -8.05
C THR N 61 -2.78 -40.18 -8.09
N VAL N 62 -2.26 -40.68 -9.20
CA VAL N 62 -0.82 -40.80 -9.44
C VAL N 62 -0.55 -40.12 -10.78
N VAL N 63 -0.05 -38.88 -10.73
CA VAL N 63 0.20 -38.08 -11.91
C VAL N 63 1.70 -38.06 -12.15
N PRO N 64 2.23 -38.73 -13.17
CA PRO N 64 3.65 -38.61 -13.48
C PRO N 64 3.97 -37.25 -14.09
N SER N 65 5.15 -36.73 -13.77
CA SER N 65 5.56 -35.45 -14.30
C SER N 65 5.50 -35.43 -15.83
N ARG N 66 6.06 -36.46 -16.47
CA ARG N 66 6.01 -36.59 -17.92
C ARG N 66 5.27 -37.88 -18.26
N PRO N 67 4.27 -37.85 -19.15
CA PRO N 67 3.54 -39.10 -19.47
C PRO N 67 4.45 -40.24 -19.88
N VAL N 68 4.38 -41.34 -19.13
CA VAL N 68 5.18 -42.53 -19.42
C VAL N 68 4.31 -43.55 -20.12
N ARG N 69 4.93 -44.48 -20.85
CA ARG N 69 4.22 -45.53 -21.56
C ARG N 69 4.15 -46.79 -20.70
N LEU N 70 3.00 -47.45 -20.75
CA LEU N 70 2.80 -48.69 -19.99
C LEU N 70 3.57 -49.84 -20.61
N HIS O 5 2.91 -56.90 2.65
CA HIS O 5 3.50 -58.04 3.33
C HIS O 5 5.02 -58.04 3.18
N SER O 6 5.48 -57.94 1.93
CA SER O 6 6.92 -58.03 1.65
C SER O 6 7.66 -56.78 2.09
N LEU O 7 7.04 -55.61 1.96
CA LEU O 7 7.71 -54.34 2.23
C LEU O 7 7.23 -53.65 3.50
N GLN O 8 5.97 -53.84 3.89
CA GLN O 8 5.46 -53.15 5.07
C GLN O 8 6.09 -53.70 6.35
N ASP O 9 6.10 -55.02 6.51
CA ASP O 9 6.58 -55.62 7.75
C ASP O 9 8.03 -55.28 8.03
N PRO O 10 8.97 -55.45 7.09
CA PRO O 10 10.36 -55.09 7.38
C PRO O 10 10.54 -53.62 7.70
N TYR O 11 9.85 -52.73 6.96
CA TYR O 11 9.97 -51.31 7.21
C TYR O 11 9.50 -50.96 8.62
N LEU O 12 8.32 -51.45 9.01
CA LEU O 12 7.80 -51.16 10.34
C LEU O 12 8.69 -51.77 11.41
N ASN O 13 9.21 -52.98 11.18
CA ASN O 13 10.08 -53.60 12.17
C ASN O 13 11.36 -52.80 12.36
N THR O 14 11.94 -52.31 11.27
CA THR O 14 13.14 -51.48 11.39
C THR O 14 12.84 -50.18 12.11
N LEU O 15 11.70 -49.54 11.77
CA LEU O 15 11.32 -48.31 12.44
C LEU O 15 11.18 -48.54 13.94
N ARG O 16 10.58 -49.66 14.34
CA ARG O 16 10.40 -49.94 15.76
C ARG O 16 11.72 -50.26 16.43
N LYS O 17 12.57 -51.05 15.77
CA LYS O 17 13.85 -51.43 16.37
C LYS O 17 14.74 -50.22 16.58
N GLU O 18 14.84 -49.34 15.59
CA GLU O 18 15.69 -48.17 15.71
C GLU O 18 15.11 -47.11 16.62
N ARG O 19 13.82 -47.21 16.97
CA ARG O 19 13.18 -46.26 17.89
C ARG O 19 13.36 -44.82 17.42
N VAL O 20 13.22 -44.61 16.11
CA VAL O 20 13.37 -43.26 15.56
C VAL O 20 12.15 -42.42 15.94
N PRO O 21 12.32 -41.23 16.51
CA PRO O 21 11.15 -40.37 16.76
C PRO O 21 10.46 -39.95 15.47
N VAL O 22 9.37 -40.63 15.13
CA VAL O 22 8.64 -40.37 13.90
C VAL O 22 7.43 -39.51 14.20
N SER O 23 7.03 -38.72 13.21
CA SER O 23 5.84 -37.88 13.30
C SER O 23 4.85 -38.32 12.23
N ILE O 24 3.77 -38.96 12.64
CA ILE O 24 2.77 -39.49 11.73
C ILE O 24 1.68 -38.44 11.54
N TYR O 25 1.26 -38.24 10.29
CA TYR O 25 0.20 -37.30 9.96
C TYR O 25 -1.05 -38.09 9.56
N LEU O 26 -2.15 -37.82 10.26
CA LEU O 26 -3.40 -38.51 9.97
C LEU O 26 -4.02 -37.99 8.68
N VAL O 27 -4.91 -38.81 8.10
CA VAL O 27 -5.61 -38.41 6.90
C VAL O 27 -6.45 -37.15 7.13
N ASN O 28 -6.87 -36.92 8.36
CA ASN O 28 -7.63 -35.72 8.69
C ASN O 28 -6.75 -34.46 8.74
N GLY O 29 -5.43 -34.62 8.69
CA GLY O 29 -4.51 -33.50 8.74
C GLY O 29 -3.88 -33.27 10.09
N ILE O 30 -4.28 -34.02 11.12
CA ILE O 30 -3.72 -33.82 12.45
C ILE O 30 -2.29 -34.34 12.48
N LYS O 31 -1.41 -33.61 13.16
CA LYS O 31 -0.01 -33.97 13.26
C LYS O 31 0.25 -34.67 14.60
N LEU O 32 0.88 -35.84 14.54
CA LEU O 32 1.22 -36.61 15.72
C LEU O 32 2.72 -36.80 15.81
N GLN O 33 3.18 -37.09 17.03
CA GLN O 33 4.59 -37.33 17.31
C GLN O 33 4.71 -38.47 18.31
N GLY O 34 5.90 -39.06 18.36
CA GLY O 34 6.17 -40.14 19.29
C GLY O 34 6.98 -41.27 18.69
N GLN O 35 7.43 -42.19 19.54
CA GLN O 35 8.20 -43.33 19.08
C GLN O 35 7.28 -44.51 18.77
N ILE O 36 7.73 -45.36 17.85
CA ILE O 36 6.96 -46.53 17.44
C ILE O 36 7.08 -47.59 18.54
N GLU O 37 5.97 -47.91 19.19
CA GLU O 37 5.95 -48.92 20.24
C GLU O 37 5.70 -50.32 19.67
N SER O 38 4.63 -50.48 18.90
CA SER O 38 4.31 -51.76 18.30
C SER O 38 3.31 -51.52 17.16
N PHE O 39 3.16 -52.53 16.31
CA PHE O 39 2.27 -52.44 15.16
C PHE O 39 1.55 -53.76 14.98
N ASP O 40 0.49 -53.72 14.19
CA ASP O 40 -0.32 -54.89 13.89
C ASP O 40 -0.92 -54.71 12.50
N GLN O 41 -1.67 -55.72 12.06
CA GLN O 41 -2.31 -55.65 10.75
C GLN O 41 -3.45 -54.65 10.70
N PHE O 42 -3.82 -54.05 11.83
CA PHE O 42 -4.90 -53.06 11.87
C PHE O 42 -4.61 -51.85 12.76
N VAL O 43 -3.61 -51.92 13.64
CA VAL O 43 -3.42 -50.88 14.65
C VAL O 43 -1.92 -50.66 14.87
N ILE O 44 -1.60 -49.47 15.36
CA ILE O 44 -0.23 -49.10 15.73
C ILE O 44 -0.29 -48.27 16.99
N LEU O 45 0.60 -48.58 17.95
CA LEU O 45 0.66 -47.86 19.22
C LEU O 45 1.84 -46.89 19.16
N LEU O 46 1.53 -45.60 19.27
CA LEU O 46 2.53 -44.53 19.27
C LEU O 46 2.65 -43.99 20.68
N LYS O 47 3.87 -43.94 21.20
CA LYS O 47 4.12 -43.52 22.57
C LYS O 47 4.76 -42.14 22.57
N ASN O 48 4.01 -41.15 23.05
CA ASN O 48 4.52 -39.79 23.22
C ASN O 48 3.95 -39.29 24.56
N THR O 49 4.82 -39.18 25.57
CA THR O 49 4.38 -38.85 26.92
C THR O 49 3.45 -39.93 27.45
N VAL O 50 2.28 -40.07 26.81
CA VAL O 50 1.34 -41.14 27.12
C VAL O 50 1.09 -41.92 25.84
N SER O 51 0.97 -43.24 25.96
CA SER O 51 0.75 -44.08 24.80
C SER O 51 -0.58 -43.73 24.14
N GLN O 52 -0.53 -43.49 22.83
CA GLN O 52 -1.70 -43.08 22.06
C GLN O 52 -1.88 -44.05 20.89
N MET O 53 -2.90 -44.90 20.98
CA MET O 53 -3.18 -45.86 19.92
C MET O 53 -3.69 -45.14 18.68
N VAL O 54 -3.23 -45.58 17.51
CA VAL O 54 -3.65 -45.02 16.23
C VAL O 54 -4.00 -46.18 15.29
N TYR O 55 -5.05 -46.00 14.50
CA TYR O 55 -5.50 -47.03 13.58
C TYR O 55 -4.82 -46.88 12.23
N LYS O 56 -4.70 -47.98 11.51
CA LYS O 56 -4.00 -47.96 10.22
C LYS O 56 -4.85 -47.32 9.14
N HIS O 57 -6.17 -47.31 9.30
CA HIS O 57 -7.05 -46.78 8.28
C HIS O 57 -7.21 -45.26 8.40
N ALA O 58 -6.52 -44.65 9.37
CA ALA O 58 -6.65 -43.23 9.62
C ALA O 58 -5.34 -42.47 9.46
N ILE O 59 -4.29 -43.12 8.98
CA ILE O 59 -2.98 -42.51 8.80
C ILE O 59 -2.81 -42.11 7.34
N SER O 60 -2.27 -40.93 7.11
CA SER O 60 -1.97 -40.51 5.74
C SER O 60 -0.63 -41.05 5.29
N THR O 61 0.41 -40.86 6.10
CA THR O 61 1.74 -41.35 5.78
C THR O 61 2.61 -41.26 7.01
N VAL O 62 3.72 -42.01 6.99
CA VAL O 62 4.68 -42.05 8.09
C VAL O 62 5.94 -41.36 7.62
N VAL O 63 6.41 -40.38 8.39
CA VAL O 63 7.57 -39.57 8.06
C VAL O 63 8.65 -39.86 9.10
N PRO O 64 9.64 -40.70 8.80
CA PRO O 64 10.75 -40.88 9.74
C PRO O 64 11.62 -39.63 9.83
N SER O 65 12.09 -39.34 11.04
CA SER O 65 12.93 -38.17 11.25
C SER O 65 14.35 -38.38 10.75
N ARG O 66 14.76 -39.63 10.53
CA ARG O 66 16.09 -39.93 10.04
C ARG O 66 16.01 -40.86 8.84
N PRO O 67 16.86 -40.67 7.83
CA PRO O 67 16.84 -41.60 6.68
C PRO O 67 17.07 -43.03 7.14
N VAL O 68 16.32 -43.95 6.53
CA VAL O 68 16.39 -45.37 6.87
C VAL O 68 16.64 -46.17 5.59
N ARG O 69 17.37 -47.26 5.73
CA ARG O 69 17.67 -48.16 4.62
C ARG O 69 17.03 -49.52 4.89
N LEU O 70 16.35 -50.05 3.90
CA LEU O 70 15.69 -51.33 4.05
C LEU O 70 16.72 -52.46 4.19
N PRO O 71 16.35 -53.58 4.82
CA PRO O 71 17.29 -54.69 4.99
C PRO O 71 17.50 -55.48 3.70
N LYS P 3 -8.77 -60.22 12.82
CA LYS P 3 -8.83 -61.68 12.76
C LYS P 3 -7.56 -62.29 13.34
N GLY P 4 -7.54 -62.48 14.66
CA GLY P 4 -6.39 -63.05 15.32
C GLY P 4 -5.26 -62.08 15.55
N HIS P 5 -5.57 -60.84 15.90
CA HIS P 5 -4.55 -59.85 16.21
C HIS P 5 -3.92 -60.19 17.55
N SER P 6 -3.23 -59.22 18.16
CA SER P 6 -2.50 -59.44 19.40
C SER P 6 -2.48 -58.25 20.33
N LEU P 7 -2.60 -57.03 19.81
CA LEU P 7 -2.45 -55.82 20.61
C LEU P 7 -3.76 -55.13 20.92
N GLN P 8 -4.71 -55.10 19.97
CA GLN P 8 -5.94 -54.36 20.18
C GLN P 8 -6.74 -54.93 21.35
N ASP P 9 -6.94 -56.26 21.36
CA ASP P 9 -7.76 -56.87 22.40
C ASP P 9 -7.19 -56.63 23.79
N PRO P 10 -5.93 -56.98 24.10
CA PRO P 10 -5.44 -56.75 25.46
C PRO P 10 -5.41 -55.27 25.84
N TYR P 11 -5.01 -54.40 24.91
CA TYR P 11 -4.99 -52.97 25.21
C TYR P 11 -6.37 -52.47 25.59
N LEU P 12 -7.39 -52.79 24.78
CA LEU P 12 -8.73 -52.33 25.08
C LEU P 12 -9.26 -52.95 26.36
N ASN P 13 -8.93 -54.23 26.61
CA ASN P 13 -9.38 -54.87 27.83
C ASN P 13 -8.78 -54.21 29.06
N THR P 14 -7.49 -53.85 28.99
CA THR P 14 -6.85 -53.15 30.10
C THR P 14 -7.48 -51.77 30.30
N LEU P 15 -7.69 -51.04 29.21
CA LEU P 15 -8.29 -49.71 29.33
C LEU P 15 -9.69 -49.80 29.91
N ARG P 16 -10.41 -50.89 29.62
CA ARG P 16 -11.74 -51.08 30.18
C ARG P 16 -11.66 -51.41 31.67
N LYS P 17 -10.83 -52.38 32.03
CA LYS P 17 -10.77 -52.83 33.42
C LYS P 17 -10.26 -51.73 34.34
N GLU P 18 -9.19 -51.04 33.95
CA GLU P 18 -8.60 -50.01 34.78
C GLU P 18 -9.47 -48.75 34.87
N ARG P 19 -10.58 -48.68 34.12
CA ARG P 19 -11.47 -47.53 34.17
C ARG P 19 -10.72 -46.24 33.85
N VAL P 20 -9.89 -46.29 32.82
CA VAL P 20 -9.08 -45.11 32.47
C VAL P 20 -9.94 -44.13 31.69
N PRO P 21 -9.99 -42.85 32.05
CA PRO P 21 -10.71 -41.87 31.21
C PRO P 21 -10.06 -41.75 29.84
N VAL P 22 -10.66 -42.38 28.83
CA VAL P 22 -10.10 -42.42 27.49
C VAL P 22 -10.66 -41.28 26.68
N SER P 23 -9.81 -40.69 25.84
CA SER P 23 -10.19 -39.64 24.90
C SER P 23 -9.94 -40.15 23.49
N ILE P 24 -11.02 -40.36 22.74
CA ILE P 24 -10.95 -40.95 21.40
C ILE P 24 -11.03 -39.83 20.37
N TYR P 25 -10.23 -39.96 19.31
CA TYR P 25 -10.21 -39.00 18.21
C TYR P 25 -10.91 -39.61 17.01
N LEU P 26 -11.94 -38.94 16.50
CA LEU P 26 -12.61 -39.38 15.30
C LEU P 26 -11.85 -38.93 14.06
N VAL P 27 -12.11 -39.61 12.94
CA VAL P 27 -11.50 -39.22 11.68
C VAL P 27 -11.91 -37.80 11.31
N ASN P 28 -13.10 -37.37 11.73
CA ASN P 28 -13.54 -36.01 11.50
C ASN P 28 -12.77 -34.99 12.30
N GLY P 29 -12.06 -35.42 13.34
CA GLY P 29 -11.31 -34.51 14.19
C GLY P 29 -12.02 -34.09 15.45
N ILE P 30 -13.12 -34.75 15.81
CA ILE P 30 -13.87 -34.44 17.02
C ILE P 30 -13.32 -35.29 18.16
N LYS P 31 -13.24 -34.70 19.36
CA LYS P 31 -12.69 -35.38 20.52
C LYS P 31 -13.82 -35.99 21.34
N LEU P 32 -13.84 -37.32 21.43
CA LEU P 32 -14.78 -38.03 22.27
C LEU P 32 -14.12 -38.38 23.59
N GLN P 33 -14.87 -38.23 24.68
CA GLN P 33 -14.38 -38.49 26.02
C GLN P 33 -15.28 -39.50 26.72
N GLY P 34 -14.67 -40.35 27.52
CA GLY P 34 -15.40 -41.37 28.24
C GLY P 34 -14.52 -42.59 28.50
N GLN P 35 -15.09 -43.54 29.21
CA GLN P 35 -14.41 -44.78 29.55
C GLN P 35 -14.92 -45.91 28.66
N ILE P 36 -14.03 -46.85 28.34
CA ILE P 36 -14.39 -47.96 27.47
C ILE P 36 -15.31 -48.91 28.22
N GLU P 37 -16.47 -49.18 27.62
CA GLU P 37 -17.42 -50.13 28.19
C GLU P 37 -17.17 -51.55 27.66
N SER P 38 -17.14 -51.69 26.34
CA SER P 38 -16.82 -52.97 25.70
C SER P 38 -16.58 -52.70 24.23
N PHE P 39 -15.83 -53.61 23.61
CA PHE P 39 -15.41 -53.44 22.22
C PHE P 39 -15.68 -54.71 21.44
N ASP P 40 -15.69 -54.57 20.11
CA ASP P 40 -15.91 -55.68 19.21
C ASP P 40 -15.07 -55.46 17.97
N GLN P 41 -15.15 -56.41 17.02
CA GLN P 41 -14.37 -56.31 15.81
C GLN P 41 -14.71 -55.05 15.01
N PHE P 42 -15.89 -54.48 15.23
CA PHE P 42 -16.35 -53.35 14.43
C PHE P 42 -16.95 -52.21 15.24
N VAL P 43 -17.09 -52.33 16.56
CA VAL P 43 -17.74 -51.31 17.36
C VAL P 43 -17.02 -51.20 18.70
N ILE P 44 -17.01 -49.99 19.26
CA ILE P 44 -16.47 -49.72 20.58
C ILE P 44 -17.49 -48.89 21.34
N LEU P 45 -17.95 -49.40 22.48
CA LEU P 45 -18.92 -48.71 23.31
C LEU P 45 -18.21 -47.74 24.24
N LEU P 46 -18.50 -46.46 24.10
CA LEU P 46 -17.91 -45.42 24.93
C LEU P 46 -18.88 -45.08 26.06
N LYS P 47 -18.43 -45.27 27.30
CA LYS P 47 -19.25 -45.02 28.48
C LYS P 47 -18.96 -43.61 28.99
N ASN P 48 -19.88 -42.68 28.71
CA ASN P 48 -19.78 -41.30 29.17
C ASN P 48 -21.21 -40.80 29.40
N THR P 49 -21.76 -41.16 30.56
CA THR P 49 -23.15 -40.86 30.89
C THR P 49 -24.09 -41.61 29.95
N VAL P 50 -24.01 -41.31 28.66
CA VAL P 50 -24.78 -41.99 27.64
C VAL P 50 -23.90 -43.04 26.97
N SER P 51 -24.52 -44.13 26.53
CA SER P 51 -23.78 -45.24 25.92
C SER P 51 -23.69 -45.03 24.41
N GLN P 52 -22.65 -44.32 24.01
CA GLN P 52 -22.42 -44.04 22.59
C GLN P 52 -21.73 -45.23 21.94
N MET P 53 -22.32 -45.73 20.85
CA MET P 53 -21.75 -46.86 20.11
C MET P 53 -20.91 -46.29 18.97
N VAL P 54 -19.63 -46.08 19.24
CA VAL P 54 -18.72 -45.53 18.25
C VAL P 54 -18.19 -46.67 17.39
N TYR P 55 -18.18 -46.45 16.07
CA TYR P 55 -17.73 -47.49 15.15
C TYR P 55 -16.21 -47.48 15.04
N LYS P 56 -15.65 -48.66 14.75
CA LYS P 56 -14.20 -48.79 14.68
C LYS P 56 -13.63 -47.97 13.54
N HIS P 57 -14.16 -48.15 12.32
CA HIS P 57 -13.63 -47.46 11.15
C HIS P 57 -13.75 -45.95 11.26
N ALA P 58 -14.53 -45.43 12.20
CA ALA P 58 -14.69 -43.99 12.38
C ALA P 58 -13.72 -43.42 13.40
N ILE P 59 -13.00 -44.27 14.13
CA ILE P 59 -12.06 -43.80 15.14
C ILE P 59 -10.69 -43.60 14.50
N SER P 60 -10.04 -42.50 14.86
CA SER P 60 -8.69 -42.19 14.38
C SER P 60 -7.62 -42.61 15.38
N THR P 61 -7.70 -42.12 16.61
CA THR P 61 -6.74 -42.46 17.64
C THR P 61 -7.47 -42.61 18.97
N VAL P 62 -6.90 -43.44 19.85
CA VAL P 62 -7.42 -43.65 21.19
C VAL P 62 -6.39 -43.08 22.16
N VAL P 63 -6.69 -41.94 22.75
CA VAL P 63 -5.75 -41.23 23.62
C VAL P 63 -6.21 -41.41 25.08
N PRO P 64 -5.57 -42.30 25.84
CA PRO P 64 -5.95 -42.42 27.27
C PRO P 64 -5.41 -41.26 28.08
N SER P 65 -6.02 -41.04 29.25
CA SER P 65 -5.60 -39.95 30.11
C SER P 65 -4.33 -40.26 30.87
N ARG P 66 -4.01 -41.53 31.07
CA ARG P 66 -2.82 -41.93 31.80
C ARG P 66 -2.22 -43.18 31.15
N PRO P 67 -0.89 -43.34 31.22
CA PRO P 67 -0.27 -44.51 30.61
C PRO P 67 -0.66 -45.80 31.32
N VAL P 68 -0.62 -46.90 30.58
CA VAL P 68 -0.97 -48.22 31.10
C VAL P 68 0.14 -49.21 30.72
N ARG P 69 0.41 -50.14 31.63
CA ARG P 69 1.42 -51.15 31.36
C ARG P 69 0.95 -52.12 30.28
N LEU P 70 1.91 -52.64 29.53
CA LEU P 70 1.60 -53.60 28.47
C LEU P 70 1.93 -55.01 28.91
N PRO P 71 1.17 -56.03 28.45
CA PRO P 71 1.44 -57.41 28.85
C PRO P 71 2.67 -58.00 28.16
N LYS Q 3 -20.42 -63.19 14.55
CA LYS Q 3 -19.01 -62.94 14.84
C LYS Q 3 -18.66 -61.48 14.55
N GLY Q 4 -19.12 -60.98 13.40
CA GLY Q 4 -18.87 -59.61 13.03
C GLY Q 4 -19.83 -58.63 13.70
N HIS Q 5 -20.83 -59.18 14.40
CA HIS Q 5 -21.83 -58.36 15.09
C HIS Q 5 -22.14 -58.92 16.47
N SER Q 6 -21.15 -59.52 17.13
CA SER Q 6 -21.39 -60.12 18.44
C SER Q 6 -21.99 -59.11 19.41
N LEU Q 7 -21.43 -57.90 19.45
CA LEU Q 7 -21.93 -56.84 20.33
C LEU Q 7 -22.84 -55.86 19.61
N GLN Q 8 -22.64 -55.67 18.31
CA GLN Q 8 -23.48 -54.73 17.56
C GLN Q 8 -24.91 -55.25 17.43
N ASP Q 9 -25.05 -56.55 17.13
CA ASP Q 9 -26.38 -57.11 16.91
C ASP Q 9 -27.29 -56.93 18.13
N PRO Q 10 -26.90 -57.37 19.34
CA PRO Q 10 -27.81 -57.19 20.49
C PRO Q 10 -28.06 -55.75 20.85
N TYR Q 11 -27.04 -54.89 20.73
CA TYR Q 11 -27.23 -53.48 21.03
C TYR Q 11 -28.25 -52.86 20.09
N LEU Q 12 -28.11 -53.11 18.78
CA LEU Q 12 -29.06 -52.57 17.81
C LEU Q 12 -30.45 -53.16 18.03
N ASN Q 13 -30.52 -54.46 18.36
CA ASN Q 13 -31.82 -55.07 18.60
C ASN Q 13 -32.52 -54.45 19.79
N THR Q 14 -31.78 -54.19 20.87
CA THR Q 14 -32.37 -53.52 22.03
C THR Q 14 -32.82 -52.11 21.66
N LEU Q 15 -31.97 -51.36 20.96
CA LEU Q 15 -32.35 -50.02 20.54
C LEU Q 15 -33.64 -50.03 19.73
N ARG Q 16 -33.79 -51.01 18.84
CA ARG Q 16 -34.97 -51.08 18.00
C ARG Q 16 -36.21 -51.46 18.81
N LYS Q 17 -36.10 -52.53 19.62
CA LYS Q 17 -37.26 -53.01 20.36
C LYS Q 17 -37.74 -51.98 21.37
N GLU Q 18 -36.80 -51.28 22.02
CA GLU Q 18 -37.17 -50.27 23.00
C GLU Q 18 -37.75 -49.01 22.36
N ARG Q 19 -37.61 -48.85 21.04
CA ARG Q 19 -38.16 -47.69 20.34
C ARG Q 19 -37.59 -46.39 20.91
N VAL Q 20 -36.33 -46.43 21.32
CA VAL Q 20 -35.70 -45.24 21.89
C VAL Q 20 -35.34 -44.27 20.77
N PRO Q 21 -35.70 -42.98 20.86
CA PRO Q 21 -35.26 -42.02 19.84
C PRO Q 21 -33.74 -41.91 19.78
N VAL Q 22 -33.14 -42.43 18.71
CA VAL Q 22 -31.69 -42.45 18.57
C VAL Q 22 -31.25 -41.30 17.69
N SER Q 23 -30.03 -40.84 17.91
CA SER Q 23 -29.41 -39.81 17.08
C SER Q 23 -28.10 -40.37 16.51
N ILE Q 24 -28.06 -40.52 15.19
CA ILE Q 24 -26.90 -41.08 14.51
C ILE Q 24 -26.09 -39.94 13.91
N TYR Q 25 -24.79 -39.97 14.14
CA TYR Q 25 -23.88 -38.94 13.65
C TYR Q 25 -23.11 -39.48 12.45
N LEU Q 26 -23.23 -38.80 11.32
CA LEU Q 26 -22.49 -39.19 10.13
C LEU Q 26 -21.03 -38.73 10.22
N VAL Q 27 -20.21 -39.26 9.32
CA VAL Q 27 -18.79 -38.90 9.32
C VAL Q 27 -18.61 -37.41 9.08
N ASN Q 28 -19.49 -36.80 8.29
CA ASN Q 28 -19.37 -35.38 7.99
C ASN Q 28 -19.80 -34.49 9.15
N GLY Q 29 -20.35 -35.07 10.22
CA GLY Q 29 -20.77 -34.30 11.37
C GLY Q 29 -22.24 -33.97 11.42
N ILE Q 30 -23.06 -34.56 10.53
CA ILE Q 30 -24.49 -34.28 10.55
C ILE Q 30 -25.16 -35.11 11.63
N LYS Q 31 -26.20 -34.55 12.23
CA LYS Q 31 -26.96 -35.21 13.29
C LYS Q 31 -28.31 -35.63 12.73
N LEU Q 32 -28.51 -36.93 12.59
CA LEU Q 32 -29.75 -37.48 12.07
C LEU Q 32 -30.63 -37.95 13.23
N GLN Q 33 -31.94 -37.83 13.04
CA GLN Q 33 -32.92 -38.22 14.03
C GLN Q 33 -33.74 -39.40 13.49
N GLY Q 34 -34.53 -39.98 14.39
CA GLY Q 34 -35.39 -41.11 14.06
C GLY Q 34 -35.11 -42.31 14.95
N GLN Q 35 -35.92 -43.34 14.73
CA GLN Q 35 -35.81 -44.59 15.47
C GLN Q 35 -35.36 -45.70 14.53
N ILE Q 36 -34.63 -46.67 15.09
CA ILE Q 36 -34.10 -47.76 14.28
C ILE Q 36 -35.22 -48.74 13.97
N GLU Q 37 -35.53 -48.91 12.68
CA GLU Q 37 -36.53 -49.87 12.25
C GLU Q 37 -35.95 -51.27 12.11
N SER Q 38 -34.81 -51.39 11.44
CA SER Q 38 -34.15 -52.68 11.28
C SER Q 38 -32.67 -52.44 11.01
N PHE Q 39 -31.87 -53.47 11.27
CA PHE Q 39 -30.42 -53.41 11.09
C PHE Q 39 -29.97 -54.67 10.37
N ASP Q 40 -28.83 -54.56 9.68
CA ASP Q 40 -28.27 -55.68 8.93
C ASP Q 40 -26.75 -55.53 8.95
N GLN Q 41 -26.09 -56.00 7.89
CA GLN Q 41 -24.63 -56.00 7.87
C GLN Q 41 -24.06 -54.66 7.49
N PHE Q 42 -24.66 -53.98 6.50
CA PHE Q 42 -24.11 -52.75 5.96
C PHE Q 42 -25.15 -51.63 5.87
N VAL Q 43 -26.30 -51.78 6.50
CA VAL Q 43 -27.37 -50.78 6.40
C VAL Q 43 -28.16 -50.76 7.69
N ILE Q 44 -28.64 -49.57 8.05
CA ILE Q 44 -29.55 -49.38 9.16
C ILE Q 44 -30.79 -48.65 8.64
N LEU Q 45 -31.97 -49.15 8.98
CA LEU Q 45 -33.24 -48.59 8.51
C LEU Q 45 -33.81 -47.69 9.59
N LEU Q 46 -33.87 -46.39 9.31
CA LEU Q 46 -34.41 -45.41 10.24
C LEU Q 46 -35.84 -45.07 9.85
N LYS Q 47 -36.70 -44.92 10.87
CA LYS Q 47 -38.10 -44.55 10.67
C LYS Q 47 -38.35 -43.21 11.32
N ASN Q 48 -38.89 -42.26 10.56
CA ASN Q 48 -39.20 -40.93 11.05
C ASN Q 48 -40.25 -40.33 10.13
N THR Q 49 -40.27 -39.00 10.02
CA THR Q 49 -41.20 -38.35 9.10
C THR Q 49 -41.02 -38.88 7.68
N VAL Q 50 -39.80 -39.24 7.32
CA VAL Q 50 -39.48 -39.80 6.00
C VAL Q 50 -38.60 -41.02 6.24
N SER Q 51 -39.07 -42.18 5.77
CA SER Q 51 -38.28 -43.39 5.87
C SER Q 51 -36.94 -43.19 5.17
N GLN Q 52 -35.86 -43.57 5.85
CA GLN Q 52 -34.51 -43.33 5.36
C GLN Q 52 -33.67 -44.58 5.49
N MET Q 53 -32.75 -44.77 4.54
CA MET Q 53 -31.82 -45.89 4.53
C MET Q 53 -30.40 -45.34 4.62
N VAL Q 54 -29.71 -45.69 5.70
CA VAL Q 54 -28.36 -45.22 5.97
C VAL Q 54 -27.40 -46.38 5.90
N TYR Q 55 -26.22 -46.14 5.33
CA TYR Q 55 -25.21 -47.20 5.23
C TYR Q 55 -24.38 -47.25 6.50
N LYS Q 56 -23.95 -48.46 6.87
CA LYS Q 56 -23.21 -48.65 8.11
C LYS Q 56 -21.85 -47.94 8.05
N HIS Q 57 -21.10 -48.16 6.97
CA HIS Q 57 -19.75 -47.64 6.87
C HIS Q 57 -19.68 -46.12 6.92
N ALA Q 58 -20.81 -45.43 6.81
CA ALA Q 58 -20.84 -43.97 6.84
C ALA Q 58 -21.23 -43.42 8.20
N ILE Q 59 -21.52 -44.28 9.17
CA ILE Q 59 -21.92 -43.82 10.50
C ILE Q 59 -20.69 -43.70 11.39
N SER Q 60 -20.67 -42.65 12.21
CA SER Q 60 -19.56 -42.41 13.14
C SER Q 60 -19.89 -42.80 14.57
N THR Q 61 -21.02 -42.28 15.10
CA THR Q 61 -21.42 -42.58 16.46
C THR Q 61 -22.93 -42.73 16.50
N VAL Q 62 -23.40 -43.56 17.42
CA VAL Q 62 -24.82 -43.81 17.65
C VAL Q 62 -25.10 -43.55 19.12
N VAL Q 63 -25.66 -42.38 19.42
CA VAL Q 63 -25.92 -41.99 20.81
C VAL Q 63 -27.41 -42.14 21.09
N PRO Q 64 -27.83 -43.05 21.97
CA PRO Q 64 -29.25 -43.14 22.31
C PRO Q 64 -29.64 -42.04 23.28
N SER Q 65 -30.81 -41.43 23.02
CA SER Q 65 -31.29 -40.35 23.86
C SER Q 65 -31.67 -40.80 25.25
N ARG Q 66 -31.85 -42.11 25.47
CA ARG Q 66 -32.21 -42.64 26.76
C ARG Q 66 -31.36 -43.87 27.04
N PRO Q 67 -30.97 -44.11 28.31
CA PRO Q 67 -30.10 -45.25 28.60
C PRO Q 67 -30.77 -46.58 28.29
N VAL Q 68 -29.97 -47.55 27.86
CA VAL Q 68 -30.45 -48.90 27.54
C VAL Q 68 -29.50 -49.90 28.20
N ARG Q 69 -30.05 -51.06 28.55
CA ARG Q 69 -29.29 -52.10 29.23
C ARG Q 69 -29.17 -53.32 28.32
N LEU Q 70 -27.95 -53.86 28.24
CA LEU Q 70 -27.72 -55.04 27.43
C LEU Q 70 -28.29 -56.28 28.13
N PRO Q 71 -28.84 -57.23 27.36
CA PRO Q 71 -29.39 -58.43 28.00
C PRO Q 71 -28.33 -59.21 28.79
N HIS R 5 -27.75 -59.60 -0.54
CA HIS R 5 -27.63 -58.99 0.78
C HIS R 5 -28.94 -59.12 1.54
N SER R 6 -28.87 -58.94 2.86
CA SER R 6 -30.04 -59.11 3.72
C SER R 6 -31.16 -58.15 3.35
N LEU R 7 -31.00 -56.87 3.68
CA LEU R 7 -32.06 -55.88 3.55
C LEU R 7 -31.82 -54.83 2.48
N GLN R 8 -30.56 -54.43 2.25
CA GLN R 8 -30.30 -53.38 1.27
C GLN R 8 -30.76 -53.79 -0.12
N ASP R 9 -30.56 -55.06 -0.49
CA ASP R 9 -30.95 -55.52 -1.82
C ASP R 9 -32.47 -55.49 -2.01
N PRO R 10 -33.27 -56.07 -1.10
CA PRO R 10 -34.73 -55.91 -1.22
C PRO R 10 -35.18 -54.46 -1.29
N TYR R 11 -34.60 -53.60 -0.45
CA TYR R 11 -35.00 -52.19 -0.45
C TYR R 11 -34.70 -51.53 -1.79
N LEU R 12 -33.50 -51.75 -2.33
CA LEU R 12 -33.14 -51.16 -3.60
C LEU R 12 -34.00 -51.72 -4.73
N ASN R 13 -34.32 -53.01 -4.66
CA ASN R 13 -35.17 -53.61 -5.69
C ASN R 13 -36.57 -53.01 -5.63
N THR R 14 -37.10 -52.80 -4.43
CA THR R 14 -38.41 -52.17 -4.29
C THR R 14 -38.39 -50.75 -4.85
N LEU R 15 -37.34 -49.99 -4.53
CA LEU R 15 -37.23 -48.64 -5.07
C LEU R 15 -37.16 -48.66 -6.59
N ARG R 16 -36.43 -49.63 -7.15
CA ARG R 16 -36.32 -49.73 -8.60
C ARG R 16 -37.66 -50.11 -9.23
N LYS R 17 -38.45 -50.91 -8.53
CA LYS R 17 -39.73 -51.38 -9.08
C LYS R 17 -40.62 -50.20 -9.44
N GLU R 18 -40.91 -49.34 -8.46
CA GLU R 18 -41.81 -48.21 -8.66
C GLU R 18 -41.10 -46.98 -9.21
N ARG R 19 -39.79 -47.06 -9.43
CA ARG R 19 -39.01 -45.93 -9.94
C ARG R 19 -39.25 -44.68 -9.10
N VAL R 20 -39.29 -44.87 -7.78
CA VAL R 20 -39.58 -43.75 -6.87
C VAL R 20 -38.42 -42.77 -6.90
N PRO R 21 -38.66 -41.45 -6.94
CA PRO R 21 -37.55 -40.50 -6.88
C PRO R 21 -36.78 -40.60 -5.56
N VAL R 22 -35.50 -40.95 -5.64
CA VAL R 22 -34.66 -41.09 -4.47
C VAL R 22 -33.63 -39.98 -4.45
N SER R 23 -33.01 -39.77 -3.29
CA SER R 23 -31.97 -38.77 -3.11
C SER R 23 -30.78 -39.44 -2.42
N ILE R 24 -29.71 -39.66 -3.18
CA ILE R 24 -28.51 -40.30 -2.65
C ILE R 24 -27.57 -39.22 -2.13
N TYR R 25 -27.10 -39.40 -0.90
CA TYR R 25 -26.20 -38.47 -0.25
C TYR R 25 -24.82 -39.09 -0.13
N LEU R 26 -23.81 -38.42 -0.68
CA LEU R 26 -22.44 -38.89 -0.57
C LEU R 26 -21.86 -38.56 0.80
N VAL R 27 -20.67 -39.10 1.07
CA VAL R 27 -20.03 -38.87 2.36
C VAL R 27 -19.65 -37.41 2.53
N ASN R 28 -19.29 -36.74 1.44
CA ASN R 28 -18.89 -35.33 1.54
C ASN R 28 -20.04 -34.45 2.00
N GLY R 29 -21.28 -34.87 1.83
CA GLY R 29 -22.43 -34.12 2.27
C GLY R 29 -23.31 -33.58 1.16
N ILE R 30 -23.05 -33.94 -0.10
CA ILE R 30 -23.86 -33.48 -1.21
C ILE R 30 -24.97 -34.48 -1.48
N LYS R 31 -26.06 -33.99 -2.06
CA LYS R 31 -27.22 -34.82 -2.39
C LYS R 31 -27.39 -34.89 -3.89
N LEU R 32 -27.73 -36.08 -4.38
CA LEU R 32 -27.98 -36.32 -5.80
C LEU R 32 -29.39 -36.81 -6.00
N GLN R 33 -30.14 -36.12 -6.84
CA GLN R 33 -31.54 -36.47 -7.11
C GLN R 33 -31.62 -37.39 -8.32
N GLY R 34 -32.72 -38.13 -8.39
CA GLY R 34 -32.95 -39.04 -9.50
C GLY R 34 -33.67 -40.28 -9.02
N GLN R 35 -33.59 -41.33 -9.84
CA GLN R 35 -34.21 -42.61 -9.55
C GLN R 35 -33.24 -43.73 -9.91
N ILE R 36 -33.28 -44.80 -9.12
CA ILE R 36 -32.33 -45.90 -9.31
C ILE R 36 -32.70 -46.66 -10.57
N GLU R 37 -31.72 -46.83 -11.46
CA GLU R 37 -31.92 -47.66 -12.66
C GLU R 37 -31.57 -49.12 -12.38
N SER R 38 -30.48 -49.35 -11.65
CA SER R 38 -30.06 -50.70 -11.29
C SER R 38 -28.95 -50.56 -10.24
N PHE R 39 -28.51 -51.70 -9.73
CA PHE R 39 -27.49 -51.72 -8.69
C PHE R 39 -26.86 -53.11 -8.64
N ASP R 40 -25.80 -53.22 -7.85
CA ASP R 40 -25.12 -54.49 -7.65
C ASP R 40 -24.45 -54.51 -6.27
N GLN R 41 -23.32 -55.20 -6.15
CA GLN R 41 -22.64 -55.30 -4.87
C GLN R 41 -21.82 -54.06 -4.53
N PHE R 42 -21.45 -53.26 -5.54
CA PHE R 42 -20.53 -52.15 -5.31
C PHE R 42 -20.98 -50.82 -5.94
N VAL R 43 -21.88 -50.83 -6.92
CA VAL R 43 -22.26 -49.62 -7.62
C VAL R 43 -23.78 -49.55 -7.75
N ILE R 44 -24.29 -48.33 -7.90
CA ILE R 44 -25.71 -48.06 -8.07
C ILE R 44 -25.87 -47.12 -9.26
N LEU R 45 -26.82 -47.44 -10.14
CA LEU R 45 -27.09 -46.63 -11.31
C LEU R 45 -28.23 -45.65 -11.00
N LEU R 46 -27.93 -44.36 -11.08
CA LEU R 46 -28.89 -43.29 -10.82
C LEU R 46 -29.12 -42.55 -12.14
N LYS R 47 -30.16 -42.94 -12.86
CA LYS R 47 -30.44 -42.35 -14.16
C LYS R 47 -31.11 -40.99 -13.99
N ASN R 48 -30.57 -39.99 -14.68
CA ASN R 48 -31.12 -38.63 -14.62
C ASN R 48 -30.37 -37.81 -15.67
N THR R 49 -31.01 -37.58 -16.81
CA THR R 49 -30.36 -36.92 -17.94
C THR R 49 -29.27 -37.80 -18.51
N VAL R 50 -28.27 -38.11 -17.69
CA VAL R 50 -27.18 -39.01 -18.08
C VAL R 50 -27.09 -40.13 -17.05
N SER R 51 -26.55 -41.27 -17.47
CA SER R 51 -26.39 -42.43 -16.60
C SER R 51 -25.11 -42.25 -15.80
N GLN R 52 -25.25 -41.81 -14.55
CA GLN R 52 -24.13 -41.56 -13.66
C GLN R 52 -24.02 -42.70 -12.66
N MET R 53 -22.87 -43.36 -12.65
CA MET R 53 -22.62 -44.45 -11.73
C MET R 53 -22.03 -43.91 -10.43
N VAL R 54 -22.51 -44.42 -9.30
CA VAL R 54 -22.03 -44.03 -7.98
C VAL R 54 -21.61 -45.28 -7.22
N TYR R 55 -20.55 -45.16 -6.44
CA TYR R 55 -20.01 -46.30 -5.70
C TYR R 55 -20.64 -46.39 -4.32
N LYS R 56 -20.78 -47.63 -3.83
CA LYS R 56 -21.40 -47.85 -2.53
C LYS R 56 -20.59 -47.21 -1.41
N HIS R 57 -19.28 -47.46 -1.40
CA HIS R 57 -18.44 -46.96 -0.32
C HIS R 57 -18.47 -45.45 -0.18
N ALA R 58 -18.91 -44.72 -1.21
CA ALA R 58 -19.00 -43.27 -1.16
C ALA R 58 -20.40 -42.77 -0.81
N ILE R 59 -21.40 -43.65 -0.79
CA ILE R 59 -22.76 -43.26 -0.46
C ILE R 59 -22.94 -43.32 1.05
N SER R 60 -23.68 -42.35 1.59
CA SER R 60 -23.98 -42.31 3.01
C SER R 60 -25.38 -42.82 3.34
N THR R 61 -26.38 -42.45 2.56
CA THR R 61 -27.76 -42.85 2.82
C THR R 61 -28.59 -42.66 1.56
N VAL R 62 -29.62 -43.49 1.44
CA VAL R 62 -30.57 -43.42 0.33
C VAL R 62 -31.93 -43.05 0.91
N VAL R 63 -32.39 -41.85 0.59
CA VAL R 63 -33.63 -41.30 1.13
C VAL R 63 -34.66 -41.23 0.00
N PRO R 64 -35.69 -42.06 0.00
CA PRO R 64 -36.74 -41.92 -1.02
C PRO R 64 -37.52 -40.63 -0.82
N SER R 65 -37.91 -40.01 -1.93
CA SER R 65 -38.63 -38.74 -1.88
C SER R 65 -40.01 -38.88 -1.25
N ARG R 66 -40.64 -40.06 -1.35
CA ARG R 66 -41.96 -40.28 -0.81
C ARG R 66 -41.99 -41.56 0.02
N PRO R 67 -42.99 -41.71 0.89
CA PRO R 67 -43.06 -42.94 1.72
C PRO R 67 -43.14 -44.19 0.86
N VAL R 68 -42.33 -45.17 1.22
CA VAL R 68 -42.30 -46.45 0.51
C VAL R 68 -42.13 -47.57 1.54
N ARG R 69 -42.76 -48.71 1.25
CA ARG R 69 -42.70 -49.88 2.13
C ARG R 69 -41.94 -51.00 1.44
N LEU R 70 -41.36 -51.88 2.25
CA LEU R 70 -40.62 -53.02 1.74
C LEU R 70 -41.49 -53.87 0.82
N GLY S 1 -22.55 -13.95 -30.19
CA GLY S 1 -22.00 -13.39 -28.93
C GLY S 1 -22.34 -14.23 -27.71
N PRO S 2 -21.82 -13.83 -26.54
CA PRO S 2 -22.10 -14.60 -25.31
C PRO S 2 -23.44 -14.24 -24.70
N ALA S 3 -24.50 -14.24 -25.52
CA ALA S 3 -25.82 -13.89 -25.04
C ALA S 3 -26.54 -15.10 -24.48
N MET S 4 -27.36 -14.87 -23.45
CA MET S 4 -28.16 -15.91 -22.83
C MET S 4 -29.57 -15.38 -22.62
N ARG S 5 -30.52 -15.93 -23.37
CA ARG S 5 -31.90 -15.47 -23.35
C ARG S 5 -32.75 -16.45 -22.55
N ILE S 6 -33.48 -15.92 -21.57
CA ILE S 6 -34.39 -16.71 -20.75
C ILE S 6 -35.79 -16.14 -20.93
N ILE S 7 -36.75 -17.03 -21.20
CA ILE S 7 -38.14 -16.63 -21.46
C ILE S 7 -39.03 -17.31 -20.43
N SER S 8 -39.62 -16.51 -19.55
CA SER S 8 -40.55 -16.99 -18.55
C SER S 8 -41.96 -16.57 -18.94
N VAL S 9 -42.85 -17.54 -19.09
CA VAL S 9 -44.22 -17.31 -19.56
C VAL S 9 -45.16 -18.11 -18.68
N ASN S 10 -45.99 -17.41 -17.92
CA ASN S 10 -47.07 -18.06 -17.17
C ASN S 10 -48.30 -18.14 -18.08
N VAL S 11 -48.63 -19.34 -18.52
CA VAL S 11 -49.67 -19.53 -19.52
C VAL S 11 -51.05 -19.78 -18.91
N ASN S 12 -51.13 -20.15 -17.64
CA ASN S 12 -52.40 -20.51 -17.02
C ASN S 12 -53.12 -21.57 -17.86
N GLY S 13 -52.37 -22.62 -18.19
CA GLY S 13 -52.86 -23.65 -19.07
C GLY S 13 -52.18 -23.62 -20.43
N ILE S 14 -51.29 -24.57 -20.68
CA ILE S 14 -50.55 -24.61 -21.93
C ILE S 14 -51.48 -24.79 -23.13
N GLN S 15 -52.69 -25.32 -22.90
CA GLN S 15 -53.62 -25.55 -24.01
CA GLN S 15 -53.62 -25.55 -24.01
C GLN S 15 -54.03 -24.24 -24.67
N ALA S 16 -54.47 -23.26 -23.87
CA ALA S 16 -54.91 -21.99 -24.43
C ALA S 16 -53.75 -21.26 -25.10
N ALA S 17 -52.58 -21.26 -24.47
CA ALA S 17 -51.43 -20.58 -25.05
C ALA S 17 -51.02 -21.21 -26.38
N ALA S 18 -51.02 -22.55 -26.44
CA ALA S 18 -50.71 -23.22 -27.69
C ALA S 18 -51.76 -22.92 -28.75
N GLU S 19 -53.03 -22.86 -28.35
CA GLU S 19 -54.09 -22.50 -29.30
C GLU S 19 -53.85 -21.10 -29.86
N ARG S 20 -53.41 -20.17 -29.01
CA ARG S 20 -53.12 -18.81 -29.45
C ARG S 20 -51.78 -18.70 -30.17
N GLY S 21 -51.00 -19.78 -30.21
CA GLY S 21 -49.77 -19.79 -30.97
C GLY S 21 -48.51 -19.59 -30.16
N LEU S 22 -48.53 -19.84 -28.85
CA LEU S 22 -47.33 -19.67 -28.05
C LEU S 22 -46.24 -20.66 -28.44
N LEU S 23 -46.64 -21.89 -28.77
CA LEU S 23 -45.66 -22.92 -29.12
C LEU S 23 -44.84 -22.51 -30.34
N SER S 24 -45.53 -22.13 -31.43
CA SER S 24 -44.81 -21.75 -32.65
C SER S 24 -44.03 -20.47 -32.45
N TRP S 25 -44.61 -19.50 -31.70
CA TRP S 25 -43.89 -18.25 -31.45
C TRP S 25 -42.59 -18.51 -30.68
N LEU S 26 -42.63 -19.42 -29.72
CA LEU S 26 -41.42 -19.76 -28.98
C LEU S 26 -40.43 -20.50 -29.86
N GLN S 27 -40.92 -21.47 -30.64
CA GLN S 27 -40.04 -22.18 -31.56
C GLN S 27 -39.32 -21.22 -32.49
N ALA S 28 -40.01 -20.20 -32.98
CA ALA S 28 -39.38 -19.19 -33.83
C ALA S 28 -38.55 -18.22 -33.00
N GLN S 29 -39.05 -17.84 -31.83
CA GLN S 29 -38.33 -16.93 -30.94
C GLN S 29 -37.14 -17.65 -30.36
N ASN S 30 -35.95 -17.31 -30.85
CA ASN S 30 -34.72 -17.93 -30.34
C ASN S 30 -34.62 -17.73 -28.84
N ALA S 31 -34.16 -18.77 -28.14
CA ALA S 31 -34.01 -18.71 -26.70
C ALA S 31 -33.23 -19.93 -26.23
N ASP S 32 -32.38 -19.74 -25.22
CA ASP S 32 -31.63 -20.86 -24.67
C ASP S 32 -32.53 -21.75 -23.82
N VAL S 33 -33.36 -21.14 -22.97
CA VAL S 33 -34.27 -21.89 -22.11
C VAL S 33 -35.57 -21.09 -21.99
N ILE S 34 -36.67 -21.80 -21.75
CA ILE S 34 -38.00 -21.19 -21.64
C ILE S 34 -38.56 -21.62 -20.29
N CYS S 35 -38.82 -20.66 -19.41
CA CYS S 35 -39.39 -20.94 -18.09
C CYS S 35 -40.91 -20.80 -18.15
N LEU S 36 -41.53 -21.69 -18.91
CA LEU S 36 -42.98 -21.73 -18.98
C LEU S 36 -43.55 -22.24 -17.65
N GLN S 37 -44.57 -21.56 -17.15
CA GLN S 37 -45.16 -21.85 -15.85
C GLN S 37 -46.65 -22.10 -15.99
N ASP S 38 -47.20 -22.79 -14.99
CA ASP S 38 -48.64 -23.08 -14.92
C ASP S 38 -49.09 -23.84 -16.18
N THR S 39 -48.71 -25.12 -16.20
CA THR S 39 -49.03 -25.96 -17.36
C THR S 39 -50.47 -26.45 -17.33
N ARG S 40 -51.01 -26.73 -16.15
CA ARG S 40 -52.34 -27.31 -16.03
C ARG S 40 -52.45 -28.61 -16.82
N ALA S 41 -51.32 -29.31 -16.96
CA ALA S 41 -51.27 -30.53 -17.75
C ALA S 41 -50.27 -31.48 -17.13
N SER S 42 -50.53 -32.78 -17.26
CA SER S 42 -49.66 -33.78 -16.66
C SER S 42 -48.40 -33.97 -17.49
N ALA S 43 -47.40 -34.62 -16.89
CA ALA S 43 -46.18 -34.94 -17.63
C ALA S 43 -46.49 -35.77 -18.85
N PHE S 44 -47.44 -36.70 -18.74
CA PHE S 44 -47.88 -37.48 -19.90
C PHE S 44 -48.53 -36.59 -20.96
N ASP S 45 -49.19 -35.51 -20.55
CA ASP S 45 -49.73 -34.56 -21.51
C ASP S 45 -48.61 -33.75 -22.15
N LEU S 46 -47.63 -33.30 -21.35
CA LEU S 46 -46.47 -32.63 -21.91
C LEU S 46 -45.63 -33.57 -22.77
N ASP S 47 -45.70 -34.87 -22.50
CA ASP S 47 -44.99 -35.84 -23.32
C ASP S 47 -45.45 -35.83 -24.77
N ASP S 48 -46.63 -35.28 -25.04
CA ASP S 48 -47.13 -35.17 -26.40
C ASP S 48 -46.11 -34.46 -27.28
N PRO S 49 -45.65 -35.07 -28.38
CA PRO S 49 -44.64 -34.40 -29.21
C PRO S 49 -45.09 -33.07 -29.79
N SER S 50 -46.39 -32.75 -29.74
CA SER S 50 -46.84 -31.46 -30.23
C SER S 50 -46.27 -30.32 -29.40
N PHE S 51 -46.24 -30.48 -28.07
CA PHE S 51 -45.66 -29.47 -27.22
C PHE S 51 -44.14 -29.52 -27.25
N GLN S 52 -43.57 -30.71 -27.44
CA GLN S 52 -42.13 -30.88 -27.52
C GLN S 52 -41.58 -30.12 -28.72
N LEU S 53 -40.82 -29.07 -28.47
CA LEU S 53 -40.24 -28.24 -29.53
C LEU S 53 -38.89 -28.81 -29.95
N ASP S 54 -38.67 -28.86 -31.26
CA ASP S 54 -37.41 -29.38 -31.77
C ASP S 54 -36.25 -28.51 -31.33
N GLY S 55 -35.09 -29.13 -31.18
CA GLY S 55 -33.91 -28.41 -30.73
C GLY S 55 -33.95 -28.02 -29.27
N TYR S 56 -34.77 -28.70 -28.47
CA TYR S 56 -34.87 -28.41 -27.04
C TYR S 56 -35.13 -29.71 -26.29
N PHE S 57 -34.86 -29.68 -24.99
CA PHE S 57 -35.08 -30.82 -24.10
C PHE S 57 -36.16 -30.45 -23.11
N LEU S 58 -37.27 -31.18 -23.16
CA LEU S 58 -38.42 -30.87 -22.32
C LEU S 58 -38.27 -31.54 -20.95
N TYR S 59 -38.51 -30.76 -19.90
CA TYR S 59 -38.50 -31.26 -18.52
C TYR S 59 -39.64 -30.61 -17.77
N ALA S 60 -40.49 -31.43 -17.15
CA ALA S 60 -41.66 -30.91 -16.45
C ALA S 60 -42.01 -31.84 -15.29
N CYS S 61 -42.46 -31.25 -14.20
CA CYS S 61 -42.90 -31.99 -13.01
C CYS S 61 -44.32 -31.54 -12.69
N ASP S 62 -45.30 -32.32 -13.14
CA ASP S 62 -46.69 -31.98 -12.93
C ASP S 62 -47.12 -32.26 -11.49
N ALA S 63 -48.29 -31.77 -11.12
CA ALA S 63 -48.86 -31.98 -9.81
C ALA S 63 -49.61 -33.31 -9.76
N GLU S 64 -50.15 -33.63 -8.58
CA GLU S 64 -51.00 -34.81 -8.46
C GLU S 64 -52.20 -34.70 -9.38
N LEU S 65 -52.79 -33.51 -9.46
CA LEU S 65 -53.87 -33.23 -10.39
C LEU S 65 -53.38 -32.22 -11.43
N PRO S 66 -53.51 -32.50 -12.73
CA PRO S 66 -52.90 -31.60 -13.73
C PRO S 66 -53.39 -30.16 -13.63
N GLU S 67 -54.70 -29.94 -13.75
CA GLU S 67 -55.23 -28.59 -13.84
C GLU S 67 -54.88 -27.75 -12.61
N GLN S 68 -54.67 -28.39 -11.46
CA GLN S 68 -54.39 -27.63 -10.24
C GLN S 68 -53.11 -26.82 -10.39
N GLY S 69 -52.05 -27.42 -10.93
CA GLY S 69 -50.79 -26.71 -11.11
C GLY S 69 -49.98 -27.26 -12.26
N GLY S 70 -48.70 -27.52 -12.01
CA GLY S 70 -47.82 -28.06 -13.03
C GLY S 70 -46.88 -27.03 -13.62
N VAL S 71 -45.61 -27.40 -13.76
CA VAL S 71 -44.60 -26.51 -14.32
C VAL S 71 -43.71 -27.32 -15.25
N ALA S 72 -43.24 -26.66 -16.31
CA ALA S 72 -42.37 -27.28 -17.31
C ALA S 72 -41.15 -26.40 -17.53
N LEU S 73 -40.20 -26.92 -18.29
CA LEU S 73 -38.95 -26.22 -18.56
C LEU S 73 -38.34 -26.76 -19.84
N TYR S 74 -37.94 -25.86 -20.73
CA TYR S 74 -37.26 -26.21 -21.96
C TYR S 74 -35.77 -25.88 -21.85
N SER S 75 -34.98 -26.53 -22.70
CA SER S 75 -33.53 -26.33 -22.70
C SER S 75 -32.99 -26.75 -24.06
N ARG S 76 -32.33 -25.82 -24.76
CA ARG S 76 -31.74 -26.14 -26.04
C ARG S 76 -30.77 -27.30 -25.93
N LEU S 77 -29.74 -27.14 -25.09
CA LEU S 77 -28.76 -28.19 -24.83
C LEU S 77 -29.12 -28.92 -23.55
N GLN S 78 -28.73 -30.19 -23.48
CA GLN S 78 -29.03 -31.04 -22.33
C GLN S 78 -28.45 -30.44 -21.07
N PRO S 79 -29.28 -30.02 -20.10
CA PRO S 79 -28.73 -29.49 -18.85
C PRO S 79 -27.87 -30.52 -18.13
N LYS S 80 -27.04 -30.04 -17.21
CA LYS S 80 -26.18 -30.93 -16.43
C LYS S 80 -27.02 -31.92 -15.65
N ALA S 81 -28.09 -31.45 -15.01
CA ALA S 81 -28.96 -32.31 -14.22
C ALA S 81 -30.21 -31.53 -13.86
N VAL S 82 -31.34 -32.24 -13.76
CA VAL S 82 -32.62 -31.65 -13.43
C VAL S 82 -33.13 -32.27 -12.14
N ILE S 83 -33.66 -31.42 -11.25
CA ILE S 83 -34.22 -31.87 -9.97
C ILE S 83 -35.64 -31.34 -9.88
N SER S 84 -36.56 -32.18 -9.40
CA SER S 84 -37.97 -31.83 -9.29
C SER S 84 -38.48 -32.09 -7.88
N GLY S 85 -37.88 -31.42 -6.90
CA GLY S 85 -38.30 -31.57 -5.51
C GLY S 85 -37.86 -30.38 -4.69
N LEU S 86 -38.68 -30.06 -3.68
CA LEU S 86 -38.40 -28.97 -2.76
C LEU S 86 -38.52 -29.35 -1.30
N GLY S 87 -39.28 -30.38 -0.96
CA GLY S 87 -39.41 -30.84 0.41
C GLY S 87 -40.64 -30.35 1.15
N PHE S 88 -41.57 -29.68 0.47
CA PHE S 88 -42.77 -29.15 1.09
C PHE S 88 -44.00 -29.84 0.51
N GLU S 89 -44.97 -30.14 1.38
CA GLU S 89 -46.24 -30.68 0.91
C GLU S 89 -46.90 -29.71 -0.06
N THR S 90 -46.80 -28.41 0.23
CA THR S 90 -47.34 -27.39 -0.68
C THR S 90 -46.59 -27.34 -1.99
N ALA S 91 -45.37 -27.89 -2.04
CA ALA S 91 -44.54 -27.86 -3.24
C ALA S 91 -44.48 -29.21 -3.95
N ASP S 92 -44.12 -30.27 -3.24
CA ASP S 92 -43.95 -31.57 -3.88
C ASP S 92 -45.29 -32.11 -4.37
N ARG S 93 -46.32 -32.05 -3.52
CA ARG S 93 -47.64 -32.56 -3.89
C ARG S 93 -48.30 -31.74 -4.99
N TYR S 94 -47.76 -30.57 -5.33
CA TYR S 94 -48.35 -29.70 -6.33
C TYR S 94 -47.39 -29.42 -7.49
N GLY S 95 -46.23 -30.07 -7.52
CA GLY S 95 -45.31 -29.89 -8.64
C GLY S 95 -45.08 -28.44 -9.02
N ARG S 96 -45.04 -27.55 -8.02
CA ARG S 96 -44.89 -26.12 -8.25
C ARG S 96 -43.44 -25.67 -8.40
N TYR S 97 -42.49 -26.60 -8.37
CA TYR S 97 -41.08 -26.26 -8.43
C TYR S 97 -40.35 -27.26 -9.33
N LEU S 98 -39.45 -26.75 -10.15
CA LEU S 98 -38.63 -27.59 -11.02
C LEU S 98 -37.35 -26.82 -11.33
N GLN S 99 -36.20 -27.34 -10.86
CA GLN S 99 -34.92 -26.68 -11.00
C GLN S 99 -33.99 -27.52 -11.86
N ALA S 100 -33.26 -26.86 -12.74
CA ALA S 100 -32.22 -27.51 -13.54
C ALA S 100 -30.85 -26.99 -13.11
N ASP S 101 -29.81 -27.71 -13.53
CA ASP S 101 -28.44 -27.41 -13.16
C ASP S 101 -27.62 -27.08 -14.40
N PHE S 102 -26.71 -26.12 -14.26
CA PHE S 102 -25.85 -25.71 -15.36
C PHE S 102 -24.49 -25.35 -14.75
N ASP S 103 -23.61 -24.79 -15.58
CA ASP S 103 -22.26 -24.43 -15.15
C ASP S 103 -22.33 -23.14 -14.33
N LYS S 104 -22.27 -23.30 -13.00
CA LYS S 104 -22.28 -22.19 -12.05
C LYS S 104 -23.56 -21.37 -12.09
N VAL S 105 -24.62 -21.88 -12.73
CA VAL S 105 -25.91 -21.20 -12.76
C VAL S 105 -27.00 -22.26 -12.69
N SER S 106 -28.14 -21.88 -12.12
CA SER S 106 -29.26 -22.80 -11.90
C SER S 106 -30.55 -22.09 -12.33
N ILE S 107 -31.08 -22.50 -13.47
CA ILE S 107 -32.39 -22.01 -13.91
C ILE S 107 -33.46 -22.81 -13.16
N ALA S 108 -34.40 -22.10 -12.52
CA ALA S 108 -35.42 -22.72 -11.70
C ALA S 108 -36.78 -22.11 -12.05
N THR S 109 -37.71 -22.96 -12.49
CA THR S 109 -39.07 -22.54 -12.74
C THR S 109 -39.87 -22.59 -11.45
N LEU S 110 -40.45 -21.46 -11.05
CA LEU S 110 -41.18 -21.35 -9.79
C LEU S 110 -42.60 -20.88 -10.09
N LEU S 111 -43.56 -21.41 -9.34
CA LEU S 111 -44.97 -21.05 -9.49
C LEU S 111 -45.61 -21.05 -8.11
N LEU S 112 -45.76 -19.86 -7.53
CA LEU S 112 -46.43 -19.77 -6.23
C LEU S 112 -47.94 -19.86 -6.42
N PRO S 113 -48.66 -20.41 -5.44
CA PRO S 113 -50.13 -20.43 -5.54
C PRO S 113 -50.68 -19.01 -5.61
N SER S 114 -51.58 -18.80 -6.57
CA SER S 114 -52.10 -17.45 -6.80
C SER S 114 -52.68 -16.85 -5.53
N GLY S 115 -53.65 -17.53 -4.91
CA GLY S 115 -54.31 -17.03 -3.74
C GLY S 115 -55.54 -16.20 -4.00
N GLN S 116 -55.69 -15.66 -5.21
CA GLN S 116 -56.87 -14.84 -5.52
C GLN S 116 -58.15 -15.66 -5.59
N SER S 117 -58.04 -16.99 -5.66
CA SER S 117 -59.21 -17.84 -5.77
C SER S 117 -60.06 -17.80 -4.51
N GLY S 118 -59.50 -18.27 -3.40
CA GLY S 118 -60.25 -18.32 -2.15
C GLY S 118 -59.34 -18.12 -0.96
N ASP S 119 -59.97 -17.97 0.22
CA ASP S 119 -59.22 -17.77 1.44
C ASP S 119 -58.32 -18.96 1.74
N GLU S 120 -58.79 -20.18 1.44
CA GLU S 120 -57.93 -21.34 1.58
C GLU S 120 -56.69 -21.21 0.71
N SER S 121 -56.85 -20.63 -0.48
CA SER S 121 -55.70 -20.39 -1.35
C SER S 121 -54.76 -19.37 -0.72
N LEU S 122 -55.32 -18.38 -0.01
CA LEU S 122 -54.46 -17.41 0.67
C LEU S 122 -53.67 -18.07 1.80
N ASN S 123 -54.32 -18.97 2.55
CA ASN S 123 -53.60 -19.70 3.59
C ASN S 123 -52.51 -20.57 3.00
N GLN S 124 -52.81 -21.26 1.90
CA GLN S 124 -51.79 -22.05 1.21
C GLN S 124 -50.64 -21.16 0.76
N LYS S 125 -50.97 -19.95 0.28
CA LYS S 125 -49.93 -19.03 -0.17
C LYS S 125 -49.03 -18.60 0.98
N PHE S 126 -49.64 -18.28 2.13
CA PHE S 126 -48.82 -17.91 3.30
C PHE S 126 -47.93 -19.07 3.73
N LYS S 127 -48.49 -20.28 3.77
CA LYS S 127 -47.69 -21.45 4.13
C LYS S 127 -46.52 -21.62 3.17
N PHE S 128 -46.79 -21.58 1.87
CA PHE S 128 -45.74 -21.74 0.88
C PHE S 128 -44.71 -20.62 1.00
N MET S 129 -45.15 -19.41 1.32
CA MET S 129 -44.23 -18.29 1.43
C MET S 129 -43.27 -18.47 2.60
N ASP S 130 -43.79 -18.87 3.77
CA ASP S 130 -42.90 -19.08 4.90
C ASP S 130 -41.95 -20.26 4.64
N ASP S 131 -42.49 -21.36 4.10
CA ASP S 131 -41.62 -22.50 3.78
C ASP S 131 -40.56 -22.11 2.76
N PHE S 132 -40.91 -21.26 1.80
CA PHE S 132 -39.97 -20.93 0.73
C PHE S 132 -38.92 -19.94 1.20
N THR S 133 -39.28 -19.01 2.10
CA THR S 133 -38.26 -18.15 2.67
C THR S 133 -37.33 -18.93 3.58
N HIS S 134 -37.84 -19.95 4.28
CA HIS S 134 -36.96 -20.85 5.01
C HIS S 134 -36.01 -21.57 4.06
N TYR S 135 -36.55 -22.11 2.96
CA TYR S 135 -35.71 -22.78 1.98
C TYR S 135 -34.66 -21.84 1.42
N LEU S 136 -35.02 -20.57 1.23
CA LEU S 136 -34.07 -19.60 0.69
C LEU S 136 -32.97 -19.28 1.72
N SER S 137 -33.35 -19.13 2.98
CA SER S 137 -32.35 -18.96 4.03
C SER S 137 -31.40 -20.14 4.07
N LYS S 138 -31.90 -21.35 3.85
CA LYS S 138 -31.02 -22.52 3.81
C LYS S 138 -30.17 -22.52 2.55
N GLN S 139 -30.72 -22.03 1.43
CA GLN S 139 -30.02 -22.11 0.15
C GLN S 139 -28.91 -21.08 0.05
N ARG S 140 -29.07 -19.93 0.71
CA ARG S 140 -28.05 -18.88 0.64
C ARG S 140 -26.66 -19.44 0.97
N ARG S 141 -26.60 -20.50 1.76
CA ARG S 141 -25.32 -21.13 2.07
C ARG S 141 -24.62 -21.60 0.80
N LYS S 142 -25.37 -22.14 -0.15
CA LYS S 142 -24.76 -22.70 -1.35
C LYS S 142 -23.92 -21.66 -2.08
N ARG S 143 -22.74 -22.08 -2.53
CA ARG S 143 -21.85 -21.18 -3.25
C ARG S 143 -22.31 -20.98 -4.69
N ARG S 144 -22.75 -22.05 -5.35
CA ARG S 144 -23.16 -21.97 -6.73
C ARG S 144 -24.30 -20.96 -6.89
N GLU S 145 -24.24 -20.20 -7.98
CA GLU S 145 -25.24 -19.17 -8.24
C GLU S 145 -26.52 -19.79 -8.77
N TYR S 146 -27.64 -19.09 -8.56
CA TYR S 146 -28.97 -19.62 -8.86
C TYR S 146 -29.78 -18.58 -9.62
N ILE S 147 -30.71 -19.08 -10.43
CA ILE S 147 -31.70 -18.26 -11.13
C ILE S 147 -33.07 -18.86 -10.88
N TYR S 148 -34.07 -18.01 -10.66
CA TYR S 148 -35.41 -18.44 -10.29
C TYR S 148 -36.44 -17.75 -11.19
N CYS S 149 -36.90 -18.47 -12.21
CA CYS S 149 -38.04 -18.02 -13.00
C CYS S 149 -39.29 -18.23 -12.18
N GLY S 150 -39.90 -17.14 -11.70
CA GLY S 150 -41.02 -17.27 -10.80
C GLY S 150 -42.10 -16.23 -10.96
N SER S 151 -43.34 -16.68 -11.12
CA SER S 151 -44.51 -15.81 -11.05
C SER S 151 -45.01 -15.81 -9.61
N LEU S 152 -44.63 -14.79 -8.84
CA LEU S 152 -44.84 -14.79 -7.40
C LEU S 152 -46.24 -14.36 -7.00
N TYR S 153 -46.98 -13.72 -7.89
CA TYR S 153 -48.34 -13.25 -7.59
C TYR S 153 -48.32 -12.27 -6.42
N VAL S 154 -47.28 -11.43 -6.39
CA VAL S 154 -47.13 -10.43 -5.33
C VAL S 154 -46.51 -9.17 -5.91
N ALA S 155 -47.16 -8.03 -5.69
CA ALA S 155 -46.62 -6.75 -6.12
C ALA S 155 -45.54 -6.30 -5.13
N HIS S 156 -44.39 -5.88 -5.67
CA HIS S 156 -43.26 -5.53 -4.81
C HIS S 156 -43.43 -4.13 -4.24
N GLN S 157 -43.53 -3.12 -5.10
CA GLN S 157 -43.60 -1.73 -4.68
C GLN S 157 -44.70 -1.02 -5.45
N LYS S 158 -44.86 0.28 -5.17
CA LYS S 158 -45.89 1.06 -5.82
C LYS S 158 -45.72 1.02 -7.34
N MET S 159 -44.50 1.24 -7.82
CA MET S 159 -44.25 1.23 -9.26
C MET S 159 -44.62 -0.10 -9.90
N ASP S 160 -44.69 -1.18 -9.12
CA ASP S 160 -44.97 -2.51 -9.63
C ASP S 160 -46.47 -2.82 -9.65
N VAL S 161 -47.32 -1.80 -9.62
CA VAL S 161 -48.76 -2.00 -9.63
C VAL S 161 -49.45 -0.65 -9.77
N LYS S 162 -50.53 -0.61 -10.55
CA LYS S 162 -51.27 0.62 -10.76
C LYS S 162 -52.42 0.74 -9.78
N ASN S 163 -52.66 1.97 -9.32
CA ASN S 163 -53.75 2.27 -8.39
C ASN S 163 -53.63 1.42 -7.13
N TRP S 164 -52.41 1.27 -6.61
CA TRP S 164 -52.18 0.44 -5.44
C TRP S 164 -53.11 0.80 -4.30
N ARG S 165 -53.57 2.05 -4.25
CA ARG S 165 -54.51 2.46 -3.20
C ARG S 165 -55.76 1.57 -3.23
N GLU S 166 -56.19 1.17 -4.42
CA GLU S 166 -57.33 0.27 -4.54
C GLU S 166 -56.90 -1.19 -4.44
N CYS S 167 -55.73 -1.52 -4.99
CA CYS S 167 -55.25 -2.90 -4.96
C CYS S 167 -54.80 -3.35 -3.59
N GLN S 168 -54.79 -2.46 -2.59
CA GLN S 168 -54.35 -2.83 -1.25
C GLN S 168 -55.29 -3.83 -0.61
N GLN S 169 -56.42 -4.12 -1.26
CA GLN S 169 -57.32 -5.18 -0.81
C GLN S 169 -57.12 -6.47 -1.60
N MET S 170 -56.74 -6.38 -2.87
CA MET S 170 -56.59 -7.56 -3.70
C MET S 170 -55.33 -8.32 -3.32
N PRO S 171 -55.37 -9.66 -3.28
CA PRO S 171 -54.15 -10.43 -2.97
C PRO S 171 -53.03 -10.12 -3.95
N GLY S 172 -51.88 -9.72 -3.43
CA GLY S 172 -50.74 -9.38 -4.25
C GLY S 172 -49.99 -8.17 -3.74
N PHE S 173 -50.73 -7.18 -3.25
CA PHE S 173 -50.17 -5.97 -2.67
C PHE S 173 -50.41 -5.90 -1.16
N LEU S 174 -50.88 -6.99 -0.56
CA LEU S 174 -51.19 -7.00 0.86
C LEU S 174 -49.93 -6.74 1.69
N ALA S 175 -50.12 -6.19 2.88
CA ALA S 175 -49.00 -5.90 3.77
C ALA S 175 -48.10 -7.09 4.03
N PRO S 176 -48.61 -8.25 4.46
CA PRO S 176 -47.71 -9.39 4.68
C PRO S 176 -47.00 -9.86 3.42
N GLU S 177 -47.70 -9.84 2.29
CA GLU S 177 -47.07 -10.21 1.03
C GLU S 177 -45.94 -9.25 0.68
N ARG S 178 -46.20 -7.95 0.85
CA ARG S 178 -45.16 -6.95 0.61
C ARG S 178 -43.96 -7.18 1.52
N ALA S 179 -44.22 -7.42 2.81
CA ALA S 179 -43.12 -7.67 3.74
C ALA S 179 -42.30 -8.87 3.31
N TRP S 180 -42.97 -9.98 3.00
CA TRP S 180 -42.27 -11.19 2.60
C TRP S 180 -41.43 -10.94 1.34
N LEU S 181 -42.01 -10.26 0.36
CA LEU S 181 -41.30 -10.06 -0.91
C LEU S 181 -40.11 -9.14 -0.73
N ASP S 182 -40.26 -8.06 0.05
CA ASP S 182 -39.14 -7.14 0.25
C ASP S 182 -38.06 -7.77 1.12
N GLU S 183 -38.44 -8.67 2.03
CA GLU S 183 -37.43 -9.42 2.78
C GLU S 183 -36.68 -10.37 1.86
N VAL S 184 -37.38 -11.01 0.92
CA VAL S 184 -36.71 -11.86 -0.05
C VAL S 184 -35.74 -11.05 -0.90
N PHE S 185 -36.18 -9.88 -1.37
CA PHE S 185 -35.35 -8.98 -2.15
C PHE S 185 -34.41 -8.15 -1.29
N GLY S 186 -34.62 -8.12 0.01
CA GLY S 186 -33.88 -7.27 0.93
C GLY S 186 -32.83 -8.08 1.66
N ASN S 187 -33.12 -8.48 2.90
CA ASN S 187 -32.11 -9.14 3.74
C ASN S 187 -31.50 -10.34 3.04
N LEU S 188 -32.32 -11.13 2.33
CA LEU S 188 -31.81 -12.33 1.69
C LEU S 188 -30.88 -12.04 0.53
N GLY S 189 -30.78 -10.78 0.10
CA GLY S 189 -29.83 -10.40 -0.92
C GLY S 189 -30.25 -10.61 -2.35
N TYR S 190 -31.26 -11.44 -2.59
CA TYR S 190 -31.71 -11.69 -3.96
C TYR S 190 -32.19 -10.40 -4.61
N ALA S 191 -31.98 -10.29 -5.92
CA ALA S 191 -32.33 -9.10 -6.69
C ALA S 191 -33.18 -9.49 -7.88
N ASP S 192 -33.66 -8.47 -8.59
CA ASP S 192 -34.51 -8.63 -9.77
C ASP S 192 -33.80 -8.05 -10.98
N ALA S 193 -34.08 -8.63 -12.15
CA ALA S 193 -33.45 -8.17 -13.38
C ALA S 193 -34.18 -6.94 -13.94
N LEU S 194 -35.51 -6.98 -13.95
CA LEU S 194 -36.27 -5.87 -14.51
C LEU S 194 -36.01 -4.58 -13.74
N ARG S 195 -36.12 -4.63 -12.41
CA ARG S 195 -35.86 -3.44 -11.61
C ARG S 195 -34.41 -3.00 -11.69
N GLU S 196 -33.50 -3.92 -12.03
CA GLU S 196 -32.10 -3.55 -12.18
C GLU S 196 -31.87 -2.81 -13.50
N VAL S 197 -32.52 -3.27 -14.57
CA VAL S 197 -32.31 -2.64 -15.88
C VAL S 197 -33.15 -1.38 -16.03
N SER S 198 -34.45 -1.45 -15.75
CA SER S 198 -35.37 -0.36 -16.02
C SER S 198 -36.14 -0.04 -14.74
N ARG S 199 -35.83 1.11 -14.13
CA ARG S 199 -36.58 1.62 -12.99
C ARG S 199 -37.72 2.53 -13.50
N GLU S 200 -38.51 1.97 -14.40
CA GLU S 200 -39.57 2.70 -15.08
C GLU S 200 -40.90 2.02 -14.84
N GLY S 201 -41.92 2.82 -14.53
CA GLY S 201 -43.23 2.31 -14.21
C GLY S 201 -43.99 1.84 -15.43
N ASP S 202 -45.28 1.54 -15.21
CA ASP S 202 -46.17 1.09 -16.27
C ASP S 202 -45.77 -0.30 -16.77
N GLN S 203 -44.78 -0.91 -16.13
CA GLN S 203 -44.31 -2.25 -16.51
C GLN S 203 -44.97 -3.27 -15.61
N PHE S 204 -46.03 -3.90 -16.13
CA PHE S 204 -46.79 -4.90 -15.40
C PHE S 204 -46.74 -6.23 -16.14
N SER S 205 -47.12 -7.30 -15.43
CA SER S 205 -47.07 -8.64 -15.98
C SER S 205 -48.35 -9.43 -15.76
N TRP S 206 -49.42 -8.83 -15.24
CA TRP S 206 -50.68 -9.51 -15.04
C TRP S 206 -51.81 -8.50 -15.07
N TRP S 207 -52.92 -8.90 -15.69
CA TRP S 207 -54.12 -8.09 -15.75
C TRP S 207 -55.34 -8.98 -15.59
N PRO S 208 -56.46 -8.44 -15.09
CA PRO S 208 -57.68 -9.24 -14.97
C PRO S 208 -58.20 -9.68 -16.33
N ASP S 209 -59.40 -10.29 -16.35
CA ASP S 209 -59.97 -10.75 -17.60
C ASP S 209 -60.60 -9.60 -18.37
N SER S 210 -61.21 -8.65 -17.65
CA SER S 210 -61.87 -7.53 -18.30
C SER S 210 -60.88 -6.73 -19.13
N GLU S 211 -61.23 -6.48 -20.40
CA GLU S 211 -60.38 -5.68 -21.27
C GLU S 211 -60.24 -4.24 -20.78
N GLN S 212 -61.12 -3.80 -19.89
CA GLN S 212 -61.04 -2.44 -19.37
C GLN S 212 -59.70 -2.21 -18.66
N ALA S 213 -59.31 -3.16 -17.79
CA ALA S 213 -58.04 -3.02 -17.09
C ALA S 213 -56.87 -3.09 -18.05
N GLU S 214 -56.97 -3.92 -19.08
CA GLU S 214 -55.90 -4.01 -20.07
C GLU S 214 -55.71 -2.68 -20.79
N MET S 215 -56.81 -2.08 -21.26
CA MET S 215 -56.71 -0.78 -21.91
C MET S 215 -56.18 0.27 -20.96
N LEU S 216 -56.69 0.30 -19.73
CA LEU S 216 -56.19 1.21 -18.71
C LEU S 216 -54.85 0.76 -18.13
N ASN S 217 -54.43 -0.48 -18.40
CA ASN S 217 -53.16 -1.01 -17.91
C ASN S 217 -53.17 -1.18 -16.40
N LEU S 218 -54.35 -1.38 -15.81
CA LEU S 218 -54.44 -1.67 -14.39
C LEU S 218 -53.95 -3.08 -14.13
N GLY S 219 -52.62 -3.28 -14.19
CA GLY S 219 -52.04 -4.60 -14.08
C GLY S 219 -51.03 -4.66 -12.95
N TRP S 220 -50.61 -5.89 -12.65
CA TRP S 220 -49.64 -6.17 -11.62
C TRP S 220 -48.40 -6.80 -12.25
N ARG S 221 -47.25 -6.58 -11.61
CA ARG S 221 -46.00 -7.21 -12.04
C ARG S 221 -45.81 -8.47 -11.20
N PHE S 222 -46.69 -9.44 -11.43
CA PHE S 222 -46.65 -10.69 -10.69
C PHE S 222 -45.53 -11.62 -11.16
N ASP S 223 -44.90 -11.34 -12.29
CA ASP S 223 -43.79 -12.13 -12.79
C ASP S 223 -42.48 -11.47 -12.41
N TYR S 224 -41.53 -12.27 -11.93
CA TYR S 224 -40.24 -11.77 -11.50
C TYR S 224 -39.14 -12.69 -12.01
N GLN S 225 -37.94 -12.13 -12.10
CA GLN S 225 -36.73 -12.88 -12.45
C GLN S 225 -35.77 -12.73 -11.28
N VAL S 226 -36.10 -13.41 -10.17
CA VAL S 226 -35.29 -13.33 -8.96
C VAL S 226 -33.89 -13.85 -9.27
N LEU S 227 -32.90 -12.97 -9.16
CA LEU S 227 -31.51 -13.30 -9.46
C LEU S 227 -30.68 -13.29 -8.19
N THR S 228 -29.79 -14.26 -8.07
CA THR S 228 -28.78 -14.22 -7.01
C THR S 228 -27.93 -12.97 -7.19
N PRO S 229 -27.54 -12.30 -6.10
CA PRO S 229 -26.78 -11.05 -6.25
C PRO S 229 -25.59 -11.13 -7.19
N GLY S 230 -25.10 -12.33 -7.51
CA GLY S 230 -23.98 -12.47 -8.41
C GLY S 230 -24.24 -11.97 -9.80
N LEU S 231 -25.29 -12.48 -10.45
CA LEU S 231 -25.56 -12.11 -11.83
C LEU S 231 -26.21 -10.75 -11.96
N ARG S 232 -26.51 -10.07 -10.84
CA ARG S 232 -27.16 -8.78 -10.88
C ARG S 232 -26.43 -7.82 -11.81
N ARG S 233 -25.09 -7.82 -11.75
CA ARG S 233 -24.31 -6.95 -12.62
C ARG S 233 -24.38 -7.40 -14.08
N PHE S 234 -24.69 -8.67 -14.31
CA PHE S 234 -24.67 -9.25 -15.64
C PHE S 234 -26.03 -9.20 -16.35
N VAL S 235 -26.95 -8.37 -15.87
CA VAL S 235 -28.25 -8.23 -16.51
C VAL S 235 -28.10 -7.23 -17.65
N ARG S 236 -28.42 -7.66 -18.88
CA ARG S 236 -28.26 -6.80 -20.04
C ARG S 236 -29.51 -5.97 -20.29
N ASN S 237 -30.62 -6.61 -20.64
CA ASN S 237 -31.84 -5.90 -20.98
C ASN S 237 -33.04 -6.76 -20.57
N ALA S 238 -34.20 -6.10 -20.48
CA ALA S 238 -35.44 -6.77 -20.14
C ALA S 238 -36.58 -6.04 -20.84
N LYS S 239 -37.68 -6.77 -21.06
CA LYS S 239 -38.83 -6.22 -21.75
C LYS S 239 -40.08 -6.98 -21.33
N LEU S 240 -41.23 -6.31 -21.50
CA LEU S 240 -42.54 -6.89 -21.16
C LEU S 240 -43.50 -6.57 -22.30
N PRO S 241 -43.43 -7.31 -23.42
CA PRO S 241 -44.35 -7.05 -24.53
C PRO S 241 -45.80 -7.33 -24.13
N ARG S 242 -46.61 -6.28 -24.10
CA ARG S 242 -48.00 -6.40 -23.69
C ARG S 242 -48.92 -6.82 -24.82
N GLN S 243 -48.63 -6.40 -26.05
CA GLN S 243 -49.51 -6.72 -27.17
C GLN S 243 -49.55 -8.21 -27.46
N PRO S 244 -48.42 -8.90 -27.64
CA PRO S 244 -48.48 -10.36 -27.90
C PRO S 244 -48.69 -11.17 -26.63
N ARG S 245 -49.80 -10.91 -25.95
CA ARG S 245 -50.15 -11.59 -24.71
C ARG S 245 -51.10 -12.74 -25.02
N PHE S 246 -50.82 -13.90 -24.43
CA PHE S 246 -51.60 -15.10 -24.66
C PHE S 246 -52.33 -15.59 -23.43
N SER S 247 -52.35 -14.81 -22.35
CA SER S 247 -53.03 -15.18 -21.12
C SER S 247 -53.10 -13.95 -20.22
N GLN S 248 -53.58 -14.15 -18.99
CA GLN S 248 -53.62 -13.05 -18.04
C GLN S 248 -52.23 -12.48 -17.78
N HIS S 249 -51.20 -13.32 -17.89
CA HIS S 249 -49.81 -12.89 -17.74
C HIS S 249 -49.23 -12.54 -19.11
N ALA S 250 -48.10 -11.83 -19.07
CA ALA S 250 -47.40 -11.43 -20.29
C ALA S 250 -46.04 -12.09 -20.36
N PRO S 251 -45.59 -12.49 -21.55
CA PRO S 251 -44.24 -13.07 -21.67
C PRO S 251 -43.17 -12.11 -21.18
N LEU S 252 -42.30 -12.61 -20.30
CA LEU S 252 -41.21 -11.84 -19.73
C LEU S 252 -39.90 -12.42 -20.24
N ILE S 253 -39.22 -11.69 -21.12
CA ILE S 253 -37.98 -12.13 -21.73
C ILE S 253 -36.85 -11.30 -21.16
N VAL S 254 -35.78 -11.97 -20.72
CA VAL S 254 -34.58 -11.32 -20.20
C VAL S 254 -33.37 -11.99 -20.83
N ASP S 255 -32.48 -11.17 -21.39
CA ASP S 255 -31.25 -11.63 -22.01
C ASP S 255 -30.06 -11.20 -21.17
N TYR S 256 -29.12 -12.11 -20.96
CA TYR S 256 -27.92 -11.83 -20.19
C TYR S 256 -26.68 -12.02 -21.05
N ASP S 257 -25.57 -11.45 -20.57
CA ASP S 257 -24.27 -11.64 -21.20
C ASP S 257 -23.53 -12.85 -20.66
N TRP S 258 -24.02 -13.45 -19.58
CA TRP S 258 -23.42 -14.67 -19.07
C TRP S 258 -23.64 -15.81 -20.04
N GLN S 259 -22.64 -16.66 -20.18
CA GLN S 259 -22.68 -17.80 -21.10
C GLN S 259 -22.65 -19.09 -20.29
N LEU S 260 -23.73 -19.87 -20.38
CA LEU S 260 -23.79 -21.15 -19.69
C LEU S 260 -23.07 -22.22 -20.50
N SER S 261 -23.05 -23.43 -19.97
CA SER S 261 -22.41 -24.56 -20.63
C SER S 261 -22.74 -25.87 -19.93
N ALA U 3 19.84 -14.96 12.05
CA ALA U 3 20.10 -14.51 10.65
C ALA U 3 19.27 -15.32 9.66
N MET U 4 19.21 -14.84 8.41
CA MET U 4 18.44 -15.53 7.37
C MET U 4 18.74 -14.80 6.05
N ARG U 5 19.73 -15.30 5.32
CA ARG U 5 20.18 -14.68 4.09
C ARG U 5 19.62 -15.40 2.88
N ILE U 6 19.49 -14.66 1.78
CA ILE U 6 19.00 -15.20 0.51
C ILE U 6 19.77 -14.53 -0.61
N ILE U 7 20.33 -15.32 -1.52
CA ILE U 7 21.09 -14.82 -2.66
C ILE U 7 20.33 -15.17 -3.93
N SER U 8 20.35 -14.23 -4.89
CA SER U 8 19.70 -14.41 -6.18
C SER U 8 20.67 -13.97 -7.26
N VAL U 9 21.14 -14.92 -8.08
CA VAL U 9 22.12 -14.65 -9.12
C VAL U 9 21.65 -15.38 -10.36
N ASN U 10 20.88 -14.70 -11.21
CA ASN U 10 20.50 -15.26 -12.50
C ASN U 10 21.74 -15.35 -13.38
N VAL U 11 22.51 -16.43 -13.21
CA VAL U 11 23.81 -16.56 -13.88
C VAL U 11 23.73 -16.46 -15.39
N ASN U 12 22.59 -16.80 -15.98
CA ASN U 12 22.46 -16.85 -17.43
C ASN U 12 23.53 -17.79 -18.01
N GLY U 13 23.58 -18.98 -17.43
CA GLY U 13 24.60 -19.95 -17.78
C GLY U 13 25.55 -20.21 -16.62
N ILE U 14 25.37 -21.34 -15.94
CA ILE U 14 26.21 -21.65 -14.79
C ILE U 14 27.67 -21.80 -15.21
N GLN U 15 27.92 -22.15 -16.47
CA GLN U 15 29.28 -22.31 -16.96
CA GLN U 15 29.28 -22.31 -16.96
C GLN U 15 30.00 -20.97 -16.96
N ALA U 16 29.39 -19.96 -17.59
CA ALA U 16 29.97 -18.62 -17.62
C ALA U 16 30.15 -18.10 -16.22
N ALA U 17 29.21 -18.44 -15.33
CA ALA U 17 29.35 -18.07 -13.92
C ALA U 17 30.61 -18.69 -13.33
N ALA U 18 30.85 -19.97 -13.62
CA ALA U 18 32.04 -20.63 -13.11
C ALA U 18 33.32 -19.98 -13.63
N GLU U 19 33.37 -19.70 -14.94
CA GLU U 19 34.56 -19.04 -15.47
C GLU U 19 34.71 -17.62 -14.92
N ARG U 20 33.60 -16.99 -14.52
CA ARG U 20 33.66 -15.65 -13.94
C ARG U 20 33.97 -15.66 -12.44
N GLY U 21 34.09 -16.83 -11.83
CA GLY U 21 34.39 -16.91 -10.42
C GLY U 21 33.19 -16.87 -9.50
N LEU U 22 31.99 -17.18 -10.01
CA LEU U 22 30.80 -17.13 -9.17
C LEU U 22 30.84 -18.21 -8.09
N LEU U 23 31.36 -19.39 -8.43
CA LEU U 23 31.42 -20.46 -7.45
C LEU U 23 32.24 -20.06 -6.23
N SER U 24 33.43 -19.48 -6.46
CA SER U 24 34.27 -19.08 -5.34
C SER U 24 33.62 -17.95 -4.54
N TRP U 25 32.98 -17.01 -5.22
CA TRP U 25 32.31 -15.92 -4.52
C TRP U 25 31.19 -16.44 -3.62
N LEU U 26 30.38 -17.36 -4.15
CA LEU U 26 29.31 -17.92 -3.34
C LEU U 26 29.86 -18.74 -2.18
N GLN U 27 30.91 -19.52 -2.44
CA GLN U 27 31.55 -20.28 -1.36
C GLN U 27 32.03 -19.35 -0.26
N ALA U 28 32.64 -18.23 -0.62
CA ALA U 28 33.08 -17.27 0.38
C ALA U 28 31.90 -16.51 0.99
N GLN U 29 30.87 -16.25 0.19
CA GLN U 29 29.68 -15.56 0.67
C GLN U 29 28.86 -16.46 1.57
N ASN U 30 29.00 -16.28 2.89
CA ASN U 30 28.22 -17.05 3.85
C ASN U 30 26.74 -16.72 3.69
N ALA U 31 25.93 -17.71 3.34
CA ALA U 31 24.50 -17.51 3.13
C ALA U 31 23.75 -18.76 3.55
N ASP U 32 22.43 -18.60 3.67
CA ASP U 32 21.55 -19.70 4.05
C ASP U 32 20.99 -20.43 2.83
N VAL U 33 20.59 -19.69 1.81
CA VAL U 33 20.02 -20.27 0.59
C VAL U 33 20.51 -19.46 -0.60
N ILE U 34 20.79 -20.15 -1.70
CA ILE U 34 21.26 -19.53 -2.93
C ILE U 34 20.36 -19.98 -4.07
N CYS U 35 19.78 -19.02 -4.78
CA CYS U 35 18.81 -19.28 -5.84
C CYS U 35 19.36 -18.73 -7.16
N LEU U 36 20.21 -19.51 -7.82
CA LEU U 36 20.69 -19.13 -9.14
C LEU U 36 19.70 -19.62 -10.20
N GLN U 37 19.62 -18.87 -11.30
CA GLN U 37 18.64 -19.11 -12.34
C GLN U 37 19.34 -19.26 -13.69
N ASP U 38 18.60 -19.81 -14.65
CA ASP U 38 19.09 -19.98 -16.02
C ASP U 38 20.38 -20.79 -16.04
N THR U 39 20.28 -22.03 -15.56
CA THR U 39 21.44 -22.90 -15.52
C THR U 39 21.99 -23.17 -16.91
N ARG U 40 21.10 -23.23 -17.91
CA ARG U 40 21.50 -23.52 -19.29
C ARG U 40 22.26 -24.84 -19.37
N ALA U 41 21.79 -25.83 -18.63
CA ALA U 41 22.44 -27.14 -18.58
C ALA U 41 21.49 -28.14 -17.94
N SER U 42 21.75 -29.41 -18.19
CA SER U 42 20.92 -30.48 -17.64
C SER U 42 21.27 -30.73 -16.18
N ALA U 43 20.35 -31.41 -15.48
CA ALA U 43 20.59 -31.74 -14.09
C ALA U 43 21.84 -32.59 -13.92
N PHE U 44 22.11 -33.47 -14.89
CA PHE U 44 23.33 -34.27 -14.84
C PHE U 44 24.58 -33.39 -14.90
N ASP U 45 24.50 -32.29 -15.66
CA ASP U 45 25.62 -31.35 -15.69
C ASP U 45 25.78 -30.66 -14.33
N LEU U 46 24.66 -30.28 -13.71
CA LEU U 46 24.72 -29.71 -12.37
C LEU U 46 25.26 -30.70 -11.36
N ASP U 47 25.11 -32.00 -11.63
CA ASP U 47 25.62 -33.03 -10.74
C ASP U 47 27.15 -32.98 -10.62
N ASP U 48 27.83 -32.28 -11.52
CA ASP U 48 29.28 -32.15 -11.44
C ASP U 48 29.65 -31.56 -10.09
N PRO U 49 30.51 -32.22 -9.30
CA PRO U 49 30.84 -31.69 -7.97
C PRO U 49 31.45 -30.30 -8.00
N SER U 50 31.91 -29.82 -9.16
CA SER U 50 32.45 -28.46 -9.23
C SER U 50 31.41 -27.43 -8.83
N PHE U 51 30.15 -27.67 -9.22
CA PHE U 51 29.08 -26.75 -8.85
C PHE U 51 28.60 -26.94 -7.42
N GLN U 52 28.96 -28.04 -6.77
CA GLN U 52 28.53 -28.30 -5.41
C GLN U 52 29.34 -27.46 -4.44
N LEU U 53 28.70 -26.48 -3.80
CA LEU U 53 29.37 -25.65 -2.82
C LEU U 53 29.55 -26.41 -1.51
N ASP U 54 30.73 -26.26 -0.92
CA ASP U 54 31.03 -26.96 0.33
C ASP U 54 30.07 -26.49 1.43
N GLY U 55 29.43 -27.46 2.08
CA GLY U 55 28.48 -27.15 3.14
C GLY U 55 27.10 -26.76 2.65
N TYR U 56 26.75 -27.07 1.41
CA TYR U 56 25.45 -26.74 0.85
C TYR U 56 24.93 -27.90 0.02
N PHE U 57 23.61 -28.04 -0.03
CA PHE U 57 23.00 -29.13 -0.78
C PHE U 57 22.82 -28.73 -2.25
N LEU U 58 22.63 -29.75 -3.09
CA LEU U 58 22.51 -29.57 -4.53
C LEU U 58 21.09 -29.95 -4.96
N TYR U 59 20.42 -29.03 -5.63
CA TYR U 59 19.09 -29.26 -6.17
C TYR U 59 18.94 -28.46 -7.46
N ALA U 60 18.53 -29.14 -8.53
CA ALA U 60 18.44 -28.50 -9.83
C ALA U 60 17.40 -29.21 -10.70
N CYS U 61 16.62 -28.42 -11.42
CA CYS U 61 15.66 -28.92 -12.40
C CYS U 61 15.96 -28.26 -13.74
N ASP U 62 16.13 -29.08 -14.77
CA ASP U 62 16.54 -28.59 -16.08
C ASP U 62 15.36 -28.56 -17.04
N ALA U 63 15.40 -27.63 -17.98
CA ALA U 63 14.37 -27.53 -19.00
C ALA U 63 14.46 -28.72 -19.96
N GLU U 64 13.41 -28.88 -20.77
CA GLU U 64 13.42 -29.92 -21.79
C GLU U 64 14.62 -29.77 -22.71
N LEU U 65 14.99 -28.53 -23.02
CA LEU U 65 16.16 -28.24 -23.81
C LEU U 65 17.15 -27.46 -22.95
N PRO U 66 18.39 -27.95 -22.77
CA PRO U 66 19.30 -27.28 -21.82
C PRO U 66 19.46 -25.79 -22.07
N GLU U 67 19.77 -25.39 -23.30
CA GLU U 67 20.01 -23.98 -23.58
C GLU U 67 18.77 -23.12 -23.38
N GLN U 68 17.60 -23.72 -23.16
CA GLN U 68 16.38 -22.94 -22.99
C GLN U 68 16.38 -22.22 -21.64
N GLY U 69 16.77 -22.91 -20.57
CA GLY U 69 16.80 -22.30 -19.26
C GLY U 69 17.33 -23.20 -18.17
N GLY U 70 16.48 -23.57 -17.24
CA GLY U 70 16.89 -24.39 -16.10
C GLY U 70 17.25 -23.55 -14.89
N VAL U 71 16.88 -24.06 -13.72
CA VAL U 71 17.10 -23.36 -12.46
C VAL U 71 17.64 -24.35 -11.43
N ALA U 72 18.49 -23.84 -10.54
CA ALA U 72 19.07 -24.64 -9.47
C ALA U 72 18.88 -23.94 -8.14
N LEU U 73 19.00 -24.71 -7.07
CA LEU U 73 18.81 -24.19 -5.71
C LEU U 73 19.79 -24.87 -4.77
N TYR U 74 20.53 -24.06 -4.02
CA TYR U 74 21.46 -24.56 -3.00
C TYR U 74 20.97 -24.12 -1.63
N SER U 75 21.00 -25.05 -0.68
CA SER U 75 20.57 -24.79 0.69
C SER U 75 21.63 -25.28 1.66
N ARG U 76 21.77 -24.57 2.78
CA ARG U 76 22.75 -24.96 3.79
C ARG U 76 22.27 -26.19 4.58
N LEU U 77 20.97 -26.29 4.81
CA LEU U 77 20.38 -27.39 5.54
C LEU U 77 19.42 -28.15 4.63
N GLN U 78 19.26 -29.45 4.90
CA GLN U 78 18.42 -30.31 4.09
C GLN U 78 16.97 -29.81 4.12
N PRO U 79 16.43 -29.35 3.00
CA PRO U 79 15.03 -28.91 3.00
C PRO U 79 14.08 -30.07 3.27
N LYS U 80 12.90 -29.74 3.79
CA LYS U 80 11.90 -30.76 4.06
C LYS U 80 11.50 -31.49 2.79
N ALA U 81 11.32 -30.76 1.69
CA ALA U 81 10.94 -31.36 0.43
C ALA U 81 11.17 -30.36 -0.69
N VAL U 82 11.50 -30.88 -1.87
CA VAL U 82 11.73 -30.08 -3.06
C VAL U 82 10.71 -30.49 -4.12
N ILE U 83 10.08 -29.51 -4.74
CA ILE U 83 9.06 -29.73 -5.75
C ILE U 83 9.35 -28.84 -6.95
N SER U 84 9.01 -29.32 -8.14
CA SER U 84 9.22 -28.58 -9.38
C SER U 84 7.94 -28.60 -10.21
N GLY U 85 7.81 -27.59 -11.05
CA GLY U 85 6.65 -27.48 -11.93
C GLY U 85 5.46 -26.83 -11.25
N LEU U 86 4.55 -26.35 -12.09
CA LEU U 86 3.32 -25.71 -11.63
C LEU U 86 2.08 -26.15 -12.37
N GLY U 87 2.17 -27.14 -13.26
CA GLY U 87 1.05 -27.58 -14.06
C GLY U 87 0.96 -26.94 -15.42
N PHE U 88 1.55 -25.75 -15.59
CA PHE U 88 1.51 -25.07 -16.88
C PHE U 88 2.60 -25.61 -17.79
N GLU U 89 2.27 -25.71 -19.09
CA GLU U 89 3.26 -26.15 -20.06
C GLU U 89 4.46 -25.21 -20.06
N THR U 90 4.21 -23.91 -20.15
CA THR U 90 5.30 -22.92 -20.12
C THR U 90 6.15 -23.04 -18.87
N ALA U 91 5.66 -23.71 -17.84
CA ALA U 91 6.41 -23.93 -16.60
C ALA U 91 7.03 -25.31 -16.53
N ASP U 92 6.25 -26.36 -16.77
CA ASP U 92 6.75 -27.72 -16.62
C ASP U 92 7.74 -28.07 -17.73
N ARG U 93 7.42 -27.69 -18.96
CA ARG U 93 8.24 -28.05 -20.11
C ARG U 93 9.63 -27.41 -20.06
N TYR U 94 9.87 -26.45 -19.17
CA TYR U 94 11.15 -25.76 -19.10
C TYR U 94 11.69 -25.67 -17.67
N GLY U 95 11.03 -26.30 -16.71
CA GLY U 95 11.55 -26.28 -15.34
C GLY U 95 11.88 -24.90 -14.83
N ARG U 96 11.09 -23.90 -15.22
CA ARG U 96 11.32 -22.53 -14.80
C ARG U 96 10.93 -22.29 -13.34
N TYR U 97 10.46 -23.31 -12.62
CA TYR U 97 10.03 -23.15 -11.25
C TYR U 97 10.52 -24.33 -10.43
N LEU U 98 11.25 -24.03 -9.35
CA LEU U 98 11.70 -25.06 -8.41
C LEU U 98 11.52 -24.52 -7.01
N GLN U 99 10.93 -25.33 -6.14
CA GLN U 99 10.57 -24.90 -4.80
C GLN U 99 11.06 -25.90 -3.77
N ALA U 100 11.67 -25.39 -2.70
CA ALA U 100 12.07 -26.17 -1.55
C ALA U 100 11.16 -25.86 -0.38
N ASP U 101 11.09 -26.80 0.57
CA ASP U 101 10.18 -26.71 1.71
C ASP U 101 10.98 -26.75 3.00
N PHE U 102 10.80 -25.73 3.84
CA PHE U 102 11.36 -25.69 5.17
C PHE U 102 10.22 -25.48 6.16
N ASP U 103 10.53 -25.69 7.45
CA ASP U 103 9.52 -25.54 8.49
C ASP U 103 8.99 -24.10 8.50
N LYS U 104 7.66 -23.97 8.49
CA LYS U 104 6.99 -22.68 8.60
C LYS U 104 7.09 -21.85 7.33
N VAL U 105 8.22 -21.92 6.63
CA VAL U 105 8.45 -21.12 5.43
C VAL U 105 9.02 -22.04 4.35
N SER U 106 8.55 -21.87 3.12
CA SER U 106 9.07 -22.60 1.97
C SER U 106 9.38 -21.60 0.86
N ILE U 107 10.63 -21.61 0.39
CA ILE U 107 11.10 -20.68 -0.62
C ILE U 107 11.03 -21.37 -1.98
N ALA U 108 11.08 -20.55 -3.03
CA ALA U 108 11.00 -21.04 -4.40
C ALA U 108 11.88 -20.18 -5.30
N THR U 109 12.27 -20.76 -6.44
CA THR U 109 13.11 -20.09 -7.43
C THR U 109 12.30 -19.93 -8.70
N LEU U 110 12.02 -18.68 -9.07
CA LEU U 110 11.24 -18.36 -10.26
C LEU U 110 12.12 -17.67 -11.29
N LEU U 111 11.89 -17.99 -12.55
CA LEU U 111 12.64 -17.39 -13.67
C LEU U 111 11.65 -17.18 -14.83
N LEU U 112 11.21 -15.94 -15.02
CA LEU U 112 10.29 -15.63 -16.09
C LEU U 112 11.04 -15.47 -17.41
N PRO U 113 10.41 -15.81 -18.54
CA PRO U 113 11.07 -15.59 -19.82
C PRO U 113 11.34 -14.11 -20.06
N SER U 114 12.47 -13.82 -20.70
CA SER U 114 12.89 -12.44 -20.91
C SER U 114 11.81 -11.66 -21.66
N GLY U 115 11.20 -12.28 -22.66
CA GLY U 115 10.19 -11.60 -23.46
C GLY U 115 10.73 -10.49 -24.34
N GLN U 116 12.04 -10.28 -24.35
CA GLN U 116 12.65 -9.22 -25.14
C GLN U 116 13.25 -9.72 -26.46
N SER U 117 13.38 -11.04 -26.63
CA SER U 117 13.99 -11.57 -27.85
C SER U 117 13.09 -11.37 -29.05
N GLY U 118 11.82 -11.78 -28.94
CA GLY U 118 10.89 -11.67 -30.04
C GLY U 118 9.47 -11.52 -29.54
N ASP U 119 8.55 -11.36 -30.50
CA ASP U 119 7.14 -11.23 -30.17
C ASP U 119 6.61 -12.50 -29.51
N GLU U 120 7.03 -13.66 -30.01
CA GLU U 120 6.61 -14.92 -29.39
C GLU U 120 7.05 -15.01 -27.94
N SER U 121 8.23 -14.48 -27.62
CA SER U 121 8.68 -14.47 -26.24
C SER U 121 7.75 -13.60 -25.38
N LEU U 122 7.30 -12.47 -25.93
CA LEU U 122 6.37 -11.62 -25.18
C LEU U 122 5.03 -12.30 -24.99
N ASN U 123 4.56 -13.04 -26.00
CA ASN U 123 3.32 -13.78 -25.86
C ASN U 123 3.46 -14.85 -24.78
N GLN U 124 4.57 -15.59 -24.79
CA GLN U 124 4.82 -16.58 -23.74
C GLN U 124 4.89 -15.91 -22.37
N LYS U 125 5.47 -14.70 -22.32
CA LYS U 125 5.55 -13.98 -21.06
C LYS U 125 4.16 -13.65 -20.54
N PHE U 126 3.29 -13.11 -21.40
CA PHE U 126 1.93 -12.81 -20.97
C PHE U 126 1.21 -14.07 -20.53
N LYS U 127 1.37 -15.16 -21.28
CA LYS U 127 0.72 -16.42 -20.92
C LYS U 127 1.16 -16.87 -19.53
N PHE U 128 2.48 -16.90 -19.30
CA PHE U 128 2.98 -17.35 -18.01
C PHE U 128 2.54 -16.40 -16.89
N MET U 129 2.44 -15.11 -17.20
CA MET U 129 2.02 -14.15 -16.19
C MET U 129 0.59 -14.41 -15.75
N ASP U 130 -0.32 -14.61 -16.71
CA ASP U 130 -1.71 -14.87 -16.33
C ASP U 130 -1.82 -16.20 -15.60
N ASP U 131 -1.12 -17.23 -16.10
CA ASP U 131 -1.16 -18.53 -15.42
C ASP U 131 -0.60 -18.43 -14.00
N PHE U 132 0.43 -17.62 -13.81
CA PHE U 132 1.08 -17.53 -12.50
C PHE U 132 0.23 -16.73 -11.52
N THR U 133 -0.41 -15.66 -11.99
CA THR U 133 -1.34 -14.96 -11.10
C THR U 133 -2.53 -15.83 -10.75
N HIS U 134 -2.98 -16.68 -11.68
CA HIS U 134 -4.03 -17.64 -11.33
C HIS U 134 -3.55 -18.60 -10.25
N TYR U 135 -2.38 -19.21 -10.46
CA TYR U 135 -1.83 -20.13 -9.47
C TYR U 135 -1.71 -19.44 -8.11
N LEU U 136 -1.24 -18.19 -8.11
CA LEU U 136 -1.06 -17.47 -6.85
C LEU U 136 -2.40 -17.15 -6.20
N SER U 137 -3.44 -16.88 -7.00
CA SER U 137 -4.79 -16.78 -6.46
C SER U 137 -5.17 -18.08 -5.77
N LYS U 138 -4.78 -19.21 -6.36
CA LYS U 138 -4.95 -20.50 -5.70
C LYS U 138 -3.99 -20.69 -4.54
N GLN U 139 -3.06 -19.76 -4.32
CA GLN U 139 -2.04 -19.86 -3.28
C GLN U 139 -2.29 -18.79 -2.22
N ARG U 140 -3.55 -18.36 -2.08
CA ARG U 140 -3.90 -17.27 -1.18
C ARG U 140 -4.01 -17.73 0.27
N ARG U 141 -5.09 -18.42 0.62
CA ARG U 141 -5.34 -18.83 1.99
C ARG U 141 -4.30 -19.83 2.51
N LYS U 142 -3.39 -20.29 1.67
CA LYS U 142 -2.39 -21.27 2.07
C LYS U 142 -1.61 -20.79 3.29
N ARG U 143 -1.56 -21.64 4.32
CA ARG U 143 -0.90 -21.27 5.57
C ARG U 143 0.59 -21.00 5.35
N ARG U 144 1.27 -21.94 4.68
CA ARG U 144 2.72 -21.84 4.54
C ARG U 144 3.11 -20.52 3.88
N GLU U 145 4.02 -19.79 4.52
CA GLU U 145 4.55 -18.56 3.96
C GLU U 145 5.62 -18.87 2.93
N TYR U 146 5.69 -18.03 1.90
CA TYR U 146 6.56 -18.28 0.76
C TYR U 146 7.48 -17.09 0.50
N ILE U 147 8.58 -17.36 -0.18
CA ILE U 147 9.54 -16.35 -0.60
C ILE U 147 9.89 -16.66 -2.05
N TYR U 148 9.10 -16.13 -2.98
CA TYR U 148 9.29 -16.40 -4.41
C TYR U 148 10.45 -15.55 -4.92
N CYS U 149 11.66 -16.05 -4.67
CA CYS U 149 12.87 -15.39 -5.14
C CYS U 149 13.06 -15.64 -6.63
N GLY U 150 12.82 -14.62 -7.45
CA GLY U 150 12.91 -14.79 -8.89
C GLY U 150 13.13 -13.50 -9.66
N SER U 151 13.70 -13.63 -10.86
CA SER U 151 13.88 -12.49 -11.76
C SER U 151 12.64 -12.39 -12.64
N LEU U 152 11.83 -11.36 -12.41
CA LEU U 152 10.55 -11.21 -13.09
C LEU U 152 10.65 -10.48 -14.43
N TYR U 153 11.83 -9.94 -14.76
CA TYR U 153 12.02 -9.25 -16.04
C TYR U 153 10.98 -8.15 -16.23
N VAL U 154 10.68 -7.42 -15.15
CA VAL U 154 9.70 -6.34 -15.19
C VAL U 154 9.96 -5.41 -14.02
N ALA U 155 9.82 -4.11 -14.26
CA ALA U 155 10.01 -3.11 -13.22
C ALA U 155 8.64 -2.63 -12.71
N HIS U 156 8.55 -2.40 -11.40
CA HIS U 156 7.27 -2.01 -10.82
C HIS U 156 7.00 -0.52 -11.01
N GLN U 157 7.97 0.33 -10.67
CA GLN U 157 7.78 1.77 -10.69
C GLN U 157 8.97 2.44 -11.36
N LYS U 158 8.77 3.69 -11.78
CA LYS U 158 9.84 4.46 -12.40
C LYS U 158 11.07 4.52 -11.49
N MET U 159 10.85 4.51 -10.18
CA MET U 159 11.98 4.52 -9.24
C MET U 159 12.91 3.33 -9.47
N ASP U 160 12.42 2.27 -10.12
CA ASP U 160 13.22 1.08 -10.36
C ASP U 160 13.96 1.12 -11.69
N VAL U 161 13.86 2.21 -12.44
CA VAL U 161 14.51 2.33 -13.74
C VAL U 161 14.49 3.78 -14.19
N LYS U 162 15.65 4.29 -14.61
CA LYS U 162 15.76 5.65 -15.09
C LYS U 162 15.30 5.73 -16.55
N ASN U 163 15.33 6.95 -17.09
CA ASN U 163 14.88 7.26 -18.45
C ASN U 163 13.75 6.35 -18.90
N TRP U 164 12.73 6.22 -18.05
CA TRP U 164 11.58 5.37 -18.33
C TRP U 164 10.85 5.84 -19.59
N ARG U 165 10.98 7.13 -19.90
CA ARG U 165 10.32 7.66 -21.10
C ARG U 165 10.74 6.90 -22.35
N GLU U 166 12.01 6.48 -22.41
CA GLU U 166 12.48 5.75 -23.58
C GLU U 166 12.13 4.27 -23.50
N CYS U 167 12.07 3.72 -22.29
CA CYS U 167 11.77 2.30 -22.11
C CYS U 167 10.28 2.02 -22.01
N GLN U 168 9.43 3.04 -22.05
CA GLN U 168 8.00 2.82 -21.92
C GLN U 168 7.48 1.87 -23.01
N GLN U 169 7.98 2.03 -24.23
CA GLN U 169 7.57 1.15 -25.32
C GLN U 169 8.42 -0.10 -25.42
N MET U 170 9.64 -0.08 -24.87
CA MET U 170 10.49 -1.25 -24.91
C MET U 170 9.98 -2.31 -23.94
N PRO U 171 10.07 -3.59 -24.30
CA PRO U 171 9.64 -4.63 -23.36
C PRO U 171 10.35 -4.51 -22.02
N GLY U 172 9.69 -4.99 -20.97
CA GLY U 172 10.19 -4.90 -19.62
C GLY U 172 9.54 -3.81 -18.80
N PHE U 173 9.03 -2.76 -19.45
CA PHE U 173 8.32 -1.68 -18.76
C PHE U 173 6.96 -1.40 -19.39
N LEU U 174 6.49 -2.26 -20.28
CA LEU U 174 5.21 -2.04 -20.94
C LEU U 174 4.08 -2.00 -19.92
N ALA U 175 3.01 -1.31 -20.27
CA ALA U 175 1.88 -1.11 -19.36
C ALA U 175 1.30 -2.42 -18.81
N PRO U 176 0.96 -3.42 -19.63
CA PRO U 176 0.33 -4.62 -19.06
C PRO U 176 1.19 -5.35 -18.05
N GLU U 177 2.50 -5.43 -18.28
CA GLU U 177 3.36 -6.13 -17.34
C GLU U 177 3.41 -5.39 -16.00
N ARG U 178 3.55 -4.06 -16.04
CA ARG U 178 3.56 -3.29 -14.81
C ARG U 178 2.24 -3.39 -14.08
N ALA U 179 1.12 -3.39 -14.81
CA ALA U 179 -0.19 -3.53 -14.17
C ALA U 179 -0.32 -4.91 -13.53
N TRP U 180 0.13 -5.95 -14.22
CA TRP U 180 0.09 -7.30 -13.64
C TRP U 180 0.92 -7.36 -12.37
N LEU U 181 2.12 -6.78 -12.38
CA LEU U 181 2.96 -6.80 -11.19
C LEU U 181 2.32 -6.02 -10.05
N ASP U 182 1.72 -4.86 -10.36
CA ASP U 182 1.07 -4.08 -9.32
C ASP U 182 -0.11 -4.83 -8.72
N GLU U 183 -0.87 -5.55 -9.55
CA GLU U 183 -1.98 -6.35 -9.05
C GLU U 183 -1.47 -7.48 -8.17
N VAL U 184 -0.38 -8.13 -8.59
CA VAL U 184 0.18 -9.22 -7.80
C VAL U 184 0.68 -8.72 -6.45
N PHE U 185 1.22 -7.50 -6.43
CA PHE U 185 1.80 -6.98 -5.19
C PHE U 185 0.74 -6.41 -4.27
N GLY U 186 0.05 -5.35 -4.70
CA GLY U 186 -0.86 -4.63 -3.83
C GLY U 186 -2.15 -5.36 -3.53
N ASN U 187 -2.94 -5.63 -4.57
CA ASN U 187 -4.24 -6.27 -4.36
C ASN U 187 -4.12 -7.53 -3.51
N LEU U 188 -3.12 -8.37 -3.80
CA LEU U 188 -2.97 -9.66 -3.14
C LEU U 188 -2.13 -9.58 -1.87
N GLY U 189 -1.84 -8.39 -1.37
CA GLY U 189 -1.14 -8.25 -0.11
C GLY U 189 0.34 -8.59 -0.13
N TYR U 190 0.87 -8.97 -1.27
CA TYR U 190 2.29 -9.30 -1.34
C TYR U 190 3.13 -8.02 -1.28
N ALA U 191 4.34 -8.16 -0.76
CA ALA U 191 5.23 -7.02 -0.54
C ALA U 191 6.63 -7.35 -1.09
N ASP U 192 7.54 -6.40 -0.90
CA ASP U 192 8.93 -6.56 -1.31
C ASP U 192 9.82 -6.12 -0.15
N ALA U 193 10.87 -6.91 0.11
CA ALA U 193 11.75 -6.61 1.23
C ALA U 193 12.58 -5.36 0.98
N LEU U 194 13.13 -5.23 -0.22
CA LEU U 194 14.01 -4.10 -0.52
C LEU U 194 13.25 -2.77 -0.41
N ARG U 195 12.22 -2.58 -1.23
CA ARG U 195 11.54 -1.29 -1.26
C ARG U 195 10.97 -0.96 0.11
N GLU U 196 10.64 -1.98 0.91
CA GLU U 196 10.17 -1.74 2.27
C GLU U 196 11.30 -1.24 3.16
N VAL U 197 12.44 -1.93 3.15
CA VAL U 197 13.52 -1.57 4.07
C VAL U 197 14.29 -0.36 3.56
N SER U 198 14.39 -0.20 2.25
CA SER U 198 15.17 0.90 1.68
C SER U 198 14.43 1.42 0.45
N ARG U 199 13.75 2.55 0.61
CA ARG U 199 13.08 3.23 -0.51
C ARG U 199 14.06 4.20 -1.18
N GLU U 200 15.06 3.62 -1.84
CA GLU U 200 16.12 4.36 -2.50
C GLU U 200 16.18 3.97 -3.96
N GLY U 201 16.22 4.97 -4.84
CA GLY U 201 16.32 4.74 -6.26
C GLY U 201 17.74 4.40 -6.69
N ASP U 202 17.93 4.34 -8.01
CA ASP U 202 19.20 4.07 -8.66
C ASP U 202 19.69 2.66 -8.45
N GLN U 203 18.94 1.82 -7.73
CA GLN U 203 19.35 0.44 -7.48
C GLN U 203 18.80 -0.46 -8.57
N PHE U 204 19.69 -1.07 -9.35
CA PHE U 204 19.30 -1.95 -10.44
C PHE U 204 20.12 -3.24 -10.34
N SER U 205 19.78 -4.20 -11.20
CA SER U 205 20.43 -5.50 -11.18
C SER U 205 20.90 -5.91 -12.56
N TRP U 206 20.09 -5.65 -13.58
CA TRP U 206 20.37 -6.06 -14.95
C TRP U 206 20.59 -4.83 -15.81
N TRP U 207 21.82 -4.66 -16.28
CA TRP U 207 22.13 -3.63 -17.27
C TRP U 207 22.80 -4.29 -18.48
N PRO U 208 22.79 -3.63 -19.64
CA PRO U 208 23.44 -4.22 -20.81
C PRO U 208 24.92 -4.51 -20.59
N ASP U 209 25.41 -5.64 -21.11
CA ASP U 209 26.83 -5.94 -21.00
C ASP U 209 27.68 -4.88 -21.68
N SER U 210 27.10 -4.12 -22.59
CA SER U 210 27.80 -3.04 -23.28
C SER U 210 28.51 -2.13 -22.29
N GLU U 211 29.79 -1.86 -22.55
CA GLU U 211 30.58 -1.04 -21.64
C GLU U 211 29.98 0.36 -21.49
N GLN U 212 29.34 0.87 -22.54
CA GLN U 212 28.76 2.20 -22.47
C GLN U 212 27.63 2.25 -21.44
N ALA U 213 26.71 1.28 -21.51
CA ALA U 213 25.63 1.23 -20.54
C ALA U 213 26.17 1.07 -19.12
N GLU U 214 27.20 0.22 -18.95
CA GLU U 214 27.81 0.06 -17.64
C GLU U 214 28.37 1.39 -17.14
N MET U 215 28.99 2.16 -18.03
CA MET U 215 29.52 3.47 -17.65
C MET U 215 28.41 4.39 -17.21
N LEU U 216 27.39 4.57 -18.06
CA LEU U 216 26.25 5.42 -17.71
C LEU U 216 25.22 4.70 -16.87
N ASN U 217 25.42 3.43 -16.56
CA ASN U 217 24.56 2.67 -15.65
C ASN U 217 23.11 2.66 -16.13
N LEU U 218 22.88 1.95 -17.23
CA LEU U 218 21.54 1.74 -17.75
C LEU U 218 20.95 0.45 -17.20
N GLY U 219 20.53 0.48 -15.95
CA GLY U 219 20.06 -0.72 -15.27
C GLY U 219 18.56 -0.84 -15.24
N TRP U 220 18.06 -2.07 -15.39
CA TRP U 220 16.65 -2.40 -15.23
C TRP U 220 16.52 -3.36 -14.07
N ARG U 221 15.71 -3.00 -13.07
CA ARG U 221 15.49 -3.85 -11.92
C ARG U 221 14.56 -5.00 -12.32
N PHE U 222 15.13 -6.20 -12.43
CA PHE U 222 14.37 -7.39 -12.79
C PHE U 222 14.26 -8.41 -11.68
N ASP U 223 15.11 -8.33 -10.65
CA ASP U 223 15.08 -9.26 -9.53
C ASP U 223 14.21 -8.70 -8.42
N TYR U 224 13.42 -9.59 -7.81
CA TYR U 224 12.52 -9.18 -6.74
C TYR U 224 12.39 -10.33 -5.74
N GLN U 225 12.39 -9.99 -4.45
CA GLN U 225 12.21 -10.98 -3.39
C GLN U 225 10.74 -11.02 -2.98
N VAL U 226 9.92 -11.49 -3.92
CA VAL U 226 8.48 -11.59 -3.66
C VAL U 226 8.26 -12.53 -2.49
N LEU U 227 7.72 -12.00 -1.39
CA LEU U 227 7.50 -12.75 -0.17
C LEU U 227 6.09 -12.49 0.31
N THR U 228 5.45 -13.52 0.88
CA THR U 228 4.11 -13.40 1.42
C THR U 228 4.10 -12.36 2.53
N PRO U 229 2.96 -11.73 2.81
CA PRO U 229 2.93 -10.68 3.83
C PRO U 229 3.34 -11.17 5.21
N GLY U 230 3.34 -12.48 5.45
CA GLY U 230 3.73 -12.98 6.76
C GLY U 230 5.16 -12.63 7.12
N LEU U 231 6.07 -12.69 6.14
CA LEU U 231 7.48 -12.41 6.38
C LEU U 231 7.86 -10.96 6.17
N ARG U 232 6.93 -10.12 5.69
CA ARG U 232 7.20 -8.72 5.45
C ARG U 232 7.80 -8.06 6.69
N ARG U 233 7.33 -8.46 7.87
CA ARG U 233 7.79 -7.82 9.10
C ARG U 233 9.23 -8.18 9.45
N PHE U 234 9.76 -9.28 8.92
CA PHE U 234 11.08 -9.78 9.28
C PHE U 234 12.13 -9.44 8.22
N VAL U 235 12.15 -8.21 7.72
CA VAL U 235 13.13 -7.78 6.74
C VAL U 235 14.24 -7.03 7.46
N ARG U 236 15.48 -7.46 7.27
CA ARG U 236 16.61 -6.78 7.91
C ARG U 236 17.16 -5.67 7.02
N ASN U 237 17.63 -6.03 5.83
CA ASN U 237 18.20 -5.05 4.92
C ASN U 237 18.46 -5.71 3.57
N ALA U 238 18.40 -4.91 2.51
CA ALA U 238 18.65 -5.37 1.15
C ALA U 238 19.82 -4.62 0.57
N LYS U 239 20.58 -5.30 -0.30
CA LYS U 239 21.74 -4.70 -0.94
C LYS U 239 21.87 -5.28 -2.34
N LEU U 240 22.33 -4.44 -3.29
CA LEU U 240 22.60 -4.83 -4.67
C LEU U 240 24.06 -4.49 -4.98
N PRO U 241 25.00 -5.36 -4.60
CA PRO U 241 26.40 -5.10 -4.93
C PRO U 241 26.63 -4.88 -6.42
N ARG U 242 27.53 -3.97 -6.75
CA ARG U 242 27.88 -3.69 -8.14
C ARG U 242 29.06 -4.56 -8.57
N GLN U 243 28.81 -5.87 -8.62
CA GLN U 243 29.87 -6.82 -8.89
C GLN U 243 30.46 -6.56 -10.27
N PRO U 244 31.78 -6.74 -10.45
CA PRO U 244 32.38 -6.45 -11.76
C PRO U 244 32.01 -7.47 -12.83
N ARG U 245 30.81 -7.32 -13.40
CA ARG U 245 30.40 -8.12 -14.56
C ARG U 245 30.47 -9.62 -14.28
N PHE U 246 30.14 -10.01 -13.05
CA PHE U 246 30.09 -11.42 -12.72
C PHE U 246 28.83 -12.06 -13.30
N SER U 247 27.72 -11.32 -13.32
CA SER U 247 26.48 -11.83 -13.88
C SER U 247 25.66 -10.65 -14.39
N GLN U 248 24.95 -10.87 -15.51
CA GLN U 248 24.08 -9.83 -16.04
C GLN U 248 23.15 -9.29 -14.96
N HIS U 249 22.50 -10.20 -14.24
CA HIS U 249 21.67 -9.82 -13.09
C HIS U 249 22.57 -9.77 -11.87
N ALA U 250 22.83 -8.56 -11.38
CA ALA U 250 23.71 -8.41 -10.22
C ALA U 250 23.16 -9.20 -9.05
N PRO U 251 24.02 -9.81 -8.23
CA PRO U 251 23.52 -10.58 -7.08
C PRO U 251 22.63 -9.73 -6.19
N LEU U 252 21.52 -10.32 -5.75
CA LEU U 252 20.55 -9.67 -4.87
C LEU U 252 20.59 -10.38 -3.53
N ILE U 253 21.23 -9.75 -2.54
CA ILE U 253 21.40 -10.32 -1.21
C ILE U 253 20.48 -9.59 -0.26
N VAL U 254 19.70 -10.34 0.52
CA VAL U 254 18.79 -9.77 1.51
C VAL U 254 18.82 -10.67 2.74
N ASP U 255 18.79 -10.05 3.91
CA ASP U 255 18.74 -10.76 5.18
C ASP U 255 17.38 -10.57 5.84
N TYR U 256 17.05 -11.49 6.73
CA TYR U 256 15.75 -11.49 7.40
C TYR U 256 15.93 -11.78 8.88
N ASP U 257 15.06 -11.19 9.70
CA ASP U 257 15.15 -11.38 11.14
C ASP U 257 14.70 -12.78 11.56
N TRP U 258 13.84 -13.41 10.77
CA TRP U 258 13.28 -14.71 11.11
C TRP U 258 14.25 -15.81 10.69
N GLN U 259 14.58 -16.68 11.63
CA GLN U 259 15.52 -17.77 11.37
C GLN U 259 14.80 -18.99 10.83
N LEU U 260 15.58 -19.91 10.27
CA LEU U 260 15.07 -21.10 9.60
C LEU U 260 15.21 -22.33 10.50
N SER U 261 14.46 -23.37 10.15
CA SER U 261 14.48 -24.60 10.92
C SER U 261 14.00 -25.74 10.04
N ILE U 262 14.59 -26.91 10.24
CA ILE U 262 14.26 -28.08 9.46
C ILE U 262 12.79 -28.43 9.63
N GLY V 1 42.01 24.95 19.81
CA GLY V 1 41.60 23.99 18.75
C GLY V 1 40.58 22.97 19.23
N PRO V 2 40.03 22.20 18.31
CA PRO V 2 39.02 21.19 18.70
C PRO V 2 39.64 20.00 19.41
N ALA V 3 39.38 19.88 20.71
CA ALA V 3 39.91 18.79 21.51
C ALA V 3 38.80 18.21 22.37
N MET V 4 39.01 16.99 22.85
CA MET V 4 38.03 16.32 23.70
C MET V 4 38.77 15.28 24.53
N ARG V 5 38.91 15.54 25.83
CA ARG V 5 39.64 14.67 26.74
C ARG V 5 38.65 13.74 27.42
N ILE V 6 38.62 12.49 26.99
CA ILE V 6 37.79 11.47 27.60
C ILE V 6 38.60 10.74 28.66
N ILE V 7 38.09 10.69 29.88
CA ILE V 7 38.78 10.09 31.02
C ILE V 7 38.03 8.85 31.46
N SER V 8 38.76 7.83 31.88
CA SER V 8 38.18 6.57 32.34
C SER V 8 39.04 6.02 33.46
N VAL V 9 38.39 5.62 34.56
CA VAL V 9 39.08 5.09 35.73
C VAL V 9 38.20 4.02 36.34
N ASN V 10 38.73 2.79 36.44
CA ASN V 10 38.03 1.68 37.09
C ASN V 10 38.32 1.78 38.59
N VAL V 11 37.53 2.62 39.26
CA VAL V 11 37.76 2.89 40.68
C VAL V 11 37.69 1.63 41.53
N ASN V 12 37.00 0.60 41.06
CA ASN V 12 36.81 -0.62 41.82
C ASN V 12 36.23 -0.31 43.19
N GLY V 13 35.21 0.55 43.18
CA GLY V 13 34.61 1.03 44.41
C GLY V 13 34.81 2.52 44.60
N ILE V 14 33.74 3.29 44.42
CA ILE V 14 33.84 4.75 44.52
C ILE V 14 34.27 5.18 45.92
N GLN V 15 34.06 4.33 46.94
CA GLN V 15 34.45 4.71 48.29
CA GLN V 15 34.45 4.71 48.29
C GLN V 15 35.97 4.77 48.42
N ALA V 16 36.68 3.76 47.92
CA ALA V 16 38.13 3.79 47.97
C ALA V 16 38.68 4.94 47.16
N ALA V 17 38.02 5.28 46.05
CA ALA V 17 38.43 6.43 45.26
C ALA V 17 38.28 7.72 46.06
N ALA V 18 37.12 7.93 46.67
CA ALA V 18 36.92 9.12 47.49
C ALA V 18 37.94 9.18 48.62
N GLU V 19 38.30 8.03 49.18
CA GLU V 19 39.32 7.99 50.22
C GLU V 19 40.65 8.55 49.70
N ARG V 20 41.01 8.20 48.47
CA ARG V 20 42.24 8.68 47.84
C ARG V 20 42.11 10.08 47.26
N GLY V 21 40.98 10.75 47.50
CA GLY V 21 40.79 12.09 46.94
C GLY V 21 40.58 12.11 45.44
N LEU V 22 40.08 11.01 44.87
CA LEU V 22 39.89 10.95 43.42
C LEU V 22 38.97 12.07 42.94
N LEU V 23 37.94 12.38 43.73
CA LEU V 23 37.00 13.44 43.33
C LEU V 23 37.71 14.77 43.13
N SER V 24 38.69 15.07 43.98
CA SER V 24 39.43 16.33 43.84
C SER V 24 40.24 16.33 42.55
N TRP V 25 40.98 15.25 42.29
CA TRP V 25 41.77 15.17 41.06
C TRP V 25 40.87 15.24 39.83
N LEU V 26 39.65 14.73 39.93
CA LEU V 26 38.73 14.76 38.79
C LEU V 26 38.17 16.16 38.58
N GLN V 27 37.75 16.82 39.66
CA GLN V 27 37.25 18.19 39.53
C GLN V 27 38.33 19.14 39.05
N ALA V 28 39.59 18.90 39.45
CA ALA V 28 40.69 19.71 38.96
C ALA V 28 41.04 19.36 37.52
N GLN V 29 40.89 18.09 37.14
CA GLN V 29 41.15 17.67 35.77
C GLN V 29 39.92 17.92 34.91
N ASN V 30 39.47 19.18 34.85
CA ASN V 30 38.29 19.53 34.08
C ASN V 30 38.45 19.08 32.63
N ALA V 31 37.74 18.01 32.25
CA ALA V 31 37.83 17.46 30.91
C ALA V 31 36.42 17.34 30.35
N ASP V 32 36.30 16.70 29.19
CA ASP V 32 35.00 16.59 28.54
C ASP V 32 34.13 15.52 29.18
N VAL V 33 34.67 14.29 29.30
CA VAL V 33 33.92 13.16 29.82
C VAL V 33 34.76 12.43 30.85
N ILE V 34 34.10 11.95 31.90
CA ILE V 34 34.75 11.20 32.96
C ILE V 34 33.88 10.01 33.33
N CYS V 35 34.44 8.80 33.21
CA CYS V 35 33.73 7.57 33.50
C CYS V 35 34.32 6.91 34.74
N LEU V 36 33.46 6.42 35.61
CA LEU V 36 33.85 5.74 36.86
C LEU V 36 33.19 4.38 36.87
N GLN V 37 33.94 3.36 36.47
CA GLN V 37 33.41 2.00 36.42
C GLN V 37 33.61 1.30 37.78
N ASP V 38 32.74 0.33 38.05
CA ASP V 38 32.74 -0.41 39.30
C ASP V 38 32.55 0.53 40.50
N THR V 39 31.33 1.08 40.58
CA THR V 39 31.00 1.95 41.70
C THR V 39 30.90 1.17 43.00
N ARG V 40 30.53 -0.10 42.92
CA ARG V 40 30.38 -0.96 44.10
C ARG V 40 29.45 -0.31 45.13
N ALA V 41 28.38 0.30 44.61
CA ALA V 41 27.42 0.99 45.44
C ALA V 41 26.16 1.34 44.65
N SER V 42 25.04 1.48 45.34
CA SER V 42 23.79 1.80 44.68
C SER V 42 23.75 3.27 44.26
N ALA V 43 22.81 3.58 43.36
CA ALA V 43 22.66 4.97 42.93
C ALA V 43 22.37 5.89 44.11
N PHE V 44 21.63 5.39 45.11
CA PHE V 44 21.38 6.19 46.30
C PHE V 44 22.67 6.54 47.02
N ASP V 45 23.66 5.65 46.98
CA ASP V 45 24.97 5.98 47.54
C ASP V 45 25.67 7.03 46.70
N LEU V 46 25.56 6.93 45.38
CA LEU V 46 26.17 7.94 44.52
C LEU V 46 25.42 9.27 44.59
N ASP V 47 24.16 9.25 45.05
CA ASP V 47 23.40 10.48 45.20
C ASP V 47 24.02 11.45 46.19
N ASP V 48 24.98 11.00 46.99
CA ASP V 48 25.70 11.90 47.88
C ASP V 48 26.34 13.02 47.06
N PRO V 49 26.00 14.29 47.29
CA PRO V 49 26.54 15.36 46.44
C PRO V 49 28.06 15.42 46.41
N SER V 50 28.75 14.74 47.34
CA SER V 50 30.21 14.74 47.30
C SER V 50 30.73 14.13 46.00
N PHE V 51 30.11 13.04 45.54
CA PHE V 51 30.55 12.41 44.31
C PHE V 51 30.26 13.26 43.08
N GLN V 52 29.18 14.04 43.12
CA GLN V 52 28.82 14.88 41.99
C GLN V 52 29.88 15.97 41.79
N LEU V 53 30.45 16.02 40.59
CA LEU V 53 31.42 17.05 40.24
C LEU V 53 30.70 18.28 39.70
N ASP V 54 31.17 19.46 40.11
CA ASP V 54 30.53 20.69 39.66
C ASP V 54 30.62 20.82 38.15
N GLY V 55 29.49 21.15 37.54
CA GLY V 55 29.43 21.28 36.10
C GLY V 55 29.24 19.98 35.35
N TYR V 56 28.80 18.92 36.03
CA TYR V 56 28.60 17.62 35.42
C TYR V 56 27.26 17.05 35.87
N PHE V 57 26.73 16.14 35.06
CA PHE V 57 25.46 15.48 35.33
C PHE V 57 25.74 14.03 35.71
N LEU V 58 25.31 13.63 36.91
CA LEU V 58 25.57 12.29 37.42
C LEU V 58 24.57 11.31 36.83
N TYR V 59 25.09 10.21 36.27
CA TYR V 59 24.27 9.12 35.78
C TYR V 59 24.99 7.81 36.06
N ALA V 60 24.29 6.85 36.65
CA ALA V 60 24.91 5.59 37.03
C ALA V 60 23.83 4.53 37.18
N CYS V 61 24.17 3.31 36.78
CA CYS V 61 23.31 2.15 36.94
C CYS V 61 23.99 1.16 37.88
N ASP V 62 23.28 0.75 38.92
CA ASP V 62 23.83 -0.13 39.94
C ASP V 62 23.39 -1.57 39.72
N ALA V 63 24.27 -2.49 40.09
CA ALA V 63 23.97 -3.91 39.96
C ALA V 63 22.84 -4.30 40.92
N GLU V 64 22.39 -5.56 40.79
CA GLU V 64 21.39 -6.08 41.71
C GLU V 64 21.84 -5.93 43.16
N LEU V 65 23.13 -6.17 43.41
CA LEU V 65 23.72 -5.99 44.73
C LEU V 65 24.74 -4.86 44.67
N PRO V 66 24.64 -3.84 45.52
CA PRO V 66 25.54 -2.69 45.38
C PRO V 66 27.02 -3.05 45.28
N GLU V 67 27.51 -3.90 46.18
CA GLU V 67 28.92 -4.26 46.17
C GLU V 67 29.30 -5.13 44.96
N GLN V 68 28.32 -5.58 44.18
CA GLN V 68 28.62 -6.43 43.03
C GLN V 68 29.36 -5.65 41.95
N GLY V 69 28.86 -4.46 41.61
CA GLY V 69 29.49 -3.66 40.57
C GLY V 69 28.92 -2.26 40.47
N GLY V 70 28.27 -1.96 39.35
CA GLY V 70 27.72 -0.64 39.11
C GLY V 70 28.71 0.27 38.43
N VAL V 71 28.22 1.15 37.54
CA VAL V 71 29.06 2.05 36.79
C VAL V 71 28.42 3.44 36.78
N ALA V 72 29.27 4.45 36.83
CA ALA V 72 28.85 5.85 36.78
C ALA V 72 29.53 6.54 35.60
N LEU V 73 29.04 7.73 35.26
CA LEU V 73 29.58 8.46 34.12
C LEU V 73 29.23 9.95 34.30
N TYR V 74 30.26 10.76 34.48
CA TYR V 74 30.08 12.21 34.46
C TYR V 74 30.26 12.75 33.05
N SER V 75 29.59 13.87 32.77
CA SER V 75 29.62 14.48 31.46
C SER V 75 29.62 16.00 31.63
N ARG V 76 30.64 16.66 31.07
CA ARG V 76 30.74 18.11 31.17
C ARG V 76 29.46 18.77 30.63
N LEU V 77 28.90 18.22 29.56
CA LEU V 77 27.69 18.73 28.94
C LEU V 77 26.60 17.67 29.04
N GLN V 78 25.36 18.12 29.26
CA GLN V 78 24.23 17.22 29.37
C GLN V 78 24.12 16.34 28.13
N PRO V 79 24.30 15.03 28.23
CA PRO V 79 24.12 14.16 27.06
C PRO V 79 22.68 14.19 26.56
N LYS V 80 22.53 13.84 25.29
CA LYS V 80 21.19 13.79 24.69
C LYS V 80 20.27 12.87 25.48
N ALA V 81 20.77 11.70 25.87
CA ALA V 81 19.98 10.75 26.63
C ALA V 81 20.90 9.69 27.20
N VAL V 82 20.49 9.12 28.33
CA VAL V 82 21.25 8.08 29.02
C VAL V 82 20.38 6.84 29.11
N ILE V 83 20.95 5.69 28.78
CA ILE V 83 20.24 4.41 28.81
C ILE V 83 21.13 3.37 29.48
N SER V 84 20.49 2.36 30.06
CA SER V 84 21.17 1.29 30.74
C SER V 84 20.64 -0.06 30.26
N GLY V 85 21.45 -1.10 30.46
CA GLY V 85 21.07 -2.45 30.10
C GLY V 85 21.44 -2.81 28.68
N LEU V 86 21.49 -4.11 28.42
CA LEU V 86 21.80 -4.64 27.10
C LEU V 86 20.89 -5.78 26.67
N GLY V 87 19.87 -6.13 27.46
CA GLY V 87 18.99 -7.23 27.17
C GLY V 87 19.46 -8.55 27.77
N PHE V 88 20.76 -8.68 27.98
CA PHE V 88 21.32 -9.90 28.56
C PHE V 88 21.23 -9.85 30.08
N GLU V 89 20.95 -11.00 30.69
CA GLU V 89 20.92 -11.08 32.15
C GLU V 89 22.27 -10.68 32.74
N THR V 90 23.36 -11.23 32.18
CA THR V 90 24.69 -10.93 32.70
C THR V 90 25.02 -9.45 32.65
N ALA V 91 24.25 -8.66 31.91
CA ALA V 91 24.45 -7.21 31.83
C ALA V 91 23.41 -6.44 32.62
N ASP V 92 22.12 -6.73 32.42
CA ASP V 92 21.08 -5.98 33.11
C ASP V 92 21.11 -6.27 34.61
N ARG V 93 21.21 -7.54 34.98
CA ARG V 93 21.20 -7.92 36.40
C ARG V 93 22.36 -7.33 37.18
N TYR V 94 23.39 -6.82 36.50
CA TYR V 94 24.57 -6.29 37.17
C TYR V 94 24.91 -4.87 36.74
N GLY V 95 24.06 -4.23 35.94
CA GLY V 95 24.32 -2.85 35.53
C GLY V 95 25.72 -2.66 34.96
N ARG V 96 26.21 -3.63 34.21
CA ARG V 96 27.56 -3.57 33.65
C ARG V 96 27.65 -2.72 32.40
N TYR V 97 26.57 -2.05 31.99
CA TYR V 97 26.58 -1.24 30.78
C TYR V 97 25.71 0.00 30.98
N LEU V 98 26.21 1.14 30.54
CA LEU V 98 25.48 2.40 30.61
C LEU V 98 25.97 3.31 29.51
N GLN V 99 25.04 3.76 28.66
CA GLN V 99 25.36 4.60 27.52
C GLN V 99 24.75 5.99 27.70
N ALA V 100 25.46 6.99 27.19
CA ALA V 100 25.03 8.39 27.24
C ALA V 100 25.12 8.97 25.84
N ASP V 101 23.97 9.15 25.19
CA ASP V 101 23.95 9.66 23.82
C ASP V 101 24.26 11.16 23.79
N PHE V 102 24.80 11.60 22.66
CA PHE V 102 25.12 13.02 22.48
C PHE V 102 24.61 13.50 21.12
N ASP V 103 25.45 13.42 20.09
CA ASP V 103 25.06 13.83 18.75
C ASP V 103 25.97 13.14 17.75
N LYS V 104 25.40 12.21 16.98
CA LYS V 104 26.18 11.44 16.01
C LYS V 104 27.30 10.69 16.71
N VAL V 105 27.14 10.43 18.01
CA VAL V 105 28.15 9.73 18.80
C VAL V 105 27.55 9.41 20.16
N SER V 106 27.83 8.20 20.65
CA SER V 106 27.31 7.74 21.93
C SER V 106 28.47 7.11 22.71
N ILE V 107 28.93 7.81 23.74
CA ILE V 107 30.02 7.31 24.58
C ILE V 107 29.42 6.33 25.58
N ALA V 108 29.72 5.05 25.42
CA ALA V 108 29.17 4.00 26.26
C ALA V 108 30.19 3.57 27.30
N THR V 109 29.67 3.07 28.43
CA THR V 109 30.48 2.57 29.54
C THR V 109 30.23 1.09 29.67
N LEU V 110 31.27 0.29 29.47
CA LEU V 110 31.19 -1.16 29.55
C LEU V 110 31.94 -1.64 30.78
N LEU V 111 31.45 -2.72 31.39
CA LEU V 111 32.07 -3.31 32.57
C LEU V 111 32.04 -4.83 32.43
N LEU V 112 33.10 -5.40 31.86
CA LEU V 112 33.19 -6.85 31.78
C LEU V 112 33.62 -7.41 33.13
N PRO V 113 33.09 -8.57 33.53
CA PRO V 113 33.49 -9.14 34.82
C PRO V 113 34.98 -9.46 34.85
N SER V 114 35.57 -9.34 36.04
CA SER V 114 37.01 -9.55 36.18
C SER V 114 37.40 -10.95 35.71
N GLY V 115 36.62 -11.96 36.07
CA GLY V 115 36.95 -13.33 35.74
C GLY V 115 38.17 -13.86 36.45
N GLN V 116 38.74 -13.10 37.38
CA GLN V 116 39.92 -13.52 38.12
C GLN V 116 39.61 -14.08 39.50
N SER V 117 38.41 -13.82 40.02
CA SER V 117 38.06 -14.29 41.36
C SER V 117 37.90 -15.80 41.38
N GLY V 118 37.03 -16.34 40.52
CA GLY V 118 36.77 -17.76 40.48
C GLY V 118 36.49 -18.24 39.07
N ASP V 119 36.35 -19.55 38.94
CA ASP V 119 36.07 -20.14 37.63
C ASP V 119 34.69 -19.72 37.14
N GLU V 120 33.71 -19.65 38.04
CA GLU V 120 32.38 -19.19 37.64
C GLU V 120 32.42 -17.78 37.09
N SER V 121 33.25 -16.91 37.66
CA SER V 121 33.38 -15.56 37.13
C SER V 121 33.95 -15.58 35.72
N LEU V 122 34.90 -16.47 35.45
CA LEU V 122 35.48 -16.55 34.11
C LEU V 122 34.47 -17.12 33.11
N ASN V 123 33.64 -18.07 33.55
CA ASN V 123 32.58 -18.58 32.68
C ASN V 123 31.57 -17.48 32.36
N GLN V 124 31.16 -16.73 33.38
CA GLN V 124 30.28 -15.58 33.14
C GLN V 124 30.95 -14.58 32.21
N LYS V 125 32.27 -14.44 32.31
CA LYS V 125 32.99 -13.51 31.44
C LYS V 125 32.95 -13.99 29.99
N PHE V 126 33.14 -15.29 29.78
CA PHE V 126 33.04 -15.85 28.42
C PHE V 126 31.63 -15.63 27.85
N LYS V 127 30.61 -15.93 28.66
CA LYS V 127 29.24 -15.73 28.21
C LYS V 127 28.99 -14.26 27.87
N PHE V 128 29.49 -13.36 28.72
CA PHE V 128 29.28 -11.93 28.49
C PHE V 128 30.02 -11.46 27.24
N MET V 129 31.20 -12.02 26.99
CA MET V 129 31.94 -11.64 25.79
C MET V 129 31.23 -12.11 24.53
N ASP V 130 30.66 -13.32 24.57
CA ASP V 130 29.87 -13.80 23.43
C ASP V 130 28.65 -12.91 23.21
N ASP V 131 27.89 -12.65 24.28
CA ASP V 131 26.72 -11.79 24.15
C ASP V 131 27.12 -10.40 23.71
N PHE V 132 28.33 -9.96 24.06
CA PHE V 132 28.76 -8.60 23.72
C PHE V 132 29.18 -8.50 22.27
N THR V 133 29.86 -9.51 21.74
CA THR V 133 30.12 -9.50 20.31
C THR V 133 28.83 -9.60 19.52
N HIS V 134 27.84 -10.34 20.03
CA HIS V 134 26.53 -10.36 19.39
C HIS V 134 25.89 -8.96 19.41
N TYR V 135 25.93 -8.30 20.57
CA TYR V 135 25.36 -6.97 20.68
C TYR V 135 26.12 -5.97 19.83
N LEU V 136 27.41 -6.21 19.58
CA LEU V 136 28.18 -5.34 18.71
C LEU V 136 27.79 -5.53 17.26
N SER V 137 27.59 -6.79 16.84
CA SER V 137 27.12 -7.08 15.49
C SER V 137 25.68 -6.63 15.27
N LYS V 138 24.89 -6.48 16.32
CA LYS V 138 23.50 -6.07 16.20
C LYS V 138 23.26 -4.58 16.40
N GLN V 139 24.09 -3.91 17.21
CA GLN V 139 23.90 -2.49 17.50
C GLN V 139 24.56 -1.58 16.48
N ARG V 140 25.83 -1.84 16.16
CA ARG V 140 26.52 -1.06 15.15
C ARG V 140 25.76 -1.06 13.83
N ARG V 141 24.89 -2.05 13.61
CA ARG V 141 24.05 -2.06 12.41
C ARG V 141 23.18 -0.81 12.32
N LYS V 142 22.94 -0.12 13.43
CA LYS V 142 22.19 1.12 13.44
C LYS V 142 23.18 2.27 13.24
N ARG V 143 22.82 3.20 12.35
CA ARG V 143 23.70 4.32 12.02
C ARG V 143 24.10 5.09 13.26
N ARG V 144 25.34 4.90 13.72
CA ARG V 144 25.84 5.61 14.89
C ARG V 144 27.29 5.23 15.18
N GLU V 145 28.08 6.20 15.66
CA GLU V 145 29.45 5.94 16.09
C GLU V 145 29.47 5.75 17.60
N TYR V 146 30.17 4.72 18.06
CA TYR V 146 30.21 4.35 19.47
C TYR V 146 31.61 4.49 20.03
N ILE V 147 31.70 5.07 21.22
CA ILE V 147 32.94 5.13 21.99
C ILE V 147 32.74 4.25 23.23
N TYR V 148 33.34 3.06 23.20
CA TYR V 148 33.12 2.06 24.24
C TYR V 148 34.20 2.22 25.31
N CYS V 149 33.90 3.03 26.32
CA CYS V 149 34.79 3.20 27.47
C CYS V 149 34.56 2.01 28.40
N GLY V 150 35.35 0.97 28.21
CA GLY V 150 35.16 -0.27 28.93
C GLY V 150 36.47 -0.86 29.43
N SER V 151 36.42 -1.46 30.62
CA SER V 151 37.54 -2.20 31.17
C SER V 151 37.35 -3.68 30.82
N LEU V 152 38.02 -4.12 29.75
CA LEU V 152 37.79 -5.45 29.22
C LEU V 152 38.47 -6.56 30.02
N TYR V 153 39.36 -6.22 30.94
CA TYR V 153 40.05 -7.22 31.77
C TYR V 153 40.74 -8.26 30.90
N VAL V 154 41.33 -7.82 29.79
CA VAL V 154 42.02 -8.72 28.87
C VAL V 154 43.12 -7.95 28.16
N ALA V 155 44.31 -8.54 28.13
CA ALA V 155 45.44 -7.98 27.40
C ALA V 155 45.48 -8.61 26.01
N HIS V 156 45.55 -7.77 24.98
CA HIS V 156 45.45 -8.27 23.61
C HIS V 156 46.74 -8.94 23.16
N GLN V 157 47.88 -8.26 23.30
CA GLN V 157 49.14 -8.74 22.78
C GLN V 157 50.19 -8.73 23.88
N LYS V 158 51.29 -9.44 23.63
CA LYS V 158 52.40 -9.45 24.57
C LYS V 158 52.87 -8.03 24.87
N MET V 159 52.72 -7.11 23.91
CA MET V 159 53.06 -5.72 24.15
C MET V 159 52.24 -5.13 25.28
N ASP V 160 51.08 -5.71 25.59
CA ASP V 160 50.21 -5.21 26.66
C ASP V 160 50.49 -5.85 28.01
N VAL V 161 51.57 -6.63 28.13
CA VAL V 161 51.87 -7.31 29.39
C VAL V 161 53.27 -7.92 29.30
N LYS V 162 54.10 -7.64 30.29
CA LYS V 162 55.43 -8.23 30.38
C LYS V 162 55.34 -9.65 30.92
N ASN V 163 56.50 -10.31 31.00
CA ASN V 163 56.62 -11.70 31.46
C ASN V 163 55.37 -12.51 31.15
N TRP V 164 54.95 -12.44 29.88
CA TRP V 164 53.71 -13.10 29.48
C TRP V 164 53.80 -14.62 29.63
N ARG V 165 55.01 -15.18 29.55
CA ARG V 165 55.15 -16.63 29.69
C ARG V 165 54.59 -17.11 31.02
N GLU V 166 54.65 -16.28 32.06
CA GLU V 166 54.05 -16.58 33.34
C GLU V 166 52.58 -16.22 33.41
N CYS V 167 52.09 -15.45 32.43
CA CYS V 167 50.70 -15.02 32.41
C CYS V 167 49.85 -15.77 31.39
N GLN V 168 50.42 -16.74 30.68
CA GLN V 168 49.65 -17.52 29.71
C GLN V 168 48.41 -18.10 30.36
N GLN V 169 48.55 -18.74 31.51
CA GLN V 169 47.42 -19.32 32.21
C GLN V 169 46.65 -18.29 33.04
N MET V 170 47.29 -17.17 33.39
CA MET V 170 46.60 -16.16 34.18
C MET V 170 45.49 -15.51 33.36
N PRO V 171 44.35 -15.20 33.96
CA PRO V 171 43.29 -14.52 33.22
C PRO V 171 43.80 -13.24 32.58
N GLY V 172 43.25 -12.92 31.41
CA GLY V 172 43.64 -11.75 30.65
C GLY V 172 44.44 -12.05 29.42
N PHE V 173 45.19 -13.16 29.41
CA PHE V 173 45.94 -13.60 28.24
C PHE V 173 45.51 -14.98 27.77
N LEU V 174 44.45 -15.54 28.34
CA LEU V 174 44.01 -16.87 27.95
C LEU V 174 43.70 -16.92 26.46
N ALA V 175 43.93 -18.09 25.86
CA ALA V 175 43.70 -18.27 24.43
C ALA V 175 42.31 -17.82 23.99
N PRO V 176 41.20 -18.25 24.63
CA PRO V 176 39.89 -17.79 24.16
C PRO V 176 39.71 -16.29 24.25
N GLU V 177 40.19 -15.66 25.32
CA GLU V 177 40.08 -14.21 25.44
C GLU V 177 40.85 -13.51 24.33
N ARG V 178 42.09 -13.95 24.07
CA ARG V 178 42.89 -13.35 23.01
C ARG V 178 42.22 -13.52 21.66
N ALA V 179 41.68 -14.71 21.39
CA ALA V 179 41.02 -14.95 20.12
C ALA V 179 39.79 -14.06 19.96
N TRP V 180 38.98 -13.96 21.02
CA TRP V 180 37.79 -13.12 20.96
C TRP V 180 38.16 -11.67 20.71
N LEU V 181 39.19 -11.17 21.40
CA LEU V 181 39.58 -9.78 21.23
C LEU V 181 40.15 -9.54 19.84
N ASP V 182 40.95 -10.47 19.33
CA ASP V 182 41.49 -10.32 17.98
C ASP V 182 40.38 -10.32 16.95
N GLU V 183 39.35 -11.15 17.15
CA GLU V 183 38.22 -11.14 16.23
C GLU V 183 37.46 -9.82 16.31
N VAL V 184 37.21 -9.34 17.53
CA VAL V 184 36.48 -8.08 17.70
C VAL V 184 37.24 -6.95 17.03
N PHE V 185 38.57 -6.98 17.07
CA PHE V 185 39.36 -5.87 16.54
C PHE V 185 39.51 -5.97 15.03
N GLY V 186 40.02 -7.10 14.53
CA GLY V 186 40.33 -7.23 13.12
C GLY V 186 39.15 -7.64 12.26
N ASN V 187 38.48 -8.74 12.63
CA ASN V 187 37.37 -9.23 11.81
C ASN V 187 36.27 -8.19 11.68
N LEU V 188 36.00 -7.44 12.76
CA LEU V 188 34.97 -6.43 12.75
C LEU V 188 35.49 -5.04 12.39
N GLY V 189 36.81 -4.88 12.24
CA GLY V 189 37.38 -3.61 11.84
C GLY V 189 37.52 -2.59 12.94
N TYR V 190 37.28 -2.97 14.19
CA TYR V 190 37.40 -2.03 15.30
C TYR V 190 38.85 -1.86 15.71
N ALA V 191 39.19 -0.66 16.16
CA ALA V 191 40.55 -0.31 16.56
C ALA V 191 40.53 0.30 17.96
N ASP V 192 41.73 0.61 18.46
CA ASP V 192 41.91 1.24 19.76
C ASP V 192 42.69 2.53 19.58
N ALA V 193 42.35 3.54 20.39
CA ALA V 193 42.95 4.86 20.24
C ALA V 193 44.41 4.86 20.68
N LEU V 194 44.69 4.29 21.85
CA LEU V 194 46.04 4.38 22.43
C LEU V 194 47.06 3.73 21.52
N ARG V 195 46.83 2.48 21.12
CA ARG V 195 47.78 1.80 20.25
C ARG V 195 47.94 2.55 18.93
N GLU V 196 46.86 3.13 18.42
CA GLU V 196 46.92 3.85 17.15
C GLU V 196 47.82 5.07 17.27
N VAL V 197 47.65 5.86 18.34
CA VAL V 197 48.46 7.05 18.50
C VAL V 197 49.88 6.71 18.91
N SER V 198 50.06 5.63 19.66
CA SER V 198 51.38 5.24 20.17
C SER V 198 51.46 3.72 20.22
N ARG V 199 52.28 3.14 19.35
CA ARG V 199 52.57 1.71 19.37
C ARG V 199 53.77 1.43 20.28
N GLU V 200 53.65 1.90 21.52
CA GLU V 200 54.74 1.85 22.49
C GLU V 200 54.44 0.77 23.53
N GLY V 201 55.46 -0.03 23.85
CA GLY V 201 55.34 -1.05 24.86
C GLY V 201 55.52 -0.49 26.26
N ASP V 202 55.38 -1.38 27.24
CA ASP V 202 55.50 -1.07 28.66
C ASP V 202 54.34 -0.21 29.17
N GLN V 203 53.38 0.15 28.32
CA GLN V 203 52.26 0.98 28.72
C GLN V 203 51.12 0.08 29.19
N PHE V 204 50.74 0.21 30.46
CA PHE V 204 49.72 -0.62 31.06
C PHE V 204 48.75 0.24 31.85
N SER V 205 47.71 -0.41 32.38
CA SER V 205 46.69 0.26 33.17
C SER V 205 46.42 -0.44 34.49
N TRP V 206 46.32 -1.76 34.49
CA TRP V 206 46.04 -2.53 35.69
C TRP V 206 47.34 -3.05 36.29
N TRP V 207 47.50 -2.88 37.60
CA TRP V 207 48.65 -3.39 38.32
C TRP V 207 48.19 -4.21 39.51
N PRO V 208 48.93 -5.26 39.88
CA PRO V 208 48.53 -6.05 41.05
C PRO V 208 48.71 -5.26 42.34
N ASP V 209 47.95 -5.65 43.36
CA ASP V 209 48.07 -5.00 44.67
C ASP V 209 49.48 -5.15 45.22
N SER V 210 50.19 -6.20 44.83
CA SER V 210 51.55 -6.41 45.29
C SER V 210 52.42 -5.20 44.92
N GLU V 211 53.03 -4.60 45.95
CA GLU V 211 53.83 -3.40 45.71
C GLU V 211 55.02 -3.69 44.80
N GLN V 212 55.57 -4.90 44.85
CA GLN V 212 56.73 -5.22 44.01
C GLN V 212 56.37 -5.12 42.54
N ALA V 213 55.18 -5.58 42.17
CA ALA V 213 54.76 -5.52 40.78
C ALA V 213 54.66 -4.07 40.30
N GLU V 214 54.16 -3.18 41.15
CA GLU V 214 54.10 -1.77 40.79
C GLU V 214 55.49 -1.17 40.69
N MET V 215 56.40 -1.57 41.60
CA MET V 215 57.76 -1.06 41.54
C MET V 215 58.45 -1.46 40.24
N LEU V 216 58.42 -2.74 39.90
CA LEU V 216 59.03 -3.22 38.67
C LEU V 216 58.08 -3.07 37.47
N ASN V 217 56.92 -2.45 37.66
CA ASN V 217 56.03 -2.05 36.57
C ASN V 217 55.43 -3.27 35.85
N LEU V 218 55.06 -4.28 36.62
CA LEU V 218 54.33 -5.43 36.07
C LEU V 218 52.85 -5.07 36.03
N GLY V 219 52.43 -4.47 34.92
CA GLY V 219 51.06 -4.03 34.75
C GLY V 219 50.41 -4.64 33.51
N TRP V 220 49.10 -4.50 33.45
CA TRP V 220 48.30 -5.00 32.34
C TRP V 220 47.51 -3.86 31.71
N ARG V 221 47.35 -3.92 30.40
CA ARG V 221 46.55 -2.94 29.66
C ARG V 221 45.20 -3.61 29.38
N PHE V 222 44.30 -3.53 30.36
CA PHE V 222 42.99 -4.16 30.26
C PHE V 222 41.92 -3.21 29.73
N ASP V 223 42.14 -1.92 29.77
CA ASP V 223 41.16 -0.93 29.34
C ASP V 223 41.42 -0.55 27.88
N TYR V 224 40.36 -0.55 27.08
CA TYR V 224 40.47 -0.20 25.67
C TYR V 224 39.23 0.58 25.26
N GLN V 225 39.45 1.72 24.60
CA GLN V 225 38.36 2.53 24.07
C GLN V 225 38.06 2.10 22.64
N VAL V 226 37.68 0.83 22.51
CA VAL V 226 37.34 0.25 21.22
C VAL V 226 36.24 1.10 20.59
N LEU V 227 36.50 1.60 19.39
CA LEU V 227 35.61 2.55 18.73
C LEU V 227 35.49 2.23 17.25
N THR V 228 34.41 2.70 16.64
CA THR V 228 34.21 2.53 15.22
C THR V 228 35.36 3.18 14.45
N PRO V 229 35.84 2.56 13.36
CA PRO V 229 36.92 3.19 12.60
C PRO V 229 36.60 4.58 12.11
N GLY V 230 35.31 4.94 12.04
CA GLY V 230 34.95 6.29 11.62
C GLY V 230 35.58 7.36 12.50
N LEU V 231 35.53 7.16 13.81
CA LEU V 231 36.14 8.09 14.75
C LEU V 231 37.60 7.77 15.04
N ARG V 232 38.10 6.62 14.56
CA ARG V 232 39.47 6.24 14.84
C ARG V 232 40.46 7.29 14.34
N ARG V 233 40.23 7.84 13.16
CA ARG V 233 41.17 8.81 12.60
C ARG V 233 41.24 10.08 13.44
N PHE V 234 40.18 10.38 14.19
CA PHE V 234 40.09 11.63 14.94
C PHE V 234 40.72 11.53 16.33
N VAL V 235 41.58 10.54 16.55
CA VAL V 235 42.30 10.45 17.82
C VAL V 235 43.53 11.35 17.75
N ARG V 236 43.75 12.14 18.81
CA ARG V 236 44.87 13.07 18.85
C ARG V 236 46.07 12.47 19.58
N ASN V 237 45.85 11.94 20.79
CA ASN V 237 46.94 11.39 21.57
C ASN V 237 46.36 10.57 22.71
N ALA V 238 47.23 9.81 23.37
CA ALA V 238 46.85 9.01 24.53
C ALA V 238 47.94 9.12 25.59
N LYS V 239 47.56 8.88 26.84
CA LYS V 239 48.48 8.98 27.95
C LYS V 239 48.04 8.06 29.07
N LEU V 240 49.00 7.61 29.86
CA LEU V 240 48.76 6.73 31.01
C LEU V 240 49.63 7.21 32.17
N PRO V 241 49.25 8.31 32.81
CA PRO V 241 50.07 8.85 33.91
C PRO V 241 50.34 7.80 34.97
N ARG V 242 51.61 7.66 35.34
CA ARG V 242 52.04 6.72 36.39
C ARG V 242 51.96 7.35 37.77
N GLN V 243 50.97 8.21 38.01
CA GLN V 243 50.75 8.83 39.31
C GLN V 243 50.48 7.74 40.34
N PRO V 244 50.44 8.07 41.63
CA PRO V 244 50.06 7.07 42.63
C PRO V 244 48.76 6.37 42.23
N ARG V 245 48.86 5.07 42.01
CA ARG V 245 47.76 4.32 41.42
C ARG V 245 46.45 4.58 42.16
N PHE V 246 45.51 5.23 41.47
CA PHE V 246 44.25 5.62 42.06
C PHE V 246 43.26 4.46 42.21
N SER V 247 43.53 3.33 41.57
CA SER V 247 42.63 2.17 41.64
C SER V 247 43.31 1.02 40.92
N GLN V 248 42.71 -0.17 41.03
CA GLN V 248 43.30 -1.36 40.41
C GLN V 248 43.72 -1.10 38.98
N HIS V 249 43.04 -0.20 38.28
CA HIS V 249 43.47 0.29 36.99
C HIS V 249 43.99 1.71 37.10
N ALA V 250 44.85 2.08 36.16
CA ALA V 250 45.46 3.40 36.15
C ALA V 250 44.65 4.38 35.32
N PRO V 251 44.87 5.69 35.50
CA PRO V 251 44.09 6.68 34.73
C PRO V 251 44.38 6.62 33.23
N LEU V 252 43.37 6.25 32.45
CA LEU V 252 43.49 6.24 31.00
C LEU V 252 43.07 7.59 30.45
N ILE V 253 44.04 8.33 29.91
CA ILE V 253 43.82 9.68 29.40
C ILE V 253 43.99 9.67 27.89
N VAL V 254 42.99 10.17 27.18
CA VAL V 254 43.00 10.23 25.73
C VAL V 254 42.31 11.51 25.28
N ASP V 255 42.88 12.16 24.27
CA ASP V 255 42.30 13.36 23.67
C ASP V 255 41.99 13.08 22.21
N TYR V 256 40.83 13.56 21.76
CA TYR V 256 40.36 13.34 20.40
C TYR V 256 40.26 14.68 19.67
N ASP V 257 40.19 14.58 18.33
CA ASP V 257 39.96 15.78 17.52
C ASP V 257 38.50 16.18 17.51
N TRP V 258 37.61 15.22 17.72
CA TRP V 258 36.18 15.51 17.72
C TRP V 258 35.80 16.27 18.98
N GLN V 259 34.72 17.06 18.87
CA GLN V 259 34.15 17.77 20.00
C GLN V 259 32.67 17.42 20.12
N LEU V 260 32.28 16.86 21.26
CA LEU V 260 30.90 16.46 21.48
C LEU V 260 30.02 17.68 21.68
N SER V 261 28.74 17.52 21.36
CA SER V 261 27.76 18.60 21.53
C SER V 261 26.38 17.98 21.67
N ILE V 262 25.50 18.69 22.36
CA ILE V 262 24.13 18.22 22.56
C ILE V 262 23.43 18.06 21.21
N GLY W 1 -22.56 57.33 -12.47
CA GLY W 1 -21.99 56.31 -11.55
C GLY W 1 -20.95 55.43 -12.23
N PRO W 2 -20.27 54.59 -11.43
CA PRO W 2 -19.26 53.70 -12.02
C PRO W 2 -19.86 52.56 -12.80
N ALA W 3 -19.63 52.53 -14.12
CA ALA W 3 -20.17 51.49 -14.97
C ALA W 3 -19.26 51.30 -16.18
N MET W 4 -19.16 50.06 -16.63
CA MET W 4 -18.36 49.69 -17.78
C MET W 4 -19.13 48.69 -18.63
N ARG W 5 -18.99 48.79 -19.95
CA ARG W 5 -19.69 47.93 -20.88
C ARG W 5 -18.72 47.24 -21.82
N ILE W 6 -18.96 45.96 -22.08
CA ILE W 6 -18.17 45.16 -23.01
C ILE W 6 -19.10 44.61 -24.08
N ILE W 7 -18.67 44.68 -25.34
CA ILE W 7 -19.45 44.21 -26.47
C ILE W 7 -18.62 43.18 -27.23
N SER W 8 -19.28 42.11 -27.67
CA SER W 8 -18.63 41.04 -28.41
C SER W 8 -19.55 40.57 -29.52
N VAL W 9 -19.06 40.63 -30.76
CA VAL W 9 -19.81 40.20 -31.93
C VAL W 9 -18.85 39.43 -32.83
N ASN W 10 -19.20 38.18 -33.14
CA ASN W 10 -18.37 37.35 -34.02
C ASN W 10 -18.71 37.71 -35.47
N VAL W 11 -18.06 38.76 -35.97
CA VAL W 11 -18.33 39.25 -37.31
C VAL W 11 -18.08 38.18 -38.37
N ASN W 12 -17.16 37.27 -38.12
CA ASN W 12 -16.79 36.23 -39.09
C ASN W 12 -16.42 36.88 -40.42
N GLY W 13 -15.37 37.71 -40.38
CA GLY W 13 -14.95 38.45 -41.54
C GLY W 13 -15.23 39.93 -41.41
N ILE W 14 -14.21 40.72 -41.08
CA ILE W 14 -14.39 42.15 -40.93
C ILE W 14 -14.90 42.80 -42.20
N GLN W 15 -14.64 42.19 -43.36
CA GLN W 15 -15.09 42.77 -44.63
CA GLN W 15 -15.09 42.77 -44.62
C GLN W 15 -16.61 42.84 -44.68
N ALA W 16 -17.28 41.74 -44.35
CA ALA W 16 -18.74 41.73 -44.37
C ALA W 16 -19.32 42.72 -43.36
N ALA W 17 -18.73 42.77 -42.16
CA ALA W 17 -19.22 43.70 -41.14
C ALA W 17 -19.08 45.14 -41.61
N ALA W 18 -17.92 45.50 -42.16
CA ALA W 18 -17.73 46.86 -42.65
C ALA W 18 -18.66 47.15 -43.83
N GLU W 19 -18.97 46.14 -44.63
CA GLU W 19 -19.88 46.34 -45.75
C GLU W 19 -21.25 46.82 -45.27
N ARG W 20 -21.75 46.22 -44.20
CA ARG W 20 -23.06 46.58 -43.65
C ARG W 20 -22.99 47.76 -42.68
N GLY W 21 -21.80 48.30 -42.43
CA GLY W 21 -21.69 49.48 -41.58
C GLY W 21 -21.64 49.21 -40.10
N LEU W 22 -21.00 48.12 -39.67
CA LEU W 22 -20.89 47.84 -38.24
C LEU W 22 -20.13 48.96 -37.52
N LEU W 23 -19.22 49.63 -38.23
CA LEU W 23 -18.42 50.67 -37.59
C LEU W 23 -19.30 51.79 -37.07
N SER W 24 -20.39 52.11 -37.78
CA SER W 24 -21.27 53.19 -37.34
C SER W 24 -21.95 52.83 -36.03
N TRP W 25 -22.57 51.64 -35.97
CA TRP W 25 -23.23 51.22 -34.74
C TRP W 25 -22.23 51.06 -33.60
N LEU W 26 -20.99 50.71 -33.93
CA LEU W 26 -19.97 50.54 -32.90
C LEU W 26 -19.56 51.87 -32.30
N GLN W 27 -19.20 52.84 -33.16
CA GLN W 27 -18.81 54.15 -32.66
C GLN W 27 -20.00 54.87 -32.03
N ALA W 28 -21.22 54.49 -32.38
CA ALA W 28 -22.40 55.12 -31.80
C ALA W 28 -22.68 54.61 -30.40
N GLN W 29 -22.62 53.30 -30.19
CA GLN W 29 -22.90 52.72 -28.89
C GLN W 29 -21.71 52.95 -27.96
N ASN W 30 -21.95 53.60 -26.83
CA ASN W 30 -20.90 53.86 -25.87
C ASN W 30 -20.49 52.58 -25.17
N ALA W 31 -19.20 52.26 -25.23
CA ALA W 31 -18.69 51.05 -24.60
C ALA W 31 -17.23 51.29 -24.21
N ASP W 32 -16.78 50.52 -23.21
CA ASP W 32 -15.42 50.64 -22.72
C ASP W 32 -14.44 49.75 -23.47
N VAL W 33 -14.84 48.51 -23.78
CA VAL W 33 -13.97 47.57 -24.47
C VAL W 33 -14.80 46.83 -25.51
N ILE W 34 -14.18 46.54 -26.65
CA ILE W 34 -14.80 45.80 -27.74
C ILE W 34 -13.94 44.58 -28.03
N CYS W 35 -14.58 43.43 -28.24
CA CYS W 35 -13.90 42.17 -28.50
C CYS W 35 -14.43 41.60 -29.82
N LEU W 36 -13.95 42.16 -30.93
CA LEU W 36 -14.32 41.65 -32.24
C LEU W 36 -13.65 40.30 -32.47
N GLN W 37 -14.46 39.27 -32.74
CA GLN W 37 -13.97 37.91 -32.89
C GLN W 37 -13.98 37.50 -34.35
N ASP W 38 -13.05 36.60 -34.69
CA ASP W 38 -12.92 36.06 -36.04
C ASP W 38 -12.77 37.18 -37.06
N THR W 39 -11.53 37.69 -37.13
CA THR W 39 -11.22 38.75 -38.09
C THR W 39 -11.21 38.22 -39.52
N ARG W 40 -10.57 37.07 -39.73
CA ARG W 40 -10.45 36.48 -41.06
C ARG W 40 -9.78 37.46 -42.03
N ALA W 41 -8.80 38.19 -41.51
CA ALA W 41 -8.07 39.16 -42.31
C ALA W 41 -6.73 39.44 -41.64
N SER W 42 -5.87 40.17 -42.35
CA SER W 42 -4.56 40.49 -41.83
C SER W 42 -4.65 41.59 -40.78
N ALA W 43 -3.63 41.65 -39.92
CA ALA W 43 -3.59 42.67 -38.88
C ALA W 43 -3.51 44.07 -39.48
N PHE W 44 -2.85 44.22 -40.63
CA PHE W 44 -2.79 45.52 -41.27
C PHE W 44 -4.17 46.02 -41.68
N ASP W 45 -5.07 45.11 -42.03
CA ASP W 45 -6.44 45.51 -42.35
C ASP W 45 -7.10 46.16 -41.14
N LEU W 46 -6.90 45.58 -39.95
CA LEU W 46 -7.42 46.19 -38.74
C LEU W 46 -6.71 47.51 -38.43
N ASP W 47 -5.41 47.58 -38.73
CA ASP W 47 -4.66 48.80 -38.47
C ASP W 47 -5.17 49.96 -39.33
N ASP W 48 -5.83 49.65 -40.44
CA ASP W 48 -6.34 50.70 -41.32
C ASP W 48 -7.25 51.63 -40.53
N PRO W 49 -7.19 52.94 -40.76
CA PRO W 49 -8.05 53.86 -40.00
C PRO W 49 -9.54 53.59 -40.20
N SER W 50 -9.92 52.99 -41.34
CA SER W 50 -11.32 52.70 -41.57
C SER W 50 -11.86 51.70 -40.55
N PHE W 51 -11.09 50.64 -40.27
CA PHE W 51 -11.51 49.66 -39.27
C PHE W 51 -11.15 50.11 -37.86
N GLN W 52 -10.06 50.86 -37.70
CA GLN W 52 -9.66 51.32 -36.38
C GLN W 52 -10.69 52.31 -35.82
N LEU W 53 -11.13 52.06 -34.60
CA LEU W 53 -12.09 52.92 -33.95
C LEU W 53 -11.39 54.15 -33.37
N ASP W 54 -11.86 55.33 -33.75
CA ASP W 54 -11.23 56.56 -33.30
C ASP W 54 -11.27 56.66 -31.78
N GLY W 55 -10.13 56.96 -31.18
CA GLY W 55 -10.03 57.12 -29.74
C GLY W 55 -9.93 55.83 -28.96
N TYR W 56 -9.66 54.70 -29.63
CA TYR W 56 -9.55 53.41 -28.97
C TYR W 56 -8.25 52.74 -29.40
N PHE W 57 -7.50 52.22 -28.43
CA PHE W 57 -6.29 51.48 -28.74
C PHE W 57 -6.65 50.14 -29.39
N LEU W 58 -5.86 49.75 -30.39
CA LEU W 58 -6.15 48.58 -31.20
C LEU W 58 -4.94 47.65 -31.23
N TYR W 59 -5.23 46.35 -31.19
CA TYR W 59 -4.21 45.30 -31.32
C TYR W 59 -4.87 44.08 -31.92
N ALA W 60 -4.31 43.57 -33.02
CA ALA W 60 -4.89 42.46 -33.77
C ALA W 60 -3.83 41.42 -34.03
N CYS W 61 -4.21 40.14 -33.85
CA CYS W 61 -3.34 39.01 -34.14
C CYS W 61 -4.15 37.99 -34.93
N ASP W 62 -3.58 37.51 -36.03
CA ASP W 62 -4.26 36.59 -36.93
C ASP W 62 -3.47 35.29 -37.03
N ALA W 63 -4.00 34.35 -37.80
CA ALA W 63 -3.39 33.05 -38.00
C ALA W 63 -2.35 33.11 -39.12
N GLU W 64 -1.73 31.97 -39.41
CA GLU W 64 -0.79 31.91 -40.53
C GLU W 64 -1.47 32.31 -41.82
N LEU W 65 -2.76 31.99 -41.95
CA LEU W 65 -3.56 32.41 -43.09
C LEU W 65 -4.55 33.48 -42.63
N PRO W 66 -4.54 34.68 -43.21
CA PRO W 66 -5.46 35.73 -42.73
C PRO W 66 -6.91 35.29 -42.69
N GLU W 67 -7.38 34.63 -43.74
CA GLU W 67 -8.80 34.27 -43.81
C GLU W 67 -9.17 33.18 -42.83
N GLN W 68 -8.19 32.41 -42.35
CA GLN W 68 -8.49 31.29 -41.47
C GLN W 68 -9.19 31.76 -40.20
N GLY W 69 -8.65 32.80 -39.56
CA GLY W 69 -9.25 33.31 -38.34
C GLY W 69 -8.62 34.60 -37.86
N GLY W 70 -8.32 34.67 -36.57
CA GLY W 70 -7.77 35.87 -35.97
C GLY W 70 -8.79 36.61 -35.13
N VAL W 71 -8.28 37.36 -34.14
CA VAL W 71 -9.11 38.10 -33.21
C VAL W 71 -8.47 39.46 -32.95
N ALA W 72 -9.32 40.46 -32.70
CA ALA W 72 -8.88 41.81 -32.41
C ALA W 72 -9.73 42.40 -31.29
N LEU W 73 -9.27 43.52 -30.75
CA LEU W 73 -9.96 44.20 -29.67
C LEU W 73 -9.70 45.69 -29.75
N TYR W 74 -10.63 46.46 -29.17
CA TYR W 74 -10.54 47.92 -29.13
C TYR W 74 -10.75 48.36 -27.69
N SER W 75 -9.68 48.85 -27.06
CA SER W 75 -9.74 49.32 -25.68
C SER W 75 -9.82 50.83 -25.66
N ARG W 76 -10.69 51.36 -24.80
CA ARG W 76 -10.87 52.81 -24.72
C ARG W 76 -9.62 53.50 -24.18
N LEU W 77 -8.89 52.85 -23.27
CA LEU W 77 -7.71 53.42 -22.67
C LEU W 77 -6.54 52.45 -22.82
N GLN W 78 -5.34 53.02 -22.81
CA GLN W 78 -4.11 52.26 -22.99
C GLN W 78 -3.99 51.18 -21.93
N PRO W 79 -4.07 49.89 -22.29
CA PRO W 79 -3.89 48.84 -21.28
C PRO W 79 -2.46 48.79 -20.79
N LYS W 80 -2.28 48.25 -19.57
CA LYS W 80 -0.94 48.13 -19.01
C LYS W 80 -0.09 47.17 -19.82
N ALA W 81 -0.69 46.12 -20.36
CA ALA W 81 0.03 45.13 -21.14
C ALA W 81 -0.94 44.36 -22.03
N VAL W 82 -0.40 43.79 -23.10
CA VAL W 82 -1.18 43.01 -24.06
C VAL W 82 -0.37 41.77 -24.40
N ILE W 83 -0.99 40.59 -24.24
CA ILE W 83 -0.32 39.32 -24.46
C ILE W 83 -1.16 38.50 -25.43
N SER W 84 -0.50 37.64 -26.21
CA SER W 84 -1.16 36.75 -27.15
C SER W 84 -0.55 35.36 -27.05
N GLY W 85 -1.35 34.36 -27.41
CA GLY W 85 -0.93 32.98 -27.37
C GLY W 85 -1.10 32.35 -26.01
N LEU W 86 -1.07 31.01 -26.00
CA LEU W 86 -1.22 30.23 -24.79
C LEU W 86 -0.19 29.12 -24.65
N GLY W 87 0.69 28.92 -25.62
CA GLY W 87 1.63 27.83 -25.62
C GLY W 87 1.16 26.62 -26.41
N PHE W 88 -0.15 26.43 -26.52
CA PHE W 88 -0.70 25.35 -27.33
C PHE W 88 -0.72 25.76 -28.80
N GLU W 89 -0.35 24.83 -29.68
CA GLU W 89 -0.32 25.13 -31.10
C GLU W 89 -1.72 25.50 -31.60
N THR W 90 -2.75 24.81 -31.11
CA THR W 90 -4.12 25.06 -31.55
C THR W 90 -4.51 26.53 -31.39
N ALA W 91 -3.96 27.23 -30.40
CA ALA W 91 -4.28 28.62 -30.14
C ALA W 91 -3.22 29.58 -30.68
N ASP W 92 -1.94 29.21 -30.54
CA ASP W 92 -0.87 30.11 -30.99
C ASP W 92 -0.83 30.18 -32.51
N ARG W 93 -0.84 29.03 -33.19
CA ARG W 93 -0.73 29.00 -34.63
C ARG W 93 -1.93 29.60 -35.34
N TYR W 94 -3.10 29.63 -34.70
CA TYR W 94 -4.31 30.12 -35.33
C TYR W 94 -4.82 31.42 -34.71
N GLY W 95 -4.07 32.02 -33.81
CA GLY W 95 -4.50 33.29 -33.22
C GLY W 95 -5.88 33.23 -32.62
N ARG W 96 -6.26 32.08 -32.07
CA ARG W 96 -7.57 31.91 -31.46
C ARG W 96 -7.63 32.45 -30.03
N TYR W 97 -6.58 33.12 -29.55
CA TYR W 97 -6.54 33.63 -28.19
C TYR W 97 -5.79 34.94 -28.18
N LEU W 98 -6.43 35.98 -27.61
CA LEU W 98 -5.78 37.27 -27.43
C LEU W 98 -6.28 37.85 -26.10
N GLN W 99 -5.35 38.44 -25.35
CA GLN W 99 -5.65 38.99 -24.04
C GLN W 99 -4.97 40.35 -23.89
N ALA W 100 -5.73 41.34 -23.43
CA ALA W 100 -5.22 42.68 -23.14
C ALA W 100 -5.24 42.85 -21.63
N ASP W 101 -4.07 42.65 -21.00
CA ASP W 101 -3.95 42.74 -19.56
C ASP W 101 -4.25 44.15 -19.10
N PHE W 102 -5.15 44.30 -18.13
CA PHE W 102 -5.47 45.62 -17.63
C PHE W 102 -5.26 45.56 -16.11
N ASP W 103 -6.25 45.88 -15.28
CA ASP W 103 -6.14 45.64 -13.84
C ASP W 103 -7.12 44.53 -13.45
N LYS W 104 -6.60 43.44 -12.90
CA LYS W 104 -7.42 42.33 -12.45
C LYS W 104 -8.15 41.65 -13.59
N VAL W 105 -9.12 42.36 -14.19
CA VAL W 105 -10.00 41.72 -15.17
C VAL W 105 -9.18 41.16 -16.34
N SER W 106 -8.34 41.97 -16.96
CA SER W 106 -7.55 41.56 -18.12
C SER W 106 -8.45 40.89 -19.15
N ILE W 107 -9.13 41.72 -19.94
CA ILE W 107 -10.06 41.23 -20.96
C ILE W 107 -9.35 40.23 -21.86
N ALA W 108 -9.94 39.05 -22.01
CA ALA W 108 -9.37 37.97 -22.82
C ALA W 108 -10.39 37.52 -23.85
N THR W 109 -9.95 37.40 -25.09
CA THR W 109 -10.81 36.95 -26.18
C THR W 109 -10.53 35.48 -26.46
N LEU W 110 -11.59 34.67 -26.48
CA LEU W 110 -11.49 33.24 -26.72
C LEU W 110 -12.36 32.87 -27.91
N LEU W 111 -11.88 31.93 -28.72
CA LEU W 111 -12.60 31.46 -29.92
C LEU W 111 -12.37 29.97 -30.06
N LEU W 112 -13.37 29.17 -29.70
CA LEU W 112 -13.28 27.73 -29.87
C LEU W 112 -13.72 27.33 -31.28
N PRO W 113 -13.03 26.39 -31.92
CA PRO W 113 -13.43 26.00 -33.27
C PRO W 113 -14.85 25.44 -33.30
N SER W 114 -15.54 25.69 -34.41
CA SER W 114 -16.93 25.28 -34.52
C SER W 114 -17.06 23.76 -34.45
N GLY W 115 -16.16 23.03 -35.09
CA GLY W 115 -16.24 21.59 -35.13
C GLY W 115 -17.34 21.04 -36.01
N GLN W 116 -18.00 21.90 -36.81
CA GLN W 116 -19.08 21.48 -37.68
C GLN W 116 -18.64 21.23 -39.12
N SER W 117 -17.48 21.77 -39.52
CA SER W 117 -17.03 21.63 -40.89
C SER W 117 -16.65 20.18 -41.20
N GLY W 118 -15.67 19.64 -40.47
CA GLY W 118 -15.20 18.29 -40.72
C GLY W 118 -14.78 17.62 -39.43
N ASP W 119 -14.37 16.36 -39.57
CA ASP W 119 -13.92 15.59 -38.41
C ASP W 119 -12.64 16.17 -37.83
N GLU W 120 -11.77 16.71 -38.68
CA GLU W 120 -10.54 17.33 -38.20
C GLU W 120 -10.86 18.53 -37.31
N SER W 121 -11.90 19.29 -37.66
CA SER W 121 -12.30 20.42 -36.81
C SER W 121 -12.77 19.93 -35.45
N LEU W 122 -13.49 18.80 -35.42
CA LEU W 122 -13.95 18.27 -34.15
C LEU W 122 -12.77 17.76 -33.31
N ASN W 123 -11.79 17.14 -33.96
CA ASN W 123 -10.60 16.70 -33.23
C ASN W 123 -9.85 17.89 -32.65
N GLN W 124 -9.70 18.96 -33.45
CA GLN W 124 -9.07 20.17 -32.95
C GLN W 124 -9.84 20.75 -31.78
N LYS W 125 -11.17 20.74 -31.87
CA LYS W 125 -12.00 21.24 -30.77
C LYS W 125 -11.78 20.42 -29.51
N PHE W 126 -11.73 19.10 -29.63
CA PHE W 126 -11.49 18.24 -28.48
C PHE W 126 -10.13 18.54 -27.85
N LYS W 127 -9.08 18.59 -28.68
CA LYS W 127 -7.75 18.91 -28.16
C LYS W 127 -7.75 20.26 -27.47
N PHE W 128 -8.42 21.25 -28.06
CA PHE W 128 -8.43 22.59 -27.49
C PHE W 128 -9.13 22.60 -26.14
N MET W 129 -10.29 21.96 -26.05
CA MET W 129 -11.00 21.96 -24.77
C MET W 129 -10.22 21.21 -23.70
N ASP W 130 -9.53 20.13 -24.09
CA ASP W 130 -8.72 19.40 -23.11
C ASP W 130 -7.58 20.28 -22.59
N ASP W 131 -6.81 20.87 -23.52
CA ASP W 131 -5.71 21.73 -23.10
C ASP W 131 -6.22 22.92 -22.28
N PHE W 132 -7.42 23.42 -22.61
CA PHE W 132 -7.94 24.58 -21.92
C PHE W 132 -8.39 24.23 -20.50
N THR W 133 -9.06 23.10 -20.32
CA THR W 133 -9.39 22.68 -18.96
C THR W 133 -8.12 22.41 -18.15
N HIS W 134 -7.10 21.84 -18.77
CA HIS W 134 -5.84 21.65 -18.06
C HIS W 134 -5.27 23.00 -17.60
N TYR W 135 -5.15 23.95 -18.53
CA TYR W 135 -4.58 25.25 -18.20
C TYR W 135 -5.41 25.97 -17.14
N LEU W 136 -6.73 25.84 -17.21
CA LEU W 136 -7.59 26.55 -16.27
C LEU W 136 -7.53 25.92 -14.89
N SER W 137 -7.45 24.59 -14.82
CA SER W 137 -7.25 23.93 -13.54
C SER W 137 -5.91 24.36 -12.94
N LYS W 138 -4.89 24.50 -13.77
CA LYS W 138 -3.61 25.02 -13.30
C LYS W 138 -3.65 26.52 -13.00
N GLN W 139 -4.69 27.22 -13.45
CA GLN W 139 -4.78 28.67 -13.31
C GLN W 139 -5.76 29.12 -12.24
N ARG W 140 -6.75 28.29 -11.90
CA ARG W 140 -7.77 28.70 -10.93
C ARG W 140 -7.14 29.19 -9.64
N ARG W 141 -5.99 28.63 -9.26
CA ARG W 141 -5.34 29.01 -8.02
C ARG W 141 -4.68 30.39 -8.09
N LYS W 142 -4.70 31.04 -9.24
CA LYS W 142 -4.03 32.33 -9.38
C LYS W 142 -4.86 33.43 -8.72
N ARG W 143 -4.16 34.50 -8.33
CA ARG W 143 -4.82 35.63 -7.69
C ARG W 143 -5.60 36.45 -8.70
N ARG W 144 -5.01 36.72 -9.86
CA ARG W 144 -5.64 37.58 -10.85
C ARG W 144 -6.89 36.91 -11.40
N GLU W 145 -8.02 37.62 -11.30
CA GLU W 145 -9.30 37.12 -11.79
C GLU W 145 -9.47 37.48 -13.25
N TYR W 146 -9.73 36.46 -14.08
CA TYR W 146 -9.82 36.62 -15.53
C TYR W 146 -11.28 36.66 -15.97
N ILE W 147 -11.48 37.08 -17.21
CA ILE W 147 -12.80 37.15 -17.83
C ILE W 147 -12.63 36.66 -19.28
N TYR W 148 -12.74 35.35 -19.47
CA TYR W 148 -12.54 34.75 -20.80
C TYR W 148 -13.79 35.01 -21.64
N CYS W 149 -13.86 36.22 -22.17
CA CYS W 149 -14.97 36.63 -23.04
C CYS W 149 -14.79 36.07 -24.44
N GLY W 150 -15.55 35.02 -24.78
CA GLY W 150 -15.42 34.40 -26.08
C GLY W 150 -16.61 33.55 -26.49
N SER W 151 -16.75 33.31 -27.79
CA SER W 151 -17.81 32.46 -28.33
C SER W 151 -17.31 31.02 -28.30
N LEU W 152 -17.98 30.18 -27.51
CA LEU W 152 -17.54 28.81 -27.31
C LEU W 152 -18.13 27.83 -28.32
N TYR W 153 -19.23 28.17 -28.97
CA TYR W 153 -19.90 27.27 -29.91
C TYR W 153 -20.42 26.03 -29.18
N VAL W 154 -20.97 26.23 -27.98
CA VAL W 154 -21.50 25.14 -27.17
C VAL W 154 -22.68 25.67 -26.36
N ALA W 155 -23.77 24.90 -26.34
CA ALA W 155 -24.93 25.23 -25.53
C ALA W 155 -24.85 24.44 -24.21
N HIS W 156 -24.98 25.15 -23.09
CA HIS W 156 -24.80 24.51 -21.79
C HIS W 156 -26.03 23.70 -21.38
N GLN W 157 -27.21 24.32 -21.42
CA GLN W 157 -28.43 23.68 -20.93
C GLN W 157 -29.53 23.84 -21.97
N LYS W 158 -30.65 23.15 -21.71
CA LYS W 158 -31.79 23.23 -22.61
C LYS W 158 -32.31 24.66 -22.72
N MET W 159 -32.19 25.43 -21.64
CA MET W 159 -32.61 26.83 -21.68
C MET W 159 -31.92 27.60 -22.79
N ASP W 160 -30.78 27.13 -23.26
CA ASP W 160 -30.00 27.82 -24.29
C ASP W 160 -30.42 27.43 -25.71
N VAL W 161 -31.24 26.40 -25.87
CA VAL W 161 -31.65 25.96 -27.21
C VAL W 161 -32.94 25.16 -27.11
N LYS W 162 -33.87 25.42 -28.03
CA LYS W 162 -35.12 24.69 -28.08
C LYS W 162 -35.02 23.53 -29.07
N ASN W 163 -35.97 22.60 -28.98
CA ASN W 163 -35.99 21.41 -29.84
C ASN W 163 -34.65 20.68 -29.77
N TRP W 164 -34.23 20.38 -28.55
CA TRP W 164 -32.95 19.70 -28.34
C TRP W 164 -32.94 18.30 -28.91
N ARG W 165 -34.09 17.75 -29.27
CA ARG W 165 -34.15 16.39 -29.80
C ARG W 165 -33.25 16.24 -31.02
N GLU W 166 -33.54 16.99 -32.08
CA GLU W 166 -32.74 16.90 -33.29
C GLU W 166 -31.36 17.52 -33.10
N CYS W 167 -31.15 18.25 -32.01
CA CYS W 167 -29.87 18.89 -31.74
C CYS W 167 -28.88 17.98 -31.04
N GLN W 168 -29.30 16.81 -30.59
CA GLN W 168 -28.39 15.90 -29.88
C GLN W 168 -27.15 15.60 -30.72
N GLN W 169 -27.33 15.39 -32.02
CA GLN W 169 -26.21 15.11 -32.91
C GLN W 169 -25.62 16.35 -33.54
N MET W 170 -26.35 17.45 -33.58
CA MET W 170 -25.84 18.67 -34.18
C MET W 170 -24.81 19.32 -33.25
N PRO W 171 -23.71 19.87 -33.79
CA PRO W 171 -22.75 20.57 -32.93
C PRO W 171 -23.43 21.67 -32.12
N GLY W 172 -22.88 21.94 -30.95
CA GLY W 172 -23.44 22.88 -30.01
C GLY W 172 -24.11 22.24 -28.82
N PHE W 173 -24.56 20.98 -28.95
CA PHE W 173 -25.14 20.25 -27.85
C PHE W 173 -24.49 18.87 -27.69
N LEU W 174 -23.36 18.63 -28.34
CA LEU W 174 -22.69 17.34 -28.23
C LEU W 174 -22.32 17.05 -26.78
N ALA W 175 -22.33 15.77 -26.41
CA ALA W 175 -22.13 15.39 -25.02
C ALA W 175 -20.76 15.76 -24.48
N PRO W 176 -19.64 15.41 -25.10
CA PRO W 176 -18.34 15.80 -24.55
C PRO W 176 -18.19 17.30 -24.30
N GLU W 177 -18.58 18.14 -25.25
CA GLU W 177 -18.39 19.58 -25.08
C GLU W 177 -19.30 20.12 -23.98
N ARG W 178 -20.54 19.64 -23.92
CA ARG W 178 -21.44 20.06 -22.85
C ARG W 178 -20.89 19.66 -21.49
N ALA W 179 -20.36 18.45 -21.39
CA ALA W 179 -19.78 17.99 -20.12
C ALA W 179 -18.58 18.84 -19.75
N TRP W 180 -17.72 19.16 -20.73
CA TRP W 180 -16.56 20.01 -20.46
C TRP W 180 -16.99 21.37 -19.95
N LEU W 181 -18.02 21.95 -20.58
CA LEU W 181 -18.50 23.26 -20.17
C LEU W 181 -19.08 23.22 -18.75
N ASP W 182 -19.91 22.23 -18.47
CA ASP W 182 -20.48 22.10 -17.13
C ASP W 182 -19.38 21.89 -16.09
N GLU W 183 -18.35 21.12 -16.43
CA GLU W 183 -17.22 20.94 -15.54
C GLU W 183 -16.56 22.27 -15.23
N VAL W 184 -16.08 22.95 -16.28
CA VAL W 184 -15.31 24.18 -16.07
C VAL W 184 -16.16 25.23 -15.34
N PHE W 185 -17.49 25.17 -15.50
CA PHE W 185 -18.33 26.12 -14.81
C PHE W 185 -18.53 25.75 -13.34
N GLY W 186 -19.12 24.59 -13.08
CA GLY W 186 -19.47 24.22 -11.72
C GLY W 186 -18.32 23.68 -10.90
N ASN W 187 -17.65 22.64 -11.40
CA ASN W 187 -16.62 21.98 -10.61
C ASN W 187 -15.48 22.93 -10.28
N LEU W 188 -15.21 23.89 -11.17
CA LEU W 188 -14.13 24.85 -10.96
C LEU W 188 -14.60 26.17 -10.37
N GLY W 189 -15.91 26.41 -10.34
CA GLY W 189 -16.46 27.60 -9.71
C GLY W 189 -16.69 28.77 -10.63
N TYR W 190 -16.58 28.58 -11.94
CA TYR W 190 -16.82 29.66 -12.88
C TYR W 190 -18.31 29.81 -13.16
N ALA W 191 -18.73 31.05 -13.45
CA ALA W 191 -20.12 31.37 -13.70
C ALA W 191 -20.22 32.26 -14.93
N ASP W 192 -21.44 32.58 -15.33
CA ASP W 192 -21.71 33.43 -16.48
C ASP W 192 -22.67 34.53 -16.07
N ALA W 193 -22.47 35.72 -16.65
CA ALA W 193 -23.27 36.88 -16.27
C ALA W 193 -24.72 36.71 -16.71
N LEU W 194 -24.93 36.28 -17.94
CA LEU W 194 -26.29 36.20 -18.49
C LEU W 194 -27.16 35.25 -17.68
N ARG W 195 -26.73 33.98 -17.57
CA ARG W 195 -27.52 33.01 -16.82
C ARG W 195 -27.73 33.44 -15.39
N GLU W 196 -26.74 34.11 -14.80
CA GLU W 196 -26.84 34.54 -13.41
C GLU W 196 -27.90 35.62 -13.24
N VAL W 197 -27.90 36.61 -14.13
CA VAL W 197 -28.82 37.73 -13.97
C VAL W 197 -30.19 37.42 -14.55
N SER W 198 -30.26 36.67 -15.66
CA SER W 198 -31.51 36.41 -16.35
C SER W 198 -31.58 34.93 -16.68
N ARG W 199 -32.64 34.27 -16.22
CA ARG W 199 -32.90 32.86 -16.53
C ARG W 199 -33.98 32.75 -17.60
N GLU W 200 -34.01 33.75 -18.48
CA GLU W 200 -35.03 33.88 -19.50
C GLU W 200 -34.63 33.11 -20.73
N GLY W 201 -35.58 32.35 -21.29
CA GLY W 201 -35.35 31.64 -22.53
C GLY W 201 -35.72 32.48 -23.74
N ASP W 202 -35.66 31.83 -24.90
CA ASP W 202 -35.99 32.42 -26.20
C ASP W 202 -34.87 33.29 -26.75
N GLN W 203 -34.03 33.86 -25.90
CA GLN W 203 -32.93 34.71 -26.36
C GLN W 203 -31.78 33.84 -26.85
N PHE W 204 -31.33 34.11 -28.07
CA PHE W 204 -30.25 33.35 -28.70
C PHE W 204 -29.29 34.32 -29.39
N SER W 205 -28.14 33.80 -29.78
CA SER W 205 -27.12 34.58 -30.48
C SER W 205 -26.78 34.02 -31.85
N TRP W 206 -26.68 32.70 -31.98
CA TRP W 206 -26.34 32.07 -33.25
C TRP W 206 -27.61 31.61 -33.95
N TRP W 207 -27.69 31.88 -35.25
CA TRP W 207 -28.82 31.50 -36.07
C TRP W 207 -28.35 30.84 -37.35
N PRO W 208 -29.13 29.91 -37.90
CA PRO W 208 -28.77 29.32 -39.20
C PRO W 208 -28.95 30.33 -40.32
N ASP W 209 -28.41 29.97 -41.49
CA ASP W 209 -28.53 30.84 -42.65
C ASP W 209 -29.96 30.89 -43.18
N SER W 210 -30.78 29.90 -42.85
CA SER W 210 -32.15 29.87 -43.32
C SER W 210 -32.95 31.03 -42.72
N GLU W 211 -33.63 31.78 -43.59
CA GLU W 211 -34.45 32.89 -43.12
C GLU W 211 -35.66 32.40 -42.32
N GLN W 212 -36.18 31.22 -42.66
CA GLN W 212 -37.31 30.67 -41.91
C GLN W 212 -36.90 30.38 -40.47
N ALA W 213 -35.67 29.90 -40.27
CA ALA W 213 -35.18 29.65 -38.92
C ALA W 213 -35.12 30.93 -38.11
N GLU W 214 -34.67 32.03 -38.74
CA GLU W 214 -34.60 33.30 -38.05
C GLU W 214 -36.01 33.82 -37.73
N MET W 215 -36.95 33.67 -38.68
CA MET W 215 -38.31 34.10 -38.43
C MET W 215 -38.94 33.32 -37.28
N LEU W 216 -38.68 32.01 -37.22
CA LEU W 216 -39.17 31.17 -36.13
C LEU W 216 -38.30 31.27 -34.88
N ASN W 217 -37.15 31.95 -34.96
CA ASN W 217 -36.27 32.16 -33.81
C ASN W 217 -35.59 30.86 -33.40
N LEU W 218 -35.25 30.03 -34.38
CA LEU W 218 -34.50 28.80 -34.13
C LEU W 218 -33.02 29.18 -34.03
N GLY W 219 -32.63 29.65 -32.83
CA GLY W 219 -31.29 30.13 -32.60
C GLY W 219 -30.58 29.35 -31.50
N TRP W 220 -29.29 29.64 -31.35
CA TRP W 220 -28.45 29.00 -30.36
C TRP W 220 -27.76 30.07 -29.51
N ARG W 221 -27.38 29.70 -28.29
CA ARG W 221 -26.63 30.57 -27.40
C ARG W 221 -25.22 30.01 -27.29
N PHE W 222 -24.34 30.41 -28.21
CA PHE W 222 -22.98 29.92 -28.27
C PHE W 222 -21.98 30.81 -27.55
N ASP W 223 -22.41 31.95 -27.01
CA ASP W 223 -21.52 32.89 -26.34
C ASP W 223 -21.72 32.80 -24.84
N TYR W 224 -20.61 32.87 -24.11
CA TYR W 224 -20.63 32.81 -22.65
C TYR W 224 -19.56 33.72 -22.10
N GLN W 225 -19.92 34.54 -21.12
CA GLN W 225 -18.97 35.43 -20.46
C GLN W 225 -18.30 34.69 -19.28
N VAL W 226 -17.53 33.66 -19.64
CA VAL W 226 -16.83 32.85 -18.65
C VAL W 226 -15.92 33.76 -17.85
N LEU W 227 -16.28 33.99 -16.58
CA LEU W 227 -15.57 34.91 -15.72
C LEU W 227 -15.19 34.22 -14.42
N THR W 228 -14.07 34.65 -13.84
CA THR W 228 -13.66 34.13 -12.55
C THR W 228 -14.73 34.45 -11.50
N PRO W 229 -15.00 33.54 -10.54
CA PRO W 229 -16.03 33.83 -9.54
C PRO W 229 -15.84 35.16 -8.82
N GLY W 230 -14.62 35.69 -8.85
CA GLY W 230 -14.37 36.96 -8.18
C GLY W 230 -15.26 38.08 -8.69
N LEU W 231 -15.61 38.04 -9.97
CA LEU W 231 -16.40 39.08 -10.60
C LEU W 231 -17.88 38.73 -10.71
N ARG W 232 -18.27 37.50 -10.36
CA ARG W 232 -19.66 37.10 -10.50
C ARG W 232 -20.60 37.92 -9.63
N ARG W 233 -20.10 38.52 -8.55
CA ARG W 233 -20.96 39.24 -7.63
C ARG W 233 -21.34 40.61 -8.15
N PHE W 234 -20.49 41.21 -8.99
CA PHE W 234 -20.69 42.57 -9.47
C PHE W 234 -21.37 42.63 -10.83
N VAL W 235 -22.09 41.57 -11.21
CA VAL W 235 -22.85 41.58 -12.46
C VAL W 235 -24.17 42.31 -12.22
N ARG W 236 -24.50 43.23 -13.12
CA ARG W 236 -25.72 44.04 -12.99
C ARG W 236 -26.81 43.56 -13.93
N ASN W 237 -26.58 43.69 -15.25
CA ASN W 237 -27.59 43.31 -16.22
C ASN W 237 -26.92 43.06 -17.57
N ALA W 238 -27.67 42.42 -18.46
CA ALA W 238 -27.21 42.13 -19.81
C ALA W 238 -28.37 42.29 -20.78
N LYS W 239 -28.04 42.43 -22.05
CA LYS W 239 -29.06 42.63 -23.08
C LYS W 239 -28.57 42.02 -24.39
N LEU W 240 -29.52 41.64 -25.23
CA LEU W 240 -29.23 41.02 -26.53
C LEU W 240 -30.15 41.65 -27.57
N PRO W 241 -29.77 42.81 -28.11
CA PRO W 241 -30.58 43.42 -29.16
C PRO W 241 -30.71 42.50 -30.38
N ARG W 242 -31.93 42.39 -30.90
CA ARG W 242 -32.21 41.51 -32.03
C ARG W 242 -32.19 42.30 -33.35
N GLN W 243 -31.16 43.14 -33.47
CA GLN W 243 -30.93 43.87 -34.70
C GLN W 243 -30.65 42.90 -35.83
N PRO W 244 -30.99 43.27 -37.09
CA PRO W 244 -30.66 42.40 -38.22
C PRO W 244 -29.26 41.82 -38.12
N ARG W 245 -29.15 40.50 -38.21
CA ARG W 245 -27.91 39.80 -37.97
C ARG W 245 -26.75 40.38 -38.78
N PHE W 246 -25.70 40.82 -38.09
CA PHE W 246 -24.49 41.26 -38.77
C PHE W 246 -23.61 40.07 -39.16
N SER W 247 -23.68 38.97 -38.40
CA SER W 247 -22.96 37.76 -38.72
C SER W 247 -23.75 36.56 -38.21
N GLN W 248 -23.07 35.51 -37.77
CA GLN W 248 -23.78 34.39 -37.17
C GLN W 248 -24.19 34.69 -35.73
N HIS W 249 -23.31 35.33 -34.97
CA HIS W 249 -23.57 35.68 -33.58
C HIS W 249 -24.13 37.08 -33.48
N ALA W 250 -24.62 37.42 -32.30
CA ALA W 250 -25.18 38.73 -32.00
C ALA W 250 -24.28 39.50 -31.04
N PRO W 251 -24.38 40.83 -31.00
CA PRO W 251 -23.55 41.60 -30.07
C PRO W 251 -23.90 41.34 -28.62
N LEU W 252 -23.03 40.62 -27.90
CA LEU W 252 -23.24 40.34 -26.49
C LEU W 252 -22.76 41.54 -25.67
N ILE W 253 -23.70 42.25 -25.06
CA ILE W 253 -23.39 43.44 -24.26
C ILE W 253 -23.75 43.15 -22.81
N VAL W 254 -22.84 43.51 -21.90
CA VAL W 254 -23.03 43.30 -20.47
C VAL W 254 -22.50 44.52 -19.73
N ASP W 255 -23.12 44.85 -18.60
CA ASP W 255 -22.75 45.99 -17.79
C ASP W 255 -22.33 45.52 -16.40
N TYR W 256 -21.29 46.14 -15.85
CA TYR W 256 -20.78 45.81 -14.54
C TYR W 256 -20.73 47.06 -13.67
N ASP W 257 -20.71 46.85 -12.35
CA ASP W 257 -20.63 47.97 -11.42
C ASP W 257 -19.20 48.43 -11.21
N TRP W 258 -18.24 47.50 -11.26
CA TRP W 258 -16.84 47.85 -11.09
C TRP W 258 -16.40 48.79 -12.21
N GLN W 259 -15.65 49.81 -11.84
CA GLN W 259 -15.15 50.80 -12.79
C GLN W 259 -13.68 50.53 -13.03
N LEU W 260 -13.33 50.28 -14.28
CA LEU W 260 -11.95 49.99 -14.60
C LEU W 260 -11.14 51.28 -14.61
N SER W 261 -9.83 51.13 -14.46
CA SER W 261 -8.93 52.27 -14.49
C SER W 261 -7.53 51.77 -14.76
N ILE W 262 -6.74 52.58 -15.46
CA ILE W 262 -5.40 52.21 -15.81
C ILE W 262 -4.55 52.04 -14.57
#